data_2ICF
#
_entry.id   2ICF
#
_cell.length_a   97.614
_cell.length_b   255.749
_cell.length_c   180.302
_cell.angle_alpha   90.00
_cell.angle_beta   90.00
_cell.angle_gamma   90.00
#
_symmetry.space_group_name_H-M   'C 2 2 21'
#
loop_
_entity.id
_entity.type
_entity.pdbx_description
1 polymer 'Complement C3 beta chain'
2 polymer 'Complement C3 alpha chain'
3 polymer 'V-set and immunoglobulin domain-containing protein 4'
4 branched beta-D-mannopyranose-(1-4)-beta-D-mannopyranose-(1-4)-2-acetamido-2-deoxy-beta-D-glucopyranose-(1-4)-2-acetamido-2-deoxy-beta-D-glucopyranose
5 non-polymer 'CALCIUM ION'
6 non-polymer 2-acetamido-2-deoxy-beta-D-glucopyranose
#
loop_
_entity_poly.entity_id
_entity_poly.type
_entity_poly.pdbx_seq_one_letter_code
_entity_poly.pdbx_strand_id
1 'polypeptide(L)'
;SPMYSIITPNILRLESEETMVLEAHDAQGDVPVTVTVHDFPGKKLVLSSEKTVLTPATNHMGNVTFTIPANREFKSEKGR
NKFVTVQATFGTQVVEKVVLVSLQSGYLFIQTDKTIYTPGSTVLYRIFTVNHKLLPVGRTVMVNIENPEGIPVKQDSLSS
QNQLGVLPLSWDIPELVNMGQWKIRAYYENSPQQVFSTEFEVKEYVLPSFEVIVEPTEKFYYIYNEKGLEVTITARFLYG
KKVEGTAFVIFGIQDGEQRISLPESLKRIPIEDGSGEVVLSRKVLLDGVQNLRAEDLVGKSLYVSATVILHSGSDMVQAE
RSGIPIVTSPYQIHFTKTPKYFKPGMPFDLMVFVTNPDGSPAYRVPVAVQGEDTVQSLTQGDGVAKLSINTHPSQKPLSI
TVRTKKQELSEAEQATRTMQALPYSTVGNSNNYLHLSVLRTELRPGETLNVNFLLRMDRAHEAKIRYYTYLIMNKGRLLK
AGRQVREPGQDLVVLPLSITTDFIPSFRLVAYYTLIGASGQREVVADSVWVDVKDSCVGSLVVKSGQSEDRQPVPGQQMT
LKIEGDHGARVVLVAVDKGVFVLNKKNKLTQSKIWDVVEKADIGCTPGSGKDYAGVFSDAGLTFTSSSGQQTAQRAELQC
PQ
;
A
2 'polypeptide(L)'
;SNLDEDIIAEENIVSRSEFPESWLWNVEDLKEPPKNGISTKLMNIFLKDSITTWEILAVSMSDKKGICVADPFEVTVMQD
FFIDLRLPYSVVRNEQVEIRAVLYNYRQNQELKVRVELLHNPAFCSLATTKRRHQQTVTIPPKSSLSVPYVIVPLKTGLQ
EVEVKAAVYHHFISDGVRKSLKVVPEGIRMNKTVAVRTLDPERLGREGVQKEDIPPADLSDQVPDTESETRILLQGTPVA
QMTEDAVDAERLKHLIVTPSGCGEQNMIGMTPTVIAVHYLDETEQWEKFGLEKRQGALELIKKGYTQQLAFRQPSSAFAA
FVKRAPSTWLTAYVVKVFSLAVNLIAIDSQVLCGAVKWLILEKQKPDGVFQEDAPVIHQEMIGGLRNNNEKDMALTAFVL
ISLQEAKDICEEQVNSLPGSITKAGDFLEANYMNLQRSYTVAIAGYALAQMGRLKGPLLNKFLTTAKDKNRWEDPGKQLY
NVEATSYALLALLQLKDFDFVPPVVRWLNEQRYYGGGYGSTQATFMVFQALAQYQKDAPDHQELNLDVSLQLPSRSSKIT
HRIHWESASLLRSEETKENEGFTVTAEGKGQGTLSVVTMYHAKAKDQLTCNKFDLKVTIKPAPETEKRPQDAKNTMILEI
CTRYRGDQDATMSILDISMMTGFAPDTDDLKQLANGVDRYISKYELDKAFSDRNTLIIYLDKVSHSEDDCLAFKVHQYFN
VELIQPGAVKVYAYYNLEESCTRFYHPEKEDGKLNKLCRDELCRCAEENCFIQKSDDKVTLEERLDKACEPGVDYVYKTR
LVKVQLSNDFDEYIMAIEQTIKSGSDEVQVGQQRTFISPIKCREALKLEEKKHYLMWGLSSDFWGEKPNLSYIIGKDTWV
EHWPEEDECQDEENQKQCQDLGAFTESMVVFGCPN
;
B
3 'polypeptide(L)'
;GRPILEVPESVTGPWKGDVNLPCTYDPLQGYTQVLVKWLVQRGSDPVTIFLRDSSGDHIQQAKYQGRLHVSHKVPGDVSL
QLSTLEMDDRSHYTCEVTWQTPDGNQVVRDKITELRVQK
;
S
#
# COMPACT_ATOMS: atom_id res chain seq x y z
N SER A 1 -30.61 -25.61 40.82
CA SER A 1 -30.73 -26.58 39.69
C SER A 1 -29.34 -26.81 39.09
N PRO A 2 -29.11 -27.98 38.46
CA PRO A 2 -27.87 -28.09 37.72
C PRO A 2 -27.86 -27.09 36.57
N MET A 3 -27.02 -26.07 36.68
CA MET A 3 -26.90 -25.02 35.67
C MET A 3 -26.18 -25.56 34.44
N TYR A 4 -26.74 -25.31 33.26
CA TYR A 4 -26.08 -25.63 32.01
C TYR A 4 -25.56 -24.33 31.37
N SER A 5 -24.24 -24.26 31.14
CA SER A 5 -23.59 -23.05 30.58
C SER A 5 -23.16 -23.25 29.11
N ILE A 6 -22.72 -22.15 28.49
CA ILE A 6 -22.51 -22.10 27.02
C ILE A 6 -21.70 -20.84 26.61
N ILE A 7 -20.38 -20.92 26.71
CA ILE A 7 -19.54 -19.79 26.33
C ILE A 7 -19.08 -19.97 24.90
N THR A 8 -19.08 -18.89 24.12
CA THR A 8 -18.48 -18.87 22.79
C THR A 8 -18.01 -17.48 22.49
N PRO A 9 -17.24 -17.32 21.40
CA PRO A 9 -16.71 -15.99 21.09
C PRO A 9 -17.80 -14.95 20.79
N ASN A 10 -17.49 -13.68 21.06
CA ASN A 10 -18.41 -12.57 20.82
C ASN A 10 -18.74 -12.36 19.37
N ILE A 11 -17.79 -12.70 18.52
CA ILE A 11 -17.99 -12.61 17.10
C ILE A 11 -17.42 -13.85 16.45
N LEU A 12 -18.16 -14.39 15.50
CA LEU A 12 -17.80 -15.64 14.88
C LEU A 12 -17.54 -15.32 13.43
N ARG A 13 -16.44 -15.84 12.92
CA ARG A 13 -15.99 -15.49 11.59
C ARG A 13 -16.60 -16.40 10.55
N LEU A 14 -16.23 -16.15 9.29
CA LEU A 14 -16.64 -17.01 8.19
C LEU A 14 -15.47 -17.83 7.73
N GLU A 15 -15.78 -19.05 7.30
CA GLU A 15 -14.77 -20.07 6.99
C GLU A 15 -13.78 -20.10 8.15
N SER A 16 -14.26 -20.60 9.30
CA SER A 16 -13.54 -20.54 10.56
C SER A 16 -14.09 -21.52 11.60
N GLU A 17 -13.19 -22.32 12.20
CA GLU A 17 -13.55 -23.08 13.39
C GLU A 17 -13.67 -22.08 14.53
N GLU A 18 -14.85 -22.04 15.11
CA GLU A 18 -15.06 -21.31 16.36
C GLU A 18 -15.64 -22.31 17.36
N THR A 19 -14.86 -22.61 18.38
CA THR A 19 -15.19 -23.57 19.42
C THR A 19 -16.23 -22.97 20.35
N MET A 20 -16.89 -23.80 21.13
CA MET A 20 -17.94 -23.35 22.02
C MET A 20 -18.10 -24.32 23.18
N VAL A 21 -17.93 -23.82 24.39
CA VAL A 21 -17.74 -24.68 25.55
C VAL A 21 -19.05 -25.00 26.20
N LEU A 22 -19.27 -26.30 26.42
CA LEU A 22 -20.49 -26.78 27.06
C LEU A 22 -20.18 -27.27 28.49
N GLU A 23 -20.90 -26.75 29.48
CA GLU A 23 -20.71 -27.15 30.88
C GLU A 23 -22.04 -27.43 31.57
N ALA A 24 -22.10 -28.50 32.35
CA ALA A 24 -23.32 -28.93 33.04
C ALA A 24 -23.09 -28.99 34.55
N HIS A 25 -23.12 -27.83 35.17
CA HIS A 25 -22.61 -27.70 36.53
C HIS A 25 -23.47 -28.50 37.51
N ASP A 26 -22.83 -29.07 38.54
CA ASP A 26 -23.50 -29.80 39.64
C ASP A 26 -24.43 -30.93 39.18
N ALA A 27 -24.03 -31.63 38.13
CA ALA A 27 -24.95 -32.51 37.39
C ALA A 27 -24.84 -33.99 37.73
N GLN A 28 -25.81 -34.76 37.20
CA GLN A 28 -25.93 -36.19 37.43
C GLN A 28 -26.13 -36.94 36.09
N GLY A 29 -25.10 -37.68 35.66
CA GLY A 29 -25.21 -38.65 34.55
C GLY A 29 -24.69 -38.17 33.20
N ASP A 30 -24.62 -39.09 32.24
CA ASP A 30 -24.32 -38.76 30.84
C ASP A 30 -25.46 -37.91 30.27
N VAL A 31 -25.12 -36.71 29.82
CA VAL A 31 -26.10 -35.79 29.27
C VAL A 31 -25.73 -35.43 27.83
N PRO A 32 -26.46 -36.02 26.85
CA PRO A 32 -26.20 -35.71 25.44
C PRO A 32 -26.43 -34.25 25.09
N VAL A 33 -25.83 -33.80 23.98
CA VAL A 33 -26.00 -32.43 23.50
C VAL A 33 -25.93 -32.32 21.99
N THR A 34 -27.04 -31.87 21.41
CA THR A 34 -27.10 -31.41 20.02
C THR A 34 -26.66 -29.94 20.05
N VAL A 35 -25.95 -29.49 19.01
CA VAL A 35 -25.65 -28.05 18.86
C VAL A 35 -26.10 -27.55 17.50
N THR A 36 -26.69 -26.36 17.49
CA THR A 36 -27.39 -25.84 16.32
C THR A 36 -27.09 -24.37 16.13
N VAL A 37 -26.98 -23.97 14.87
CA VAL A 37 -26.69 -22.57 14.50
C VAL A 37 -27.46 -22.12 13.25
N HIS A 38 -28.69 -21.66 13.45
CA HIS A 38 -29.46 -21.03 12.37
C HIS A 38 -28.89 -19.67 12.05
N ASP A 39 -29.05 -19.24 10.79
CA ASP A 39 -28.87 -17.84 10.43
C ASP A 39 -29.92 -17.05 11.20
N PHE A 40 -29.79 -15.73 11.28
CA PHE A 40 -30.82 -14.98 11.99
C PHE A 40 -32.01 -14.70 11.07
N PRO A 41 -32.83 -13.69 11.37
CA PRO A 41 -34.24 -14.05 11.31
C PRO A 41 -34.69 -14.55 9.92
N GLY A 42 -35.36 -15.71 9.90
CA GLY A 42 -35.64 -16.44 8.66
C GLY A 42 -34.82 -17.72 8.69
N LYS A 43 -35.11 -18.54 9.70
CA LYS A 43 -34.16 -19.56 10.18
C LYS A 43 -33.93 -20.76 9.24
N LYS A 44 -32.84 -20.66 8.47
CA LYS A 44 -32.23 -21.79 7.74
C LYS A 44 -30.94 -22.19 8.46
N LEU A 45 -30.80 -23.48 8.80
CA LEU A 45 -29.72 -23.94 9.71
C LEU A 45 -28.38 -24.24 9.01
N VAL A 46 -27.47 -23.26 9.10
CA VAL A 46 -26.14 -23.33 8.47
C VAL A 46 -25.16 -24.26 9.19
N LEU A 47 -25.52 -24.77 10.36
CA LEU A 47 -24.71 -25.79 11.01
C LEU A 47 -25.41 -26.49 12.18
N SER A 48 -26.26 -27.45 11.83
CA SER A 48 -26.81 -28.40 12.80
C SER A 48 -25.67 -29.22 13.37
N SER A 49 -24.56 -29.27 12.63
CA SER A 49 -23.49 -30.20 12.92
C SER A 49 -22.98 -30.14 14.35
N GLU A 50 -22.24 -31.17 14.70
CA GLU A 50 -21.55 -31.30 15.98
C GLU A 50 -22.51 -31.68 17.10
N LYS A 51 -22.15 -32.78 17.76
CA LYS A 51 -22.83 -33.29 18.94
C LYS A 51 -21.79 -33.98 19.83
N THR A 52 -22.13 -34.17 21.10
CA THR A 52 -21.22 -34.82 22.04
C THR A 52 -21.93 -35.28 23.33
N VAL A 53 -21.14 -35.82 24.27
CA VAL A 53 -21.67 -36.42 25.51
C VAL A 53 -20.84 -35.97 26.72
N LEU A 54 -21.42 -35.12 27.57
CA LEU A 54 -20.70 -34.54 28.73
C LEU A 54 -20.67 -35.48 29.95
N THR A 55 -19.72 -36.41 29.96
CA THR A 55 -19.61 -37.42 31.01
C THR A 55 -19.10 -36.82 32.35
N PRO A 56 -19.26 -37.57 33.46
CA PRO A 56 -18.65 -37.18 34.74
C PRO A 56 -17.15 -37.47 34.91
N ALA A 57 -16.46 -37.94 33.86
CA ALA A 57 -15.00 -38.15 33.92
C ALA A 57 -14.23 -36.98 33.29
N THR A 58 -14.83 -35.79 33.36
CA THR A 58 -14.12 -34.51 33.22
C THR A 58 -14.71 -33.44 34.17
N ASN A 59 -15.63 -33.86 35.03
CA ASN A 59 -16.61 -32.99 35.68
C ASN A 59 -17.46 -32.20 34.67
N HIS A 60 -18.20 -32.97 33.87
CA HIS A 60 -19.26 -32.45 33.01
C HIS A 60 -18.86 -31.25 32.13
N MET A 61 -17.63 -31.29 31.60
CA MET A 61 -17.14 -30.27 30.68
C MET A 61 -16.78 -30.89 29.33
N GLY A 62 -17.23 -30.22 28.28
CA GLY A 62 -16.87 -30.59 26.92
C GLY A 62 -17.08 -29.40 25.99
N ASN A 63 -16.99 -29.65 24.69
CA ASN A 63 -17.24 -28.60 23.71
C ASN A 63 -17.52 -29.16 22.34
N VAL A 64 -17.73 -28.25 21.40
CA VAL A 64 -18.04 -28.57 20.02
C VAL A 64 -17.49 -27.47 19.14
N THR A 65 -17.03 -27.81 17.94
CA THR A 65 -16.38 -26.84 17.05
C THR A 65 -16.98 -26.86 15.66
N PHE A 66 -17.36 -25.68 15.17
CA PHE A 66 -18.04 -25.56 13.90
C PHE A 66 -17.48 -24.46 13.01
N THR A 67 -17.82 -24.53 11.74
CA THR A 67 -17.49 -23.52 10.75
C THR A 67 -18.74 -22.89 10.23
N ILE A 68 -18.81 -21.57 10.31
CA ILE A 68 -19.91 -20.85 9.71
C ILE A 68 -19.56 -20.73 8.24
N PRO A 69 -20.39 -21.32 7.35
CA PRO A 69 -20.10 -21.35 5.92
C PRO A 69 -20.62 -20.11 5.21
N ALA A 70 -19.73 -19.38 4.56
CA ALA A 70 -20.09 -18.12 3.90
C ALA A 70 -21.05 -18.37 2.72
N ASN A 71 -22.28 -18.76 3.04
CA ASN A 71 -23.27 -19.24 2.03
C ASN A 71 -23.78 -18.16 1.06
N ARG A 72 -24.58 -18.57 0.08
CA ARG A 72 -25.23 -17.65 -0.86
C ARG A 72 -26.17 -16.66 -0.15
N GLU A 73 -26.88 -17.12 0.89
CA GLU A 73 -27.83 -16.27 1.62
C GLU A 73 -27.18 -15.50 2.77
N PHE A 74 -25.88 -15.73 2.97
CA PHE A 74 -25.01 -14.80 3.73
C PHE A 74 -24.33 -13.80 2.78
N LYS A 75 -24.78 -13.78 1.52
CA LYS A 75 -24.33 -12.82 0.50
C LYS A 75 -25.55 -12.10 -0.14
N SER A 76 -26.57 -11.81 0.68
CA SER A 76 -27.84 -11.22 0.21
C SER A 76 -28.14 -9.83 0.81
N GLU A 77 -27.79 -9.62 2.08
CA GLU A 77 -28.13 -8.39 2.81
C GLU A 77 -26.86 -7.59 3.15
N LYS A 78 -26.31 -6.87 2.17
CA LYS A 78 -24.95 -6.30 2.26
C LYS A 78 -24.80 -4.87 2.83
N GLY A 79 -24.32 -4.79 4.07
CA GLY A 79 -23.82 -3.55 4.68
C GLY A 79 -24.44 -3.10 6.00
N ARG A 80 -24.77 -4.05 6.89
CA ARG A 80 -25.56 -3.75 8.10
C ARG A 80 -25.29 -4.59 9.38
N ASN A 81 -24.32 -5.51 9.34
CA ASN A 81 -24.02 -6.46 10.45
C ASN A 81 -24.98 -7.66 10.51
N LYS A 82 -24.46 -8.83 10.14
CA LYS A 82 -25.28 -10.04 10.06
C LYS A 82 -25.41 -10.70 11.43
N PHE A 83 -26.04 -11.88 11.50
CA PHE A 83 -26.36 -12.48 12.79
C PHE A 83 -26.72 -13.95 12.74
N VAL A 84 -26.44 -14.62 13.84
CA VAL A 84 -26.80 -16.04 14.03
C VAL A 84 -27.45 -16.29 15.38
N THR A 85 -28.14 -17.41 15.47
CA THR A 85 -28.60 -17.94 16.73
C THR A 85 -27.75 -19.17 17.02
N VAL A 86 -27.66 -19.55 18.28
CA VAL A 86 -26.95 -20.75 18.69
C VAL A 86 -27.85 -21.55 19.64
N GLN A 87 -28.50 -22.59 19.12
CA GLN A 87 -29.45 -23.38 19.90
C GLN A 87 -28.69 -24.54 20.58
N ALA A 88 -28.35 -24.33 21.86
CA ALA A 88 -27.62 -25.31 22.65
C ALA A 88 -28.61 -26.23 23.35
N THR A 89 -28.91 -27.34 22.69
CA THR A 89 -29.86 -28.33 23.22
C THR A 89 -29.12 -29.28 24.20
N PHE A 90 -29.57 -29.30 25.47
CA PHE A 90 -28.98 -30.16 26.51
C PHE A 90 -29.90 -31.33 26.86
N GLY A 91 -30.54 -31.90 25.84
CA GLY A 91 -31.46 -33.05 26.00
C GLY A 91 -32.92 -32.62 25.90
N THR A 92 -33.54 -32.38 27.06
CA THR A 92 -34.87 -31.77 27.15
C THR A 92 -34.74 -30.23 27.23
N GLN A 93 -33.58 -29.77 27.72
CA GLN A 93 -33.27 -28.35 27.95
C GLN A 93 -32.60 -27.70 26.74
N VAL A 94 -32.97 -26.46 26.46
CA VAL A 94 -32.42 -25.71 25.34
C VAL A 94 -31.98 -24.35 25.83
N VAL A 95 -30.81 -23.91 25.39
CA VAL A 95 -30.25 -22.64 25.83
C VAL A 95 -29.61 -21.89 24.68
N GLU A 96 -30.43 -21.08 24.01
CA GLU A 96 -29.99 -20.36 22.81
C GLU A 96 -29.61 -18.90 23.13
N LYS A 97 -29.04 -18.24 22.13
CA LYS A 97 -28.41 -16.93 22.29
C LYS A 97 -28.17 -16.35 20.89
N VAL A 98 -28.07 -15.03 20.79
CA VAL A 98 -27.85 -14.40 19.50
C VAL A 98 -26.42 -13.85 19.43
N VAL A 99 -25.74 -14.16 18.33
CA VAL A 99 -24.35 -13.81 18.19
C VAL A 99 -24.11 -13.04 16.91
N LEU A 100 -23.29 -11.99 17.02
CA LEU A 100 -22.92 -11.17 15.87
C LEU A 100 -21.94 -11.92 14.97
N VAL A 101 -21.83 -11.51 13.72
CA VAL A 101 -21.03 -12.24 12.75
C VAL A 101 -20.29 -11.33 11.82
N SER A 102 -18.97 -11.33 11.96
CA SER A 102 -18.10 -10.59 11.03
C SER A 102 -17.79 -11.52 9.88
N LEU A 103 -17.61 -10.95 8.70
CA LEU A 103 -17.32 -11.76 7.52
C LEU A 103 -15.85 -12.22 7.57
N GLN A 104 -14.92 -11.33 7.23
CA GLN A 104 -13.51 -11.43 7.61
C GLN A 104 -12.92 -12.85 7.50
N SER A 105 -12.79 -13.37 6.28
CA SER A 105 -12.28 -14.74 6.08
C SER A 105 -10.98 -14.94 6.89
N GLY A 106 -9.99 -14.11 6.56
CA GLY A 106 -8.71 -14.11 7.29
C GLY A 106 -7.90 -12.86 7.01
N TYR A 107 -6.59 -12.97 7.10
CA TYR A 107 -5.77 -11.83 6.80
C TYR A 107 -5.16 -11.96 5.39
N LEU A 108 -4.75 -10.81 4.83
CA LEU A 108 -3.95 -10.74 3.60
C LEU A 108 -2.72 -9.82 3.73
N PHE A 109 -1.65 -10.21 3.03
CA PHE A 109 -0.40 -9.46 3.07
C PHE A 109 0.18 -9.41 1.69
N ILE A 110 0.84 -8.29 1.40
CA ILE A 110 1.26 -8.01 0.07
C ILE A 110 2.71 -7.56 -0.01
N GLN A 111 3.55 -8.41 -0.57
CA GLN A 111 4.93 -8.04 -0.79
C GLN A 111 5.09 -7.33 -2.13
N THR A 112 5.72 -6.16 -2.10
CA THR A 112 6.23 -5.52 -3.31
C THR A 112 7.59 -6.13 -3.54
N ASP A 113 8.18 -6.06 -4.72
CA ASP A 113 9.60 -6.47 -4.79
C ASP A 113 10.54 -5.33 -4.33
N LYS A 114 10.03 -4.11 -4.34
CA LYS A 114 10.79 -2.96 -3.88
C LYS A 114 9.85 -1.97 -3.20
N THR A 115 10.26 -0.73 -3.07
CA THR A 115 9.39 0.28 -2.52
C THR A 115 9.15 1.45 -3.46
N ILE A 116 9.89 1.49 -4.56
CA ILE A 116 9.77 2.57 -5.56
C ILE A 116 10.18 2.08 -6.92
N TYR A 117 9.38 2.38 -7.94
CA TYR A 117 9.62 1.83 -9.26
C TYR A 117 9.64 2.90 -10.32
N THR A 118 10.58 2.75 -11.25
CA THR A 118 10.76 3.66 -12.34
C THR A 118 9.84 3.26 -13.47
N PRO A 119 9.29 4.23 -14.21
CA PRO A 119 8.42 3.91 -15.35
C PRO A 119 9.08 2.92 -16.31
N GLY A 120 8.32 1.92 -16.74
CA GLY A 120 8.81 0.91 -17.69
C GLY A 120 9.30 -0.35 -17.01
N SER A 121 9.36 -0.32 -15.69
CA SER A 121 9.76 -1.48 -14.91
C SER A 121 8.53 -2.28 -14.54
N THR A 122 8.71 -3.58 -14.35
CA THR A 122 7.65 -4.47 -13.90
C THR A 122 7.68 -4.56 -12.38
N VAL A 123 6.55 -4.30 -11.75
CA VAL A 123 6.42 -4.51 -10.32
C VAL A 123 6.07 -5.98 -10.09
N LEU A 124 6.89 -6.61 -9.27
CA LEU A 124 6.71 -8.00 -8.89
C LEU A 124 6.10 -7.95 -7.51
N TYR A 125 4.95 -8.58 -7.36
CA TYR A 125 4.29 -8.56 -6.07
C TYR A 125 3.74 -9.93 -5.72
N ARG A 126 3.68 -10.22 -4.43
CA ARG A 126 3.27 -11.53 -3.92
C ARG A 126 2.22 -11.33 -2.88
N ILE A 127 1.10 -12.02 -3.03
CA ILE A 127 0.01 -11.94 -2.06
C ILE A 127 -0.15 -13.23 -1.23
N PHE A 128 -0.02 -13.07 0.09
CA PHE A 128 -0.09 -14.20 0.98
C PHE A 128 -1.46 -14.28 1.58
N THR A 129 -2.06 -15.47 1.52
CA THR A 129 -3.45 -15.68 1.91
C THR A 129 -3.58 -16.56 3.11
N VAL A 130 -4.15 -16.05 4.17
CA VAL A 130 -4.16 -16.78 5.41
C VAL A 130 -5.41 -16.54 6.21
N ASN A 131 -5.96 -17.62 6.73
CA ASN A 131 -7.05 -17.51 7.67
C ASN A 131 -6.50 -17.07 9.02
N HIS A 132 -7.32 -16.34 9.76
CA HIS A 132 -6.95 -15.62 10.97
C HIS A 132 -6.11 -16.38 11.98
N LYS A 133 -5.97 -17.69 11.81
CA LYS A 133 -4.96 -18.44 12.56
C LYS A 133 -3.58 -18.26 11.94
N LEU A 134 -3.52 -17.41 10.90
CA LEU A 134 -2.31 -17.11 10.12
C LEU A 134 -1.77 -18.31 9.37
N LEU A 135 -2.60 -19.33 9.24
CA LEU A 135 -2.23 -20.49 8.45
C LEU A 135 -2.46 -20.11 7.01
N PRO A 136 -1.93 -20.90 6.09
CA PRO A 136 -2.25 -20.67 4.73
C PRO A 136 -3.54 -21.38 4.42
N VAL A 137 -4.27 -20.85 3.45
CA VAL A 137 -5.57 -21.37 3.08
C VAL A 137 -5.89 -20.93 1.66
N GLY A 138 -6.79 -21.67 1.02
CA GLY A 138 -7.20 -21.41 -0.36
C GLY A 138 -8.53 -20.69 -0.42
N ARG A 139 -8.55 -19.61 -1.19
CA ARG A 139 -9.75 -18.78 -1.35
C ARG A 139 -9.71 -18.09 -2.70
N THR A 140 -10.48 -17.01 -2.84
CA THR A 140 -10.54 -16.24 -4.05
C THR A 140 -10.39 -14.77 -3.68
N VAL A 141 -9.51 -14.07 -4.39
CA VAL A 141 -9.06 -12.73 -3.97
C VAL A 141 -9.11 -11.69 -5.07
N MET A 142 -9.93 -10.66 -4.88
CA MET A 142 -9.99 -9.55 -5.85
C MET A 142 -8.80 -8.63 -5.62
N VAL A 143 -8.02 -8.40 -6.67
CA VAL A 143 -6.80 -7.62 -6.50
C VAL A 143 -6.82 -6.40 -7.42
N ASN A 144 -6.88 -5.23 -6.81
CA ASN A 144 -6.90 -3.97 -7.53
C ASN A 144 -5.51 -3.32 -7.56
N ILE A 145 -5.24 -2.53 -8.59
CA ILE A 145 -4.05 -1.67 -8.64
C ILE A 145 -4.49 -0.24 -8.90
N GLU A 146 -4.43 0.59 -7.87
CA GLU A 146 -5.02 1.92 -7.89
C GLU A 146 -3.95 2.99 -8.10
N ASN A 147 -4.23 3.99 -8.95
CA ASN A 147 -3.25 5.07 -9.25
C ASN A 147 -3.29 6.25 -8.24
N PRO A 148 -2.25 7.10 -8.24
CA PRO A 148 -2.17 8.28 -7.42
C PRO A 148 -3.48 8.88 -6.94
N GLU A 149 -4.37 9.25 -7.86
CA GLU A 149 -5.59 9.99 -7.49
C GLU A 149 -6.69 9.12 -6.82
N GLY A 150 -6.49 7.80 -6.78
CA GLY A 150 -7.44 6.85 -6.21
C GLY A 150 -8.26 6.08 -7.26
N ILE A 151 -7.72 5.99 -8.47
CA ILE A 151 -8.45 5.40 -9.59
C ILE A 151 -7.73 4.13 -10.06
N PRO A 152 -8.43 2.99 -10.11
CA PRO A 152 -7.93 1.66 -10.48
C PRO A 152 -7.77 1.38 -11.96
N VAL A 153 -6.54 1.05 -12.36
CA VAL A 153 -6.19 0.83 -13.77
C VAL A 153 -5.99 -0.64 -14.10
N LYS A 154 -6.08 -1.51 -13.10
CA LYS A 154 -6.07 -2.95 -13.33
C LYS A 154 -6.75 -3.71 -12.17
N GLN A 155 -7.53 -4.72 -12.56
CA GLN A 155 -8.24 -5.61 -11.65
C GLN A 155 -7.83 -7.06 -11.87
N ASP A 156 -8.06 -7.87 -10.85
CA ASP A 156 -8.15 -9.31 -11.03
C ASP A 156 -8.87 -9.98 -9.87
N SER A 157 -9.26 -11.23 -10.10
CA SER A 157 -9.84 -12.07 -9.08
C SER A 157 -9.29 -13.50 -9.24
N LEU A 158 -8.24 -13.81 -8.48
CA LEU A 158 -7.53 -15.08 -8.58
C LEU A 158 -7.85 -16.00 -7.41
N SER A 159 -7.60 -17.28 -7.64
CA SER A 159 -7.80 -18.32 -6.65
C SER A 159 -6.43 -18.77 -6.16
N SER A 160 -6.21 -18.71 -4.85
CA SER A 160 -4.95 -19.16 -4.24
C SER A 160 -5.02 -20.64 -3.92
N GLN A 161 -6.05 -21.30 -4.43
CA GLN A 161 -6.23 -22.73 -4.25
C GLN A 161 -5.01 -23.43 -4.84
N ASN A 162 -4.40 -24.34 -4.08
CA ASN A 162 -3.19 -25.08 -4.49
C ASN A 162 -2.02 -24.16 -4.89
N GLN A 163 -1.50 -23.44 -3.90
CA GLN A 163 -0.39 -22.52 -4.14
C GLN A 163 0.39 -22.20 -2.86
N LEU A 164 0.16 -22.99 -1.81
CA LEU A 164 0.63 -22.66 -0.46
C LEU A 164 0.31 -21.22 -0.09
N GLY A 165 -0.94 -20.79 -0.33
CA GLY A 165 -1.41 -19.44 0.04
C GLY A 165 -0.41 -18.32 -0.24
N VAL A 166 0.27 -18.45 -1.37
CA VAL A 166 1.34 -17.57 -1.84
C VAL A 166 1.03 -17.30 -3.29
N LEU A 167 0.36 -16.18 -3.56
CA LEU A 167 -0.14 -15.88 -4.91
C LEU A 167 0.72 -14.89 -5.64
N PRO A 168 1.75 -15.35 -6.38
CA PRO A 168 2.57 -14.39 -7.11
C PRO A 168 1.83 -13.74 -8.30
N LEU A 169 2.11 -12.44 -8.52
CA LEU A 169 1.55 -11.63 -9.63
C LEU A 169 2.58 -10.62 -10.10
N SER A 170 2.37 -10.11 -11.30
CA SER A 170 3.24 -9.07 -11.84
C SER A 170 2.41 -7.98 -12.48
N TRP A 171 2.93 -6.75 -12.45
CA TRP A 171 2.29 -5.68 -13.19
C TRP A 171 3.30 -4.72 -13.88
N ASP A 172 3.47 -4.92 -15.19
CA ASP A 172 4.27 -4.06 -16.03
C ASP A 172 3.70 -2.65 -15.92
N ILE A 173 4.46 -1.74 -15.30
CA ILE A 173 4.07 -0.33 -15.19
C ILE A 173 4.35 0.34 -16.53
N PRO A 174 3.37 1.04 -17.10
CA PRO A 174 3.58 1.65 -18.43
C PRO A 174 4.71 2.69 -18.49
N GLU A 175 5.27 2.90 -19.68
CA GLU A 175 6.39 3.84 -19.89
C GLU A 175 5.98 5.30 -19.70
N LEU A 176 4.68 5.59 -19.76
CA LEU A 176 4.13 6.90 -19.43
C LEU A 176 3.02 6.76 -18.40
N VAL A 177 2.96 7.69 -17.44
CA VAL A 177 2.02 7.55 -16.33
C VAL A 177 1.99 8.76 -15.40
N ASN A 178 0.94 8.85 -14.59
CA ASN A 178 0.92 9.71 -13.40
C ASN A 178 1.94 9.23 -12.38
N MET A 179 2.86 10.09 -11.97
CA MET A 179 3.73 9.76 -10.86
C MET A 179 2.96 9.93 -9.56
N GLY A 180 3.58 9.52 -8.46
CA GLY A 180 3.01 9.66 -7.10
C GLY A 180 3.01 8.33 -6.37
N GLN A 181 2.21 8.25 -5.30
CA GLN A 181 2.07 7.00 -4.55
C GLN A 181 0.98 6.11 -5.13
N TRP A 182 1.40 4.94 -5.62
CA TRP A 182 0.49 3.92 -6.13
C TRP A 182 0.10 2.95 -5.02
N LYS A 183 -0.95 2.17 -5.27
CA LYS A 183 -1.48 1.24 -4.28
C LYS A 183 -1.76 -0.11 -4.91
N ILE A 184 -1.77 -1.15 -4.10
CA ILE A 184 -2.22 -2.45 -4.55
C ILE A 184 -3.17 -2.90 -3.49
N ARG A 185 -4.43 -2.94 -3.85
CA ARG A 185 -5.45 -3.29 -2.91
C ARG A 185 -5.95 -4.67 -3.25
N ALA A 186 -6.27 -5.41 -2.21
CA ALA A 186 -6.80 -6.74 -2.39
C ALA A 186 -7.82 -7.02 -1.30
N TYR A 187 -8.76 -7.92 -1.59
CA TYR A 187 -9.69 -8.40 -0.59
C TYR A 187 -10.22 -9.77 -0.99
N TYR A 188 -10.44 -10.62 0.01
CA TYR A 188 -11.09 -11.90 -0.24
C TYR A 188 -12.48 -11.64 -0.83
N GLU A 189 -12.88 -12.40 -1.85
CA GLU A 189 -14.19 -12.16 -2.50
C GLU A 189 -15.30 -12.07 -1.48
N ASN A 190 -15.08 -12.64 -0.30
CA ASN A 190 -16.11 -12.70 0.72
C ASN A 190 -16.01 -11.59 1.79
N SER A 191 -15.05 -10.68 1.64
CA SER A 191 -14.87 -9.58 2.60
C SER A 191 -14.36 -8.33 1.88
N PRO A 192 -15.19 -7.74 0.99
CA PRO A 192 -14.78 -6.64 0.10
C PRO A 192 -14.81 -5.22 0.71
N GLN A 193 -14.96 -5.18 2.03
CA GLN A 193 -14.87 -3.97 2.86
C GLN A 193 -13.67 -4.06 3.81
N GLN A 194 -13.15 -5.28 4.01
CA GLN A 194 -11.86 -5.53 4.65
C GLN A 194 -10.83 -5.62 3.54
N VAL A 195 -10.19 -4.49 3.30
CA VAL A 195 -9.33 -4.30 2.16
C VAL A 195 -7.92 -4.08 2.65
N PHE A 196 -7.02 -5.00 2.31
CA PHE A 196 -5.63 -4.85 2.68
C PHE A 196 -4.94 -4.20 1.51
N SER A 197 -3.94 -3.40 1.79
CA SER A 197 -3.36 -2.53 0.77
C SER A 197 -1.85 -2.76 0.66
N THR A 198 -1.11 -1.65 0.52
CA THR A 198 0.35 -1.63 0.40
C THR A 198 0.64 -0.63 -0.67
N GLU A 199 1.54 0.31 -0.39
CA GLU A 199 1.81 1.37 -1.36
C GLU A 199 3.21 1.19 -1.93
N PHE A 200 3.51 1.96 -2.96
CA PHE A 200 4.81 1.90 -3.60
C PHE A 200 4.97 3.07 -4.56
N GLU A 201 6.06 3.79 -4.38
CA GLU A 201 6.28 5.04 -5.07
C GLU A 201 6.61 4.79 -6.55
N VAL A 202 5.90 5.50 -7.44
CA VAL A 202 6.31 5.62 -8.82
C VAL A 202 6.90 7.00 -8.99
N LYS A 203 8.09 7.05 -9.58
CA LYS A 203 8.91 8.26 -9.59
C LYS A 203 10.10 8.03 -10.53
N GLU A 204 10.53 9.07 -11.23
CA GLU A 204 11.74 8.97 -12.04
C GLU A 204 12.92 9.00 -11.06
N TYR A 205 13.96 8.22 -11.36
CA TYR A 205 15.20 8.21 -10.56
C TYR A 205 16.30 7.32 -11.17
N VAL A 206 17.56 7.65 -10.88
CA VAL A 206 18.64 6.66 -10.87
C VAL A 206 18.98 6.48 -9.41
N LEU A 207 19.77 5.47 -9.09
CA LEU A 207 20.03 5.16 -7.69
C LEU A 207 21.32 5.82 -7.24
N PRO A 208 21.35 6.27 -5.97
CA PRO A 208 22.59 6.83 -5.42
C PRO A 208 23.74 5.84 -5.32
N SER A 209 24.88 6.31 -4.82
CA SER A 209 26.02 5.44 -4.57
C SER A 209 26.45 5.42 -3.09
N PHE A 210 25.67 6.08 -2.24
CA PHE A 210 25.91 6.08 -0.80
C PHE A 210 24.64 6.47 -0.03
N GLU A 211 24.64 6.27 1.28
CA GLU A 211 23.48 6.63 2.08
C GLU A 211 23.84 7.66 3.13
N VAL A 212 22.83 8.35 3.64
CA VAL A 212 23.01 9.25 4.78
C VAL A 212 22.13 8.71 5.85
N ILE A 213 22.46 9.01 7.10
CA ILE A 213 21.65 8.59 8.23
C ILE A 213 21.78 9.67 9.29
N VAL A 214 20.78 10.56 9.32
CA VAL A 214 20.76 11.59 10.32
C VAL A 214 20.10 11.06 11.54
N GLU A 215 20.57 11.53 12.68
CA GLU A 215 20.11 11.02 13.96
C GLU A 215 20.70 11.88 15.06
N PRO A 216 19.86 12.31 15.98
CA PRO A 216 20.37 13.06 17.11
C PRO A 216 21.02 12.15 18.13
N THR A 217 21.75 12.73 19.08
CA THR A 217 22.26 11.94 20.20
C THR A 217 21.07 11.31 20.91
N GLU A 218 20.06 12.13 21.21
CA GLU A 218 18.89 11.69 21.97
C GLU A 218 17.65 11.64 21.10
N LYS A 219 16.86 10.60 21.27
CA LYS A 219 15.63 10.49 20.51
C LYS A 219 14.60 11.52 20.99
N PHE A 220 15.03 12.72 21.36
CA PHE A 220 14.11 13.81 21.71
C PHE A 220 14.86 15.08 22.02
N TYR A 221 14.14 16.20 22.03
CA TYR A 221 14.68 17.45 22.51
C TYR A 221 13.92 17.88 23.74
N TYR A 222 14.70 18.30 24.72
CA TYR A 222 14.21 18.84 25.96
C TYR A 222 14.26 20.34 25.79
N ILE A 223 13.32 21.09 26.37
CA ILE A 223 13.27 22.53 26.11
C ILE A 223 14.16 23.40 26.99
N TYR A 224 14.43 22.98 28.22
CA TYR A 224 15.36 23.74 29.09
C TYR A 224 16.85 23.35 28.95
N ASN A 225 17.13 22.56 27.91
CA ASN A 225 18.47 22.19 27.52
C ASN A 225 19.15 23.38 26.87
N GLU A 226 20.15 23.98 27.55
CA GLU A 226 20.88 25.15 27.03
C GLU A 226 21.74 24.80 25.81
N LYS A 227 22.12 23.53 25.66
CA LYS A 227 23.00 23.06 24.57
C LYS A 227 22.36 23.18 23.22
N GLY A 228 21.17 22.62 23.12
CA GLY A 228 20.42 22.62 21.89
C GLY A 228 20.36 21.20 21.39
N LEU A 229 19.64 21.00 20.30
CA LEU A 229 19.57 19.70 19.68
C LEU A 229 20.91 19.35 19.05
N GLU A 230 21.55 18.32 19.61
CA GLU A 230 22.82 17.81 19.07
C GLU A 230 22.47 16.78 18.00
N VAL A 231 23.13 16.86 16.86
CA VAL A 231 22.81 15.97 15.77
C VAL A 231 24.01 15.42 15.10
N THR A 232 23.91 14.19 14.62
CA THR A 232 24.99 13.55 13.88
C THR A 232 24.60 13.05 12.49
N ILE A 233 25.26 13.60 11.47
CA ILE A 233 25.22 13.05 10.12
C ILE A 233 26.17 11.87 10.03
N THR A 234 25.76 10.83 9.33
CA THR A 234 26.70 9.75 9.02
C THR A 234 26.43 9.26 7.62
N ALA A 235 27.49 9.13 6.83
CA ALA A 235 27.34 8.84 5.39
C ALA A 235 28.37 7.84 4.92
N ARG A 236 27.89 6.87 4.16
CA ARG A 236 28.63 5.66 3.88
C ARG A 236 28.26 5.18 2.49
N PHE A 237 29.26 4.76 1.73
CA PHE A 237 29.06 4.22 0.39
C PHE A 237 28.43 2.84 0.46
N LEU A 238 27.33 2.65 -0.28
CA LEU A 238 26.53 1.43 -0.17
C LEU A 238 27.40 0.19 0.01
N TYR A 239 28.62 0.23 -0.55
CA TYR A 239 29.57 -0.88 -0.50
C TYR A 239 30.49 -0.90 0.74
N GLY A 240 30.03 -0.35 1.87
CA GLY A 240 30.72 -0.51 3.16
C GLY A 240 31.66 0.61 3.62
N LYS A 241 32.50 1.12 2.71
CA LYS A 241 33.58 2.08 3.04
C LYS A 241 33.13 3.54 3.14
N LYS A 242 33.80 4.28 4.01
CA LYS A 242 33.33 5.60 4.45
C LYS A 242 33.42 6.67 3.36
N VAL A 243 32.90 7.86 3.67
CA VAL A 243 32.84 9.01 2.76
C VAL A 243 33.67 10.18 3.29
N GLU A 244 34.26 10.95 2.38
CA GLU A 244 34.72 12.30 2.68
C GLU A 244 33.87 13.20 1.81
N GLY A 245 33.19 14.19 2.40
CA GLY A 245 32.30 15.06 1.63
C GLY A 245 31.93 16.37 2.30
N THR A 246 30.75 16.89 1.99
CA THR A 246 30.29 18.14 2.56
C THR A 246 28.77 18.23 2.60
N ALA A 247 28.24 18.60 3.77
CA ALA A 247 26.84 18.38 4.13
C ALA A 247 26.09 19.65 4.50
N PHE A 248 24.89 19.77 3.98
CA PHE A 248 23.99 20.86 4.31
C PHE A 248 22.84 20.35 5.15
N VAL A 249 22.82 20.70 6.43
CA VAL A 249 21.69 20.32 7.28
C VAL A 249 20.89 21.54 7.63
N ILE A 250 19.64 21.30 7.99
CA ILE A 250 18.73 22.36 8.38
C ILE A 250 17.61 21.74 9.18
N PHE A 251 16.96 22.56 10.00
CA PHE A 251 15.92 22.08 10.88
C PHE A 251 14.59 22.77 10.62
N GLY A 252 13.55 22.28 11.30
CA GLY A 252 12.25 22.92 11.24
C GLY A 252 11.30 22.24 12.20
N ILE A 253 10.21 22.92 12.56
CA ILE A 253 9.25 22.36 13.52
C ILE A 253 8.02 21.87 12.80
N GLN A 254 7.68 20.61 13.06
CA GLN A 254 6.45 20.01 12.55
C GLN A 254 5.39 20.17 13.60
N ASP A 255 4.15 20.29 13.16
CA ASP A 255 3.05 20.72 14.03
C ASP A 255 1.70 20.32 13.42
N GLY A 256 1.27 19.11 13.74
CA GLY A 256 0.22 18.45 12.98
C GLY A 256 0.85 18.01 11.67
N GLU A 257 0.63 18.81 10.63
CA GLU A 257 1.12 18.50 9.28
C GLU A 257 1.90 19.68 8.68
N GLN A 258 1.46 20.90 8.99
CA GLN A 258 2.23 22.15 8.81
C GLN A 258 3.68 22.00 9.29
N ARG A 259 4.63 22.27 8.39
CA ARG A 259 6.06 22.15 8.70
C ARG A 259 6.72 23.50 8.51
N ILE A 260 7.45 23.95 9.51
CA ILE A 260 8.03 25.27 9.48
C ILE A 260 9.52 25.18 9.42
N SER A 261 10.10 25.76 8.39
CA SER A 261 11.53 25.79 8.25
C SER A 261 12.13 26.78 9.26
N LEU A 262 13.41 26.61 9.52
CA LEU A 262 14.15 27.47 10.43
C LEU A 262 15.31 28.08 9.68
N PRO A 263 15.02 28.83 8.62
CA PRO A 263 16.09 29.19 7.71
C PRO A 263 17.42 29.43 8.42
N GLU A 264 17.45 30.24 9.47
CA GLU A 264 18.74 30.63 10.08
C GLU A 264 19.52 29.43 10.69
N SER A 265 18.92 28.25 10.70
CA SER A 265 19.60 27.04 11.17
C SER A 265 20.54 26.39 10.16
N LEU A 266 20.46 26.80 8.89
CA LEU A 266 21.09 26.05 7.78
C LEU A 266 22.61 26.06 7.79
N LYS A 267 23.21 25.08 8.46
CA LYS A 267 24.66 25.02 8.55
C LYS A 267 25.24 24.16 7.42
N ARG A 268 26.50 24.42 7.08
CA ARG A 268 27.23 23.69 6.03
C ARG A 268 28.51 23.11 6.62
N ILE A 269 28.41 21.87 7.09
CA ILE A 269 29.56 21.18 7.68
C ILE A 269 30.23 20.32 6.64
N PRO A 270 31.56 20.19 6.75
CA PRO A 270 32.20 19.18 5.95
C PRO A 270 31.98 17.84 6.63
N ILE A 271 32.08 16.75 5.86
CA ILE A 271 32.03 15.39 6.40
C ILE A 271 33.42 14.73 6.34
N GLU A 272 33.98 14.45 7.52
CA GLU A 272 35.22 13.70 7.64
C GLU A 272 34.90 12.24 8.06
N ASP A 273 35.51 11.27 7.37
CA ASP A 273 35.43 9.82 7.72
C ASP A 273 34.02 9.31 8.06
N GLY A 274 33.04 9.79 7.30
CA GLY A 274 31.67 9.29 7.40
C GLY A 274 30.76 10.17 8.25
N SER A 275 31.26 10.59 9.40
CA SER A 275 30.45 11.32 10.38
C SER A 275 30.57 12.84 10.20
N GLY A 276 29.63 13.57 10.81
CA GLY A 276 29.63 15.03 10.75
C GLY A 276 28.66 15.61 11.75
N GLU A 277 29.19 16.16 12.84
CA GLU A 277 28.35 16.65 13.91
C GLU A 277 27.74 17.96 13.54
N VAL A 278 26.64 18.27 14.20
CA VAL A 278 25.93 19.51 13.99
C VAL A 278 24.88 19.74 15.10
N VAL A 279 24.54 21.02 15.30
CA VAL A 279 23.62 21.45 16.33
C VAL A 279 22.66 22.53 15.84
N LEU A 280 21.38 22.28 16.07
CA LEU A 280 20.36 23.32 16.09
C LEU A 280 20.37 23.80 17.53
N SER A 281 20.83 25.03 17.78
CA SER A 281 20.97 25.53 19.15
C SER A 281 19.59 25.76 19.72
N ARG A 282 19.51 26.23 20.95
CA ARG A 282 18.19 26.57 21.49
C ARG A 282 17.76 27.93 20.93
N LYS A 283 18.60 28.95 21.16
CA LYS A 283 18.24 30.36 20.85
C LYS A 283 17.82 30.53 19.39
N VAL A 284 18.51 29.83 18.50
CA VAL A 284 18.19 29.90 17.07
C VAL A 284 16.84 29.23 16.79
N LEU A 285 16.50 28.22 17.59
CA LEU A 285 15.20 27.56 17.49
C LEU A 285 14.13 28.47 18.03
N LEU A 286 14.20 28.79 19.31
CA LEU A 286 13.15 29.59 19.90
C LEU A 286 12.89 30.88 19.14
N ASP A 287 13.92 31.50 18.57
CA ASP A 287 13.73 32.73 17.79
C ASP A 287 12.96 32.53 16.48
N GLY A 288 12.90 31.29 16.00
CA GLY A 288 12.10 30.92 14.82
C GLY A 288 10.66 30.53 15.14
N VAL A 289 10.36 30.39 16.42
CA VAL A 289 8.98 30.32 16.86
C VAL A 289 8.71 31.61 17.63
N GLN A 290 8.39 32.64 16.85
CA GLN A 290 8.00 33.94 17.38
C GLN A 290 6.67 33.88 18.18
N ASN A 291 6.09 32.68 18.35
CA ASN A 291 5.02 32.41 19.36
C ASN A 291 5.54 32.70 20.77
N LEU A 292 6.84 32.51 20.95
CA LEU A 292 7.59 33.04 22.08
C LEU A 292 6.80 33.08 23.41
N ARG A 293 6.96 31.97 24.13
CA ARG A 293 6.43 31.68 25.46
C ARG A 293 6.88 30.23 25.73
N ALA A 294 8.19 30.06 25.80
CA ALA A 294 8.93 28.77 25.68
C ALA A 294 8.17 27.42 25.59
N GLU A 295 7.23 27.21 26.50
CA GLU A 295 6.50 25.93 26.63
C GLU A 295 5.76 25.49 25.36
N ASP A 296 5.34 26.47 24.55
CA ASP A 296 4.45 26.22 23.43
C ASP A 296 4.92 25.13 22.46
N LEU A 297 6.22 24.78 22.52
CA LEU A 297 6.78 23.71 21.70
C LEU A 297 6.53 22.33 22.28
N VAL A 298 6.04 22.26 23.51
CA VAL A 298 5.58 21.00 24.07
C VAL A 298 4.73 20.25 23.05
N GLY A 299 5.16 19.05 22.70
CA GLY A 299 4.44 18.19 21.75
C GLY A 299 4.72 18.47 20.27
N LYS A 300 5.18 19.68 19.96
CA LYS A 300 5.59 20.01 18.60
C LYS A 300 6.89 19.28 18.31
N SER A 301 6.89 18.51 17.24
CA SER A 301 8.04 17.76 16.86
C SER A 301 9.10 18.65 16.20
N LEU A 302 10.32 18.13 16.05
CA LEU A 302 11.36 18.72 15.20
C LEU A 302 11.77 17.79 14.08
N TYR A 303 12.42 18.33 13.07
CA TYR A 303 12.83 17.51 11.95
C TYR A 303 14.11 18.04 11.35
N VAL A 304 15.00 17.12 10.97
CA VAL A 304 16.26 17.50 10.35
C VAL A 304 16.32 17.02 8.92
N SER A 305 16.56 17.92 7.97
CA SER A 305 16.91 17.53 6.63
C SER A 305 18.39 17.80 6.42
N ALA A 306 19.11 16.76 5.99
CA ALA A 306 20.51 16.88 5.56
C ALA A 306 20.58 16.73 4.06
N THR A 307 21.72 17.09 3.49
CA THR A 307 21.93 17.01 2.04
C THR A 307 23.42 16.83 1.77
N VAL A 308 23.88 15.58 1.77
CA VAL A 308 25.30 15.32 1.72
C VAL A 308 25.78 15.27 0.27
N ILE A 309 26.89 15.96 -0.01
CA ILE A 309 27.52 15.92 -1.33
C ILE A 309 28.98 15.53 -1.20
N LEU A 310 29.41 14.69 -2.15
CA LEU A 310 30.77 14.19 -2.19
C LEU A 310 31.71 15.28 -2.72
N HIS A 311 33.00 15.09 -2.46
CA HIS A 311 34.04 16.07 -2.85
C HIS A 311 34.45 16.00 -4.34
N SER A 312 33.99 14.96 -5.05
CA SER A 312 34.19 14.87 -6.49
C SER A 312 33.14 15.70 -7.22
N GLY A 313 31.91 15.63 -6.72
CA GLY A 313 30.76 16.31 -7.34
C GLY A 313 29.80 15.36 -8.06
N SER A 314 30.15 14.08 -8.02
CA SER A 314 29.48 13.05 -8.83
C SER A 314 28.04 12.76 -8.41
N ASP A 315 27.75 12.86 -7.11
CA ASP A 315 26.43 12.52 -6.56
C ASP A 315 26.11 13.31 -5.29
N MET A 316 24.81 13.41 -4.97
CA MET A 316 24.34 13.91 -3.69
C MET A 316 23.13 13.10 -3.26
N VAL A 317 22.65 13.31 -2.05
CA VAL A 317 21.39 12.71 -1.61
C VAL A 317 20.87 13.35 -0.33
N GLN A 318 19.55 13.60 -0.32
CA GLN A 318 18.88 14.22 0.84
C GLN A 318 18.35 13.13 1.75
N ALA A 319 18.07 13.52 3.00
CA ALA A 319 17.61 12.58 4.00
C ALA A 319 17.02 13.39 5.16
N GLU A 320 15.92 12.91 5.72
CA GLU A 320 15.30 13.61 6.86
C GLU A 320 14.70 12.69 7.95
N ARG A 321 14.98 13.06 9.20
CA ARG A 321 14.40 12.44 10.37
C ARG A 321 13.29 13.37 10.87
N SER A 322 12.05 12.93 10.67
CA SER A 322 10.83 13.67 11.05
C SER A 322 10.27 13.12 12.35
N GLY A 323 9.97 14.01 13.29
CA GLY A 323 9.40 13.59 14.56
C GLY A 323 10.41 13.42 15.68
N ILE A 324 11.01 14.53 16.11
CA ILE A 324 11.79 14.62 17.36
C ILE A 324 10.94 15.31 18.43
N PRO A 325 10.42 14.54 19.37
CA PRO A 325 9.50 15.09 20.33
C PRO A 325 10.10 16.08 21.31
N ILE A 326 9.64 17.31 21.21
CA ILE A 326 10.08 18.40 22.07
C ILE A 326 9.31 18.28 23.36
N VAL A 327 9.98 17.87 24.43
CA VAL A 327 9.28 17.35 25.60
C VAL A 327 9.80 17.84 26.94
N THR A 328 8.98 17.73 27.98
CA THR A 328 9.46 18.08 29.30
C THR A 328 9.78 16.82 30.10
N SER A 329 9.68 15.65 29.48
CA SER A 329 10.18 14.43 30.10
C SER A 329 10.48 13.36 29.06
N PRO A 330 11.59 12.65 29.25
CA PRO A 330 12.01 11.60 28.34
C PRO A 330 11.29 10.32 28.62
N TYR A 331 10.21 10.38 29.40
CA TYR A 331 9.33 9.24 29.61
C TYR A 331 7.86 9.63 29.42
N GLN A 332 7.00 8.64 29.54
CA GLN A 332 5.60 8.77 29.18
C GLN A 332 4.98 7.52 29.72
N ILE A 333 3.91 7.64 30.47
CA ILE A 333 3.32 6.47 31.11
C ILE A 333 1.93 6.19 30.58
N HIS A 334 1.62 4.92 30.29
CA HIS A 334 0.31 4.56 29.76
C HIS A 334 -0.35 3.40 30.45
N PHE A 335 -1.60 3.62 30.85
CA PHE A 335 -2.41 2.55 31.40
C PHE A 335 -3.23 1.95 30.27
N THR A 336 -2.61 1.77 29.10
CA THR A 336 -3.31 1.05 28.04
C THR A 336 -3.37 -0.38 28.54
N LYS A 337 -2.31 -0.84 29.19
CA LYS A 337 -2.21 -2.24 29.56
C LYS A 337 -2.97 -2.61 30.85
N THR A 338 -3.26 -1.61 31.68
CA THR A 338 -3.85 -1.83 33.02
C THR A 338 -5.39 -1.81 33.01
N PRO A 339 -6.05 -2.82 33.62
CA PRO A 339 -7.51 -2.78 33.67
C PRO A 339 -8.07 -1.49 34.29
N LYS A 340 -9.37 -1.28 34.12
CA LYS A 340 -10.09 -0.10 34.65
C LYS A 340 -11.11 -0.42 35.76
N TYR A 341 -10.98 -1.60 36.36
CA TYR A 341 -11.92 -2.08 37.36
C TYR A 341 -11.21 -2.93 38.40
N PHE A 342 -11.33 -2.56 39.67
CA PHE A 342 -10.64 -3.24 40.78
C PHE A 342 -11.60 -4.19 41.49
N LYS A 343 -11.13 -4.82 42.58
CA LYS A 343 -11.98 -5.63 43.46
C LYS A 343 -11.86 -5.15 44.91
N PRO A 344 -12.89 -4.46 45.43
CA PRO A 344 -12.92 -3.91 46.79
C PRO A 344 -12.37 -4.84 47.89
N GLY A 345 -11.32 -4.37 48.57
CA GLY A 345 -10.68 -5.15 49.62
C GLY A 345 -9.49 -5.96 49.12
N MET A 346 -9.62 -6.48 47.90
CA MET A 346 -8.54 -7.20 47.24
C MET A 346 -7.51 -6.25 46.63
N PRO A 347 -6.41 -6.80 46.11
CA PRO A 347 -5.48 -6.02 45.33
C PRO A 347 -5.98 -5.62 43.98
N PHE A 348 -5.28 -4.66 43.39
CA PHE A 348 -5.52 -4.20 42.04
C PHE A 348 -4.15 -3.96 41.39
N ASP A 349 -3.76 -4.89 40.51
CA ASP A 349 -2.41 -4.87 39.95
C ASP A 349 -2.42 -4.01 38.71
N LEU A 350 -1.39 -3.20 38.57
CA LEU A 350 -1.35 -2.16 37.55
C LEU A 350 -0.31 -2.42 36.51
N MET A 351 -0.68 -2.92 35.35
CA MET A 351 0.31 -3.12 34.30
C MET A 351 0.75 -1.76 33.70
N VAL A 352 1.70 -1.13 34.37
CA VAL A 352 2.17 0.19 33.95
C VAL A 352 3.03 0.06 32.72
N PHE A 353 2.60 0.72 31.66
CA PHE A 353 3.39 0.78 30.43
C PHE A 353 4.07 2.15 30.26
N VAL A 354 5.29 2.13 29.77
CA VAL A 354 6.19 3.25 29.96
C VAL A 354 7.10 3.43 28.78
N THR A 355 7.22 4.64 28.29
CA THR A 355 7.85 4.80 27.03
C THR A 355 8.74 5.99 26.97
N ASN A 356 9.69 5.89 26.04
CA ASN A 356 10.44 7.03 25.57
C ASN A 356 9.51 7.85 24.66
N PRO A 357 9.90 9.10 24.33
CA PRO A 357 9.02 10.02 23.60
C PRO A 357 8.61 9.61 22.17
N ASP A 358 9.26 8.60 21.60
CA ASP A 358 8.86 8.08 20.30
C ASP A 358 8.04 6.79 20.42
N GLY A 359 7.10 6.76 21.37
CA GLY A 359 6.21 5.61 21.57
C GLY A 359 6.86 4.23 21.52
N SER A 360 8.12 4.14 21.97
CA SER A 360 8.85 2.87 22.05
C SER A 360 8.96 2.51 23.54
N PRO A 361 9.34 1.27 23.86
CA PRO A 361 9.43 0.95 25.29
C PRO A 361 10.71 1.52 25.93
N ALA A 362 10.65 1.85 27.22
CA ALA A 362 11.85 2.19 27.98
C ALA A 362 12.08 1.11 29.04
N TYR A 363 13.31 0.62 29.15
CA TYR A 363 13.68 -0.56 29.98
C TYR A 363 14.25 -0.12 31.34
N ARG A 364 14.15 -1.01 32.34
CA ARG A 364 14.58 -0.76 33.73
C ARG A 364 14.39 0.71 34.11
N VAL A 365 13.14 1.05 34.38
CA VAL A 365 12.74 2.40 34.73
C VAL A 365 11.72 2.33 35.85
N PRO A 366 12.07 2.94 36.96
CA PRO A 366 11.34 2.78 38.18
C PRO A 366 10.01 3.53 38.15
N VAL A 367 8.97 2.90 38.68
CA VAL A 367 7.71 3.58 38.79
C VAL A 367 7.17 3.47 40.19
N ALA A 368 6.31 4.43 40.53
CA ALA A 368 5.72 4.49 41.84
C ALA A 368 4.30 5.09 41.83
N VAL A 369 3.44 4.42 42.57
CA VAL A 369 2.18 4.99 42.99
C VAL A 369 2.49 6.23 43.81
N GLN A 370 1.90 7.37 43.49
CA GLN A 370 2.10 8.56 44.30
C GLN A 370 1.40 8.32 45.65
N GLY A 371 2.01 8.81 46.72
CA GLY A 371 1.56 8.50 48.08
C GLY A 371 2.23 7.24 48.64
N GLU A 372 3.04 6.58 47.80
CA GLU A 372 3.77 5.37 48.17
C GLU A 372 5.23 5.42 47.68
N ASP A 373 6.06 6.14 48.40
CA ASP A 373 7.52 6.00 48.26
C ASP A 373 7.86 4.57 48.70
N THR A 374 9.15 4.24 48.65
CA THR A 374 9.65 2.94 49.08
C THR A 374 9.15 1.85 48.12
N VAL A 375 7.85 1.54 48.14
CA VAL A 375 7.29 0.70 47.09
C VAL A 375 7.66 1.35 45.77
N GLN A 376 8.19 0.55 44.86
CA GLN A 376 8.45 0.99 43.51
C GLN A 376 8.64 -0.27 42.73
N SER A 377 8.69 -0.16 41.41
CA SER A 377 8.96 -1.33 40.59
C SER A 377 9.57 -0.97 39.25
N LEU A 378 10.46 -1.83 38.77
CA LEU A 378 11.17 -1.57 37.54
C LEU A 378 10.47 -2.13 36.34
N THR A 379 10.55 -1.38 35.25
CA THR A 379 9.99 -1.77 33.98
C THR A 379 10.95 -2.80 33.37
N GLN A 380 10.39 -3.89 32.83
CA GLN A 380 11.21 -4.96 32.25
C GLN A 380 11.33 -4.75 30.73
N GLY A 381 11.85 -5.74 30.01
CA GLY A 381 12.18 -5.61 28.57
C GLY A 381 11.15 -4.96 27.64
N ASP A 382 9.89 -5.31 27.82
CA ASP A 382 8.81 -4.83 26.95
C ASP A 382 8.36 -3.39 27.22
N GLY A 383 8.58 -2.91 28.45
CA GLY A 383 8.06 -1.62 28.89
C GLY A 383 6.90 -1.73 29.87
N VAL A 384 6.77 -2.89 30.50
CA VAL A 384 5.75 -3.10 31.51
C VAL A 384 6.36 -3.37 32.88
N ALA A 385 6.05 -2.52 33.85
CA ALA A 385 6.26 -2.83 35.25
C ALA A 385 4.90 -3.18 35.84
N LYS A 386 4.88 -3.98 36.91
CA LYS A 386 3.64 -4.29 37.61
C LYS A 386 3.66 -3.63 38.96
N LEU A 387 2.70 -2.75 39.22
CA LEU A 387 2.46 -2.29 40.58
C LEU A 387 1.23 -3.00 41.11
N SER A 388 0.95 -2.84 42.39
CA SER A 388 -0.16 -3.55 43.01
C SER A 388 -0.49 -2.97 44.36
N ILE A 389 -1.77 -2.80 44.63
CA ILE A 389 -2.20 -2.07 45.81
C ILE A 389 -3.41 -2.70 46.47
N ASN A 390 -3.44 -2.62 47.80
CA ASN A 390 -4.61 -3.02 48.56
C ASN A 390 -5.65 -1.92 48.53
N THR A 391 -6.86 -2.28 48.12
CA THR A 391 -7.97 -1.33 48.10
C THR A 391 -8.84 -1.56 49.30
N HIS A 392 -9.63 -0.54 49.64
CA HIS A 392 -10.51 -0.63 50.79
C HIS A 392 -11.86 -1.16 50.34
N PRO A 393 -12.45 -2.10 51.10
CA PRO A 393 -13.76 -2.73 50.82
C PRO A 393 -14.93 -1.84 50.39
N SER A 394 -14.75 -0.51 50.34
CA SER A 394 -15.79 0.41 49.84
C SER A 394 -15.74 0.56 48.32
N GLN A 395 -16.86 0.98 47.72
CA GLN A 395 -17.03 1.03 46.26
C GLN A 395 -16.61 2.37 45.62
N LYS A 396 -15.64 3.05 46.24
CA LYS A 396 -15.21 4.38 45.80
C LYS A 396 -14.32 4.28 44.58
N PRO A 397 -14.69 4.95 43.49
CA PRO A 397 -13.75 5.02 42.37
C PRO A 397 -12.31 5.33 42.81
N LEU A 398 -11.36 4.57 42.28
CA LEU A 398 -9.93 4.77 42.58
C LEU A 398 -9.34 5.96 41.84
N SER A 399 -8.23 6.49 42.38
CA SER A 399 -7.61 7.69 41.80
C SER A 399 -6.07 7.63 41.93
N ILE A 400 -5.47 6.83 41.07
CA ILE A 400 -4.05 6.50 41.16
C ILE A 400 -3.21 7.37 40.26
N THR A 401 -2.03 7.75 40.73
CA THR A 401 -1.13 8.61 39.97
C THR A 401 0.29 8.07 40.05
N VAL A 402 0.82 7.65 38.91
CA VAL A 402 2.09 6.94 38.88
C VAL A 402 3.18 7.82 38.31
N ARG A 403 4.30 7.93 39.02
CA ARG A 403 5.42 8.72 38.53
C ARG A 403 6.61 7.86 38.15
N THR A 404 7.45 8.42 37.29
CA THR A 404 8.78 7.88 37.10
C THR A 404 9.60 8.27 38.33
N LYS A 405 10.47 7.37 38.77
CA LYS A 405 11.31 7.60 39.97
C LYS A 405 12.81 7.38 39.72
N LYS A 406 13.25 7.71 38.51
CA LYS A 406 14.66 7.75 38.15
C LYS A 406 15.47 8.65 39.09
N GLN A 407 16.63 8.18 39.57
CA GLN A 407 17.67 9.11 40.02
C GLN A 407 18.25 9.60 38.70
N GLU A 408 18.91 10.77 38.69
CA GLU A 408 19.39 11.44 37.44
C GLU A 408 18.43 12.51 36.86
N LEU A 409 17.13 12.37 37.10
CA LEU A 409 16.15 13.25 36.48
C LEU A 409 15.42 14.02 37.56
N SER A 410 15.57 15.33 37.55
CA SER A 410 14.88 16.19 38.51
C SER A 410 13.39 15.91 38.46
N GLU A 411 12.70 16.06 39.58
CA GLU A 411 11.28 15.66 39.65
C GLU A 411 10.42 16.16 38.48
N ALA A 412 10.60 17.42 38.11
CA ALA A 412 9.89 18.02 36.97
C ALA A 412 10.26 17.37 35.61
N GLU A 413 11.38 16.64 35.55
CA GLU A 413 11.74 15.85 34.37
C GLU A 413 11.05 14.46 34.36
N GLN A 414 10.63 13.98 35.53
CA GLN A 414 9.98 12.69 35.61
C GLN A 414 8.67 12.85 34.92
N ALA A 415 8.25 11.83 34.18
CA ALA A 415 6.92 11.80 33.58
C ALA A 415 5.92 11.24 34.58
N THR A 416 4.66 11.69 34.46
CA THR A 416 3.57 11.12 35.25
C THR A 416 2.25 11.18 34.49
N ARG A 417 1.28 10.48 35.06
CA ARG A 417 -0.01 10.22 34.44
C ARG A 417 -0.89 9.72 35.57
N THR A 418 -2.19 9.64 35.33
CA THR A 418 -3.11 9.21 36.37
C THR A 418 -4.42 8.69 35.78
N MET A 419 -5.12 7.84 36.54
CA MET A 419 -6.31 7.14 36.06
C MET A 419 -7.39 6.89 37.14
N GLN A 420 -8.48 6.23 36.72
CA GLN A 420 -9.62 5.94 37.57
C GLN A 420 -10.11 4.53 37.30
N ALA A 421 -10.22 3.74 38.36
CA ALA A 421 -10.76 2.40 38.24
C ALA A 421 -12.02 2.27 39.09
N LEU A 422 -12.90 1.34 38.69
CA LEU A 422 -14.24 1.22 39.27
C LEU A 422 -14.49 -0.15 39.85
N PRO A 423 -15.42 -0.24 40.79
CA PRO A 423 -15.71 -1.52 41.41
C PRO A 423 -16.54 -2.45 40.53
N TYR A 424 -16.12 -3.70 40.49
CA TYR A 424 -16.90 -4.80 39.95
C TYR A 424 -18.19 -4.91 40.74
N SER A 425 -19.33 -4.65 40.10
CA SER A 425 -20.64 -4.65 40.79
C SER A 425 -21.07 -6.07 41.12
N THR A 426 -20.93 -6.41 42.40
CA THR A 426 -21.29 -7.72 42.90
C THR A 426 -22.77 -8.01 42.65
N VAL A 427 -23.12 -9.30 42.65
CA VAL A 427 -24.50 -9.73 42.39
C VAL A 427 -25.37 -9.53 43.62
N GLY A 428 -26.04 -8.37 43.70
CA GLY A 428 -26.93 -8.04 44.81
C GLY A 428 -26.22 -7.82 46.13
N ASN A 429 -25.21 -6.95 46.10
CA ASN A 429 -24.30 -6.70 47.24
C ASN A 429 -24.09 -7.93 48.13
N SER A 430 -23.35 -8.88 47.58
CA SER A 430 -23.01 -10.13 48.24
C SER A 430 -21.51 -10.20 48.63
N ASN A 431 -20.69 -9.29 48.07
CA ASN A 431 -19.25 -9.26 48.33
C ASN A 431 -18.58 -10.62 48.08
N ASN A 432 -18.75 -11.16 46.87
CA ASN A 432 -18.03 -12.35 46.39
C ASN A 432 -17.22 -12.03 45.13
N TYR A 433 -15.92 -12.35 45.16
CA TYR A 433 -15.02 -11.99 44.06
C TYR A 433 -14.14 -13.16 43.59
N LEU A 434 -13.37 -12.89 42.54
CA LEU A 434 -12.37 -13.82 42.00
C LEU A 434 -11.31 -12.97 41.36
N HIS A 435 -10.05 -13.27 41.63
CA HIS A 435 -8.97 -12.43 41.17
C HIS A 435 -7.80 -13.21 40.64
N LEU A 436 -7.43 -12.91 39.41
CA LEU A 436 -6.45 -13.70 38.68
C LEU A 436 -5.18 -12.92 38.63
N SER A 437 -4.10 -13.47 39.15
CA SER A 437 -2.83 -12.78 39.06
C SER A 437 -1.75 -13.62 38.41
N VAL A 438 -0.86 -12.93 37.74
CA VAL A 438 0.10 -13.55 36.90
C VAL A 438 1.33 -12.75 37.12
N LEU A 439 2.46 -13.44 37.35
CA LEU A 439 3.74 -12.75 37.52
C LEU A 439 4.19 -12.08 36.24
N ARG A 440 5.13 -11.16 36.38
CA ARG A 440 5.38 -10.17 35.34
C ARG A 440 6.70 -10.43 34.63
N THR A 441 6.66 -11.31 33.63
CA THR A 441 7.87 -11.63 32.87
C THR A 441 7.60 -11.83 31.38
N GLU A 442 8.44 -11.20 30.57
CA GLU A 442 8.59 -11.55 29.17
C GLU A 442 8.32 -13.04 28.98
N LEU A 443 7.14 -13.36 28.46
CA LEU A 443 6.75 -14.74 28.29
C LEU A 443 7.23 -15.25 26.92
N ARG A 444 8.03 -16.31 26.90
CA ARG A 444 8.36 -17.03 25.67
C ARG A 444 7.63 -18.36 25.58
N PRO A 445 7.35 -18.82 24.35
CA PRO A 445 6.80 -20.16 24.26
C PRO A 445 7.82 -21.16 24.76
N GLY A 446 7.35 -22.34 25.15
CA GLY A 446 8.22 -23.35 25.72
C GLY A 446 8.33 -23.26 27.23
N GLU A 447 8.25 -22.04 27.78
CA GLU A 447 8.21 -21.84 29.22
C GLU A 447 6.82 -22.18 29.70
N THR A 448 6.65 -22.14 31.01
CA THR A 448 5.39 -22.50 31.62
C THR A 448 5.06 -21.35 32.57
N LEU A 449 3.78 -21.13 32.84
CA LEU A 449 3.35 -19.87 33.47
C LEU A 449 2.35 -20.04 34.59
N ASN A 450 2.57 -19.34 35.68
CA ASN A 450 1.69 -19.47 36.80
C ASN A 450 0.62 -18.40 36.82
N VAL A 451 -0.63 -18.85 36.89
CA VAL A 451 -1.81 -18.00 37.05
C VAL A 451 -2.40 -18.19 38.45
N ASN A 452 -2.27 -17.19 39.31
CA ASN A 452 -2.78 -17.30 40.66
C ASN A 452 -4.28 -17.08 40.60
N PHE A 453 -5.02 -17.99 41.23
CA PHE A 453 -6.48 -17.91 41.34
C PHE A 453 -6.88 -17.54 42.77
N LEU A 454 -7.14 -16.25 42.98
CA LEU A 454 -7.43 -15.74 44.30
C LEU A 454 -8.92 -15.55 44.49
N LEU A 455 -9.42 -16.06 45.62
CA LEU A 455 -10.85 -16.09 45.94
C LEU A 455 -11.12 -15.23 47.16
N ARG A 456 -11.93 -14.19 47.01
CA ARG A 456 -12.31 -13.32 48.12
C ARG A 456 -13.83 -13.32 48.30
N MET A 457 -14.29 -13.86 49.43
CA MET A 457 -15.73 -13.94 49.75
C MET A 457 -16.04 -14.24 51.22
N ASP A 458 -17.30 -14.03 51.58
CA ASP A 458 -17.83 -14.43 52.89
C ASP A 458 -17.80 -15.96 53.05
N ARG A 459 -17.39 -16.42 54.23
CA ARG A 459 -17.05 -17.84 54.45
C ARG A 459 -18.24 -18.80 54.62
N ALA A 460 -19.44 -18.25 54.77
CA ALA A 460 -20.66 -19.07 54.95
C ALA A 460 -20.94 -19.98 53.76
N HIS A 461 -20.44 -19.61 52.57
CA HIS A 461 -20.73 -20.36 51.32
C HIS A 461 -19.48 -20.76 50.47
N GLU A 462 -18.27 -20.41 50.92
CA GLU A 462 -17.03 -20.63 50.15
C GLU A 462 -16.59 -22.09 49.99
N ALA A 463 -17.13 -22.97 50.84
CA ALA A 463 -16.83 -24.39 50.77
C ALA A 463 -17.45 -25.05 49.53
N LYS A 464 -18.47 -24.42 48.96
CA LYS A 464 -19.18 -24.96 47.79
C LYS A 464 -18.57 -24.41 46.48
N ILE A 465 -17.24 -24.26 46.47
CA ILE A 465 -16.49 -23.75 45.34
C ILE A 465 -15.49 -24.81 44.88
N ARG A 466 -15.96 -25.82 44.16
CA ARG A 466 -15.14 -26.99 43.88
C ARG A 466 -14.22 -26.78 42.68
N TYR A 467 -14.41 -25.68 41.95
CA TYR A 467 -13.62 -25.38 40.76
C TYR A 467 -13.83 -23.97 40.23
N TYR A 468 -12.77 -23.42 39.64
CA TYR A 468 -12.89 -22.27 38.73
C TYR A 468 -12.74 -22.80 37.30
N THR A 469 -13.77 -22.65 36.49
CA THR A 469 -13.66 -23.00 35.07
C THR A 469 -13.00 -21.82 34.42
N TYR A 470 -12.16 -22.08 33.42
CA TYR A 470 -11.42 -21.03 32.70
C TYR A 470 -11.27 -21.27 31.22
N LEU A 471 -11.03 -20.18 30.49
CA LEU A 471 -10.92 -20.22 29.03
C LEU A 471 -9.83 -19.27 28.48
N ILE A 472 -9.22 -19.65 27.35
CA ILE A 472 -8.10 -18.91 26.79
C ILE A 472 -8.39 -18.30 25.43
N MET A 473 -8.12 -17.00 25.30
CA MET A 473 -8.29 -16.30 24.05
C MET A 473 -6.95 -15.98 23.42
N ASN A 474 -6.80 -16.37 22.17
CA ASN A 474 -5.68 -15.98 21.32
C ASN A 474 -6.15 -15.82 19.86
N LYS A 475 -5.85 -14.65 19.30
CA LYS A 475 -6.09 -14.37 17.88
C LYS A 475 -7.56 -14.20 17.52
N GLY A 476 -8.44 -14.35 18.51
CA GLY A 476 -9.88 -14.08 18.33
C GLY A 476 -10.80 -15.27 18.59
N ARG A 477 -10.22 -16.45 18.67
CA ARG A 477 -11.01 -17.65 18.95
C ARG A 477 -10.53 -18.26 20.26
N LEU A 478 -11.31 -19.19 20.77
CA LEU A 478 -10.95 -19.91 21.98
C LEU A 478 -9.83 -20.90 21.68
N LEU A 479 -8.69 -20.71 22.34
CA LEU A 479 -7.57 -21.62 22.21
C LEU A 479 -7.80 -22.88 23.04
N LYS A 480 -8.04 -22.68 24.33
CA LYS A 480 -8.24 -23.80 25.25
C LYS A 480 -9.06 -23.36 26.45
N ALA A 481 -9.76 -24.31 27.05
CA ALA A 481 -10.50 -24.09 28.27
C ALA A 481 -10.49 -25.38 29.05
N GLY A 482 -10.29 -25.26 30.36
CA GLY A 482 -10.33 -26.40 31.27
C GLY A 482 -10.84 -26.02 32.65
N ARG A 483 -10.43 -26.79 33.65
CA ARG A 483 -10.84 -26.54 35.02
C ARG A 483 -9.61 -26.53 35.91
N GLN A 484 -9.46 -25.49 36.74
CA GLN A 484 -8.45 -25.47 37.81
C GLN A 484 -9.19 -25.65 39.11
N VAL A 485 -8.87 -26.73 39.81
CA VAL A 485 -9.65 -27.13 40.97
C VAL A 485 -9.30 -26.36 42.23
N ARG A 486 -10.21 -26.37 43.20
CA ARG A 486 -9.94 -25.86 44.54
C ARG A 486 -10.81 -26.57 45.59
N GLU A 487 -10.16 -27.04 46.65
CA GLU A 487 -10.84 -27.62 47.81
C GLU A 487 -10.71 -26.65 49.00
N PRO A 488 -11.72 -26.64 49.90
CA PRO A 488 -11.86 -25.59 50.95
C PRO A 488 -10.74 -25.48 51.99
N GLY A 489 -10.79 -24.44 52.81
CA GLY A 489 -9.66 -24.03 53.66
C GLY A 489 -8.80 -22.99 52.94
N GLN A 490 -8.74 -23.12 51.62
CA GLN A 490 -7.91 -22.30 50.75
C GLN A 490 -8.54 -20.95 50.45
N ASP A 491 -7.75 -20.14 49.77
CA ASP A 491 -8.23 -18.91 49.10
C ASP A 491 -7.53 -18.75 47.74
N LEU A 492 -6.24 -19.03 47.70
CA LEU A 492 -5.49 -19.04 46.45
C LEU A 492 -5.21 -20.47 45.98
N VAL A 493 -5.32 -20.67 44.65
CA VAL A 493 -4.71 -21.82 43.96
C VAL A 493 -4.01 -21.30 42.72
N VAL A 494 -3.27 -22.17 42.03
CA VAL A 494 -2.33 -21.71 41.00
C VAL A 494 -2.23 -22.64 39.81
N LEU A 495 -2.61 -22.13 38.66
CA LEU A 495 -2.64 -22.91 37.44
C LEU A 495 -1.31 -22.80 36.71
N PRO A 496 -0.55 -23.92 36.62
CA PRO A 496 0.69 -23.95 35.85
C PRO A 496 0.37 -24.14 34.40
N LEU A 497 0.07 -23.03 33.75
CA LEU A 497 -0.34 -23.00 32.38
C LEU A 497 0.86 -23.05 31.43
N SER A 498 0.88 -24.11 30.63
CA SER A 498 1.93 -24.35 29.66
C SER A 498 1.75 -23.44 28.44
N ILE A 499 2.83 -22.77 28.05
CA ILE A 499 2.76 -21.69 27.05
C ILE A 499 3.50 -22.10 25.77
N THR A 500 2.75 -22.25 24.68
CA THR A 500 3.29 -22.76 23.39
C THR A 500 3.13 -21.76 22.25
N THR A 501 3.68 -22.09 21.09
CA THR A 501 3.54 -21.23 19.91
C THR A 501 2.14 -20.66 19.75
N ASP A 502 1.13 -21.45 20.12
CA ASP A 502 -0.28 -21.13 19.85
C ASP A 502 -0.78 -19.86 20.54
N PHE A 503 -0.03 -19.35 21.50
CA PHE A 503 -0.44 -18.18 22.23
C PHE A 503 0.05 -16.86 21.61
N ILE A 504 1.15 -16.90 20.86
CA ILE A 504 1.72 -15.70 20.24
C ILE A 504 0.65 -14.97 19.44
N PRO A 505 0.52 -13.63 19.61
CA PRO A 505 1.33 -12.61 20.28
C PRO A 505 0.88 -12.27 21.66
N SER A 506 -0.35 -12.64 21.98
CA SER A 506 -0.96 -12.33 23.25
C SER A 506 -2.13 -13.26 23.49
N PHE A 507 -2.49 -13.38 24.75
CA PHE A 507 -3.61 -14.21 25.11
C PHE A 507 -4.30 -13.66 26.32
N ARG A 508 -5.60 -13.92 26.40
CA ARG A 508 -6.38 -13.51 27.54
C ARG A 508 -6.71 -14.71 28.40
N LEU A 509 -7.17 -14.42 29.61
CA LEU A 509 -7.64 -15.45 30.51
C LEU A 509 -8.98 -15.00 31.09
N VAL A 510 -9.99 -15.84 30.94
CA VAL A 510 -11.30 -15.57 31.50
C VAL A 510 -11.73 -16.73 32.31
N ALA A 511 -12.04 -16.48 33.56
CA ALA A 511 -12.33 -17.58 34.44
C ALA A 511 -13.48 -17.26 35.36
N TYR A 512 -14.16 -18.30 35.82
CA TYR A 512 -15.35 -18.11 36.61
C TYR A 512 -15.72 -19.37 37.34
N TYR A 513 -16.34 -19.18 38.51
CA TYR A 513 -16.92 -20.25 39.31
C TYR A 513 -18.39 -19.95 39.47
N THR A 514 -19.11 -20.99 39.89
CA THR A 514 -20.57 -20.90 40.04
C THR A 514 -20.98 -21.35 41.44
N LEU A 515 -21.85 -20.58 42.08
CA LEU A 515 -22.29 -20.86 43.44
C LEU A 515 -23.78 -20.50 43.64
N ILE A 516 -24.47 -21.27 44.49
CA ILE A 516 -25.84 -21.00 44.85
C ILE A 516 -25.84 -20.63 46.32
N GLY A 517 -26.50 -19.53 46.68
CA GLY A 517 -26.48 -19.02 48.05
C GLY A 517 -27.48 -17.93 48.33
N ALA A 518 -27.39 -17.36 49.53
CA ALA A 518 -28.41 -16.42 50.05
C ALA A 518 -29.70 -17.17 50.36
N SER A 519 -30.29 -17.77 49.32
CA SER A 519 -31.38 -18.76 49.47
C SER A 519 -31.47 -19.67 48.23
N GLY A 520 -31.83 -19.08 47.08
CA GLY A 520 -31.98 -19.83 45.83
C GLY A 520 -31.64 -18.97 44.61
N GLN A 521 -30.49 -18.27 44.71
CA GLN A 521 -29.98 -17.37 43.67
C GLN A 521 -28.73 -17.96 43.02
N ARG A 522 -28.80 -18.22 41.73
CA ARG A 522 -27.63 -18.70 40.99
C ARG A 522 -26.64 -17.55 40.76
N GLU A 523 -25.42 -17.73 41.27
CA GLU A 523 -24.39 -16.71 41.20
C GLU A 523 -23.25 -17.15 40.31
N VAL A 524 -22.66 -16.17 39.63
CA VAL A 524 -21.57 -16.40 38.70
C VAL A 524 -20.62 -15.24 38.83
N VAL A 525 -19.50 -15.50 39.51
CA VAL A 525 -18.47 -14.50 39.61
C VAL A 525 -17.36 -14.93 38.67
N ALA A 526 -16.87 -13.97 37.87
CA ALA A 526 -15.85 -14.23 36.87
C ALA A 526 -14.77 -13.18 36.91
N ASP A 527 -13.66 -13.47 36.23
CA ASP A 527 -12.58 -12.50 36.04
C ASP A 527 -11.75 -12.73 34.76
N SER A 528 -11.10 -11.68 34.28
CA SER A 528 -10.23 -11.81 33.14
C SER A 528 -8.81 -11.29 33.42
N VAL A 529 -7.91 -11.62 32.52
CA VAL A 529 -6.58 -11.03 32.49
C VAL A 529 -5.90 -11.28 31.15
N TRP A 530 -5.44 -10.19 30.53
CA TRP A 530 -4.73 -10.18 29.25
C TRP A 530 -3.22 -10.25 29.40
N VAL A 531 -2.60 -11.27 28.79
CA VAL A 531 -1.17 -11.42 28.85
C VAL A 531 -0.49 -11.22 27.50
N ASP A 532 0.58 -10.43 27.53
CA ASP A 532 1.42 -10.18 26.38
C ASP A 532 2.37 -11.35 26.28
N VAL A 533 2.71 -11.73 25.05
CA VAL A 533 3.65 -12.79 24.77
C VAL A 533 4.72 -12.23 23.83
N LYS A 534 5.90 -12.84 23.86
CA LYS A 534 6.99 -12.42 23.00
C LYS A 534 6.66 -12.62 21.54
N ASP A 535 6.57 -11.50 20.83
CA ASP A 535 6.31 -11.50 19.40
C ASP A 535 7.52 -12.08 18.69
N SER A 536 7.25 -13.07 17.85
CA SER A 536 8.28 -13.77 17.13
C SER A 536 7.60 -14.57 16.05
N CYS A 537 8.35 -15.07 15.08
CA CYS A 537 7.78 -15.98 14.11
C CYS A 537 7.25 -17.19 14.88
N VAL A 538 6.27 -17.89 14.31
CA VAL A 538 5.74 -19.09 14.95
C VAL A 538 6.76 -20.17 14.65
N GLY A 539 7.06 -20.30 13.35
CA GLY A 539 8.16 -21.11 12.89
C GLY A 539 9.40 -20.24 12.89
N SER A 540 10.38 -20.62 12.07
CA SER A 540 11.66 -19.92 12.07
C SER A 540 12.18 -19.87 10.66
N LEU A 541 13.02 -18.88 10.39
CA LEU A 541 13.56 -18.68 9.05
C LEU A 541 14.78 -17.78 9.06
N VAL A 542 15.85 -18.28 8.45
CA VAL A 542 17.05 -17.47 8.29
C VAL A 542 17.59 -17.67 6.90
N VAL A 543 18.48 -16.76 6.50
CA VAL A 543 19.30 -16.94 5.33
C VAL A 543 20.68 -16.61 5.79
N LYS A 544 21.66 -17.42 5.43
CA LYS A 544 23.00 -17.06 5.75
C LYS A 544 23.95 -17.47 4.68
N SER A 545 25.17 -16.91 4.77
CA SER A 545 26.25 -17.27 3.88
C SER A 545 26.82 -18.58 4.39
N GLY A 546 26.22 -19.67 3.94
CA GLY A 546 26.63 -21.01 4.33
C GLY A 546 28.01 -21.35 3.83
N GLN A 547 28.33 -20.84 2.63
CA GLN A 547 29.67 -21.02 2.05
C GLN A 547 30.76 -20.46 2.96
N SER A 548 31.53 -21.38 3.56
CA SER A 548 32.60 -21.09 4.54
C SER A 548 32.53 -19.71 5.24
N GLU A 549 31.63 -19.60 6.22
CA GLU A 549 31.55 -18.47 7.17
C GLU A 549 31.74 -17.05 6.57
N ASP A 550 33.00 -16.74 6.24
CA ASP A 550 33.44 -15.39 5.85
C ASP A 550 34.37 -15.45 4.62
N ARG A 551 34.53 -14.32 3.90
CA ARG A 551 35.65 -14.09 2.93
C ARG A 551 35.58 -12.78 2.09
N GLN A 552 34.47 -12.56 1.38
CA GLN A 552 34.11 -11.25 0.72
C GLN A 552 34.15 -11.24 -0.83
N PRO A 553 32.99 -11.37 -1.51
CA PRO A 553 32.92 -11.74 -2.91
C PRO A 553 32.91 -10.57 -3.90
N VAL A 554 33.08 -10.93 -5.18
CA VAL A 554 33.32 -10.00 -6.29
C VAL A 554 32.22 -10.09 -7.34
N PRO A 555 31.99 -9.00 -8.09
CA PRO A 555 31.04 -9.01 -9.20
C PRO A 555 31.09 -10.26 -10.08
N GLY A 556 29.99 -11.00 -10.06
CA GLY A 556 29.84 -12.22 -10.85
C GLY A 556 29.88 -13.49 -10.02
N GLN A 557 30.53 -13.42 -8.87
CA GLN A 557 30.92 -14.63 -8.14
C GLN A 557 29.70 -15.45 -7.73
N GLN A 558 29.86 -16.77 -7.78
CA GLN A 558 28.80 -17.69 -7.35
C GLN A 558 29.05 -18.09 -5.91
N MET A 559 28.10 -17.82 -5.03
CA MET A 559 28.22 -18.25 -3.63
C MET A 559 27.09 -19.21 -3.30
N THR A 560 26.84 -19.45 -2.01
CA THR A 560 25.78 -20.37 -1.59
C THR A 560 25.03 -19.84 -0.38
N LEU A 561 23.71 -20.08 -0.35
CA LEU A 561 22.86 -19.68 0.78
C LEU A 561 22.22 -20.85 1.49
N LYS A 562 22.70 -21.12 2.69
CA LYS A 562 21.96 -21.91 3.62
C LYS A 562 20.69 -21.14 3.74
N ILE A 563 19.56 -21.80 3.46
CA ILE A 563 18.29 -21.34 4.00
C ILE A 563 17.83 -22.37 5.03
N GLU A 564 17.51 -21.87 6.22
CA GLU A 564 17.16 -22.73 7.34
C GLU A 564 15.76 -22.35 7.76
N GLY A 565 14.82 -23.30 7.66
CA GLY A 565 13.41 -23.04 7.98
C GLY A 565 12.64 -24.30 8.32
N ASP A 566 11.31 -24.25 8.16
CA ASP A 566 10.39 -25.35 8.56
C ASP A 566 10.14 -26.44 7.50
N HIS A 567 10.39 -27.70 7.85
CA HIS A 567 10.18 -28.79 6.90
C HIS A 567 8.76 -28.74 6.37
N GLY A 568 8.61 -28.89 5.06
CA GLY A 568 7.28 -28.86 4.43
C GLY A 568 6.71 -27.45 4.33
N ALA A 569 7.60 -26.47 4.25
CA ALA A 569 7.20 -25.09 4.02
C ALA A 569 7.66 -24.70 2.63
N ARG A 570 7.17 -23.54 2.18
CA ARG A 570 7.68 -22.91 0.96
C ARG A 570 8.21 -21.52 1.30
N VAL A 571 9.42 -21.24 0.79
CA VAL A 571 10.11 -19.99 1.01
C VAL A 571 10.11 -19.20 -0.28
N VAL A 572 9.92 -17.89 -0.16
CA VAL A 572 9.93 -17.06 -1.34
C VAL A 572 10.89 -15.90 -1.14
N LEU A 573 11.84 -15.82 -2.06
CA LEU A 573 12.99 -14.95 -1.92
C LEU A 573 12.92 -13.70 -2.75
N VAL A 574 13.62 -12.68 -2.27
CA VAL A 574 13.87 -11.49 -3.06
C VAL A 574 15.18 -10.90 -2.57
N ALA A 575 15.97 -10.34 -3.48
CA ALA A 575 17.13 -9.55 -3.13
C ALA A 575 16.88 -8.13 -3.62
N VAL A 576 17.39 -7.11 -2.94
CA VAL A 576 17.19 -5.75 -3.41
C VAL A 576 18.41 -4.89 -3.17
N ASP A 577 18.73 -3.99 -4.11
CA ASP A 577 19.93 -3.11 -4.01
C ASP A 577 19.67 -2.05 -2.93
N LYS A 578 20.46 -2.03 -1.86
CA LYS A 578 20.11 -1.18 -0.73
C LYS A 578 19.76 0.22 -1.20
N GLY A 579 20.40 0.63 -2.29
CA GLY A 579 20.02 1.86 -2.97
C GLY A 579 18.54 2.17 -2.89
N VAL A 580 17.73 1.26 -3.40
CA VAL A 580 16.28 1.46 -3.42
C VAL A 580 15.79 2.09 -2.13
N PHE A 581 16.32 1.64 -1.00
CA PHE A 581 15.86 2.16 0.27
C PHE A 581 16.24 3.61 0.46
N VAL A 582 17.43 3.99 0.01
CA VAL A 582 17.82 5.38 0.14
C VAL A 582 16.67 6.25 -0.37
N LEU A 583 15.97 5.77 -1.40
CA LEU A 583 14.78 6.47 -1.91
C LEU A 583 13.56 6.26 -1.01
N ASN A 584 13.04 5.04 -1.01
CA ASN A 584 11.84 4.69 -0.23
C ASN A 584 12.15 3.46 0.61
N LYS A 585 11.95 3.57 1.92
CA LYS A 585 12.16 2.42 2.77
C LYS A 585 10.90 2.11 3.55
N LYS A 586 9.76 2.53 3.00
CA LYS A 586 8.47 2.39 3.67
C LYS A 586 7.75 1.16 3.10
N ASN A 587 6.67 0.75 3.76
CA ASN A 587 5.83 -0.40 3.31
C ASN A 587 6.59 -1.63 2.75
N LYS A 588 7.64 -2.01 3.48
CA LYS A 588 8.29 -3.31 3.31
C LYS A 588 7.53 -4.30 4.19
N LEU A 589 7.98 -5.55 4.24
CA LEU A 589 7.31 -6.57 5.07
C LEU A 589 8.05 -7.03 6.35
N THR A 590 7.27 -7.04 7.43
CA THR A 590 7.78 -7.23 8.78
C THR A 590 6.81 -8.13 9.54
N GLN A 591 7.31 -9.26 10.00
CA GLN A 591 6.55 -10.13 10.88
C GLN A 591 5.71 -9.26 11.83
N SER A 592 6.36 -8.39 12.58
CA SER A 592 5.67 -7.56 13.56
C SER A 592 4.58 -6.66 12.94
N LYS A 593 4.77 -6.20 11.71
CA LYS A 593 3.71 -5.42 11.05
C LYS A 593 2.54 -6.30 10.70
N ILE A 594 2.76 -7.62 10.81
CA ILE A 594 1.66 -8.57 10.78
C ILE A 594 1.01 -8.59 12.15
N TRP A 595 1.75 -9.02 13.17
CA TRP A 595 1.20 -9.12 14.52
C TRP A 595 0.47 -7.84 14.92
N ASP A 596 0.84 -6.72 14.30
CA ASP A 596 0.04 -5.50 14.46
C ASP A 596 -1.39 -5.83 14.01
N VAL A 597 -1.58 -6.23 12.75
CA VAL A 597 -2.92 -6.57 12.27
C VAL A 597 -3.55 -7.48 13.28
N VAL A 598 -2.91 -8.63 13.48
CA VAL A 598 -3.51 -9.70 14.28
C VAL A 598 -4.07 -9.13 15.57
N GLU A 599 -3.36 -8.13 16.12
CA GLU A 599 -3.80 -7.48 17.33
C GLU A 599 -4.18 -6.03 17.14
N LYS A 600 -4.49 -5.68 15.91
CA LYS A 600 -5.45 -4.63 15.67
C LYS A 600 -6.79 -5.36 15.57
N ALA A 601 -6.78 -6.59 15.04
CA ALA A 601 -7.98 -7.32 14.64
C ALA A 601 -8.52 -8.21 15.72
N ASP A 602 -8.32 -7.80 16.96
CA ASP A 602 -8.79 -8.57 18.09
C ASP A 602 -10.31 -8.49 18.13
N ILE A 603 -10.92 -9.32 18.99
CA ILE A 603 -12.31 -9.17 19.38
C ILE A 603 -12.35 -8.67 20.81
N GLY A 604 -11.26 -8.85 21.55
CA GLY A 604 -11.20 -8.44 22.95
C GLY A 604 -10.83 -6.98 23.09
N CYS A 605 -11.42 -6.30 24.08
CA CYS A 605 -11.27 -4.84 24.22
C CYS A 605 -10.71 -4.35 25.57
N THR A 606 -10.87 -5.11 26.67
CA THR A 606 -10.37 -4.68 27.98
C THR A 606 -9.18 -5.51 28.45
N PRO A 607 -8.11 -4.83 28.93
CA PRO A 607 -6.97 -5.41 29.67
C PRO A 607 -7.27 -6.23 30.93
N GLY A 608 -8.54 -6.51 31.22
CA GLY A 608 -8.92 -7.24 32.43
C GLY A 608 -10.20 -6.78 33.11
N SER A 609 -10.87 -7.73 33.75
CA SER A 609 -12.05 -7.45 34.54
C SER A 609 -13.09 -6.69 33.73
N GLY A 610 -14.12 -6.18 34.41
CA GLY A 610 -15.21 -5.43 33.76
C GLY A 610 -15.99 -4.66 34.82
N LYS A 611 -17.12 -4.08 34.47
CA LYS A 611 -17.89 -3.36 35.49
C LYS A 611 -18.63 -4.30 36.44
N ASP A 612 -18.75 -5.58 36.06
CA ASP A 612 -19.48 -6.58 36.85
C ASP A 612 -19.06 -7.98 36.38
N TYR A 613 -19.94 -8.98 36.43
CA TYR A 613 -19.60 -10.31 35.91
C TYR A 613 -19.86 -10.40 34.40
N ALA A 614 -20.90 -9.73 33.93
CA ALA A 614 -21.23 -9.72 32.51
C ALA A 614 -20.15 -9.01 31.73
N GLY A 615 -19.77 -7.83 32.21
CA GLY A 615 -18.68 -7.08 31.61
C GLY A 615 -17.46 -7.96 31.41
N VAL A 616 -17.08 -8.69 32.44
CA VAL A 616 -15.89 -9.52 32.37
C VAL A 616 -15.86 -10.27 31.05
N PHE A 617 -16.90 -11.05 30.79
CA PHE A 617 -16.95 -11.95 29.64
C PHE A 617 -16.96 -11.23 28.27
N SER A 618 -17.84 -10.23 28.10
CA SER A 618 -18.07 -9.59 26.79
C SER A 618 -17.06 -8.51 26.43
N ASP A 619 -16.40 -7.94 27.42
CA ASP A 619 -15.24 -7.13 27.14
C ASP A 619 -14.20 -8.03 26.50
N ALA A 620 -13.96 -9.17 27.14
CA ALA A 620 -12.92 -10.09 26.70
C ALA A 620 -13.31 -10.98 25.50
N GLY A 621 -14.45 -10.70 24.89
CA GLY A 621 -14.85 -11.31 23.61
C GLY A 621 -15.64 -12.61 23.69
N LEU A 622 -16.36 -12.83 24.80
CA LEU A 622 -17.08 -14.09 25.06
C LEU A 622 -18.57 -13.91 25.22
N THR A 623 -19.28 -15.03 25.21
CA THR A 623 -20.74 -15.05 25.26
C THR A 623 -21.22 -16.09 26.23
N PHE A 624 -21.02 -15.81 27.50
CA PHE A 624 -21.54 -16.66 28.53
C PHE A 624 -23.07 -16.68 28.43
N THR A 625 -23.69 -17.80 28.83
CA THR A 625 -25.15 -17.92 28.88
C THR A 625 -25.53 -19.17 29.69
N SER A 626 -26.79 -19.29 30.08
CA SER A 626 -27.24 -20.43 30.88
C SER A 626 -28.75 -20.68 30.84
N SER A 627 -29.13 -21.82 31.38
CA SER A 627 -30.52 -22.22 31.53
C SER A 627 -31.24 -21.49 32.68
N SER A 628 -30.48 -20.72 33.46
CA SER A 628 -31.04 -19.91 34.56
C SER A 628 -31.37 -18.46 34.15
N GLY A 629 -30.67 -17.96 33.12
CA GLY A 629 -30.93 -16.62 32.58
C GLY A 629 -29.74 -15.68 32.68
N GLN A 630 -28.74 -16.05 33.48
CA GLN A 630 -27.52 -15.26 33.62
C GLN A 630 -26.70 -15.37 32.33
N GLN A 631 -26.46 -14.22 31.69
CA GLN A 631 -25.79 -14.19 30.39
C GLN A 631 -25.21 -12.80 30.10
N THR A 632 -24.35 -12.72 29.10
CA THR A 632 -23.86 -11.43 28.63
C THR A 632 -24.97 -10.69 27.88
N ALA A 633 -24.78 -9.39 27.68
CA ALA A 633 -25.72 -8.61 26.87
C ALA A 633 -25.28 -8.63 25.40
N GLN A 634 -26.21 -8.34 24.49
CA GLN A 634 -25.94 -8.41 23.05
C GLN A 634 -24.74 -7.56 22.68
N ARG A 635 -23.96 -8.03 21.71
CA ARG A 635 -22.88 -7.24 21.16
C ARG A 635 -23.40 -6.58 19.91
N ALA A 636 -23.70 -5.30 20.03
CA ALA A 636 -24.21 -4.54 18.91
C ALA A 636 -23.10 -4.29 17.91
N GLU A 637 -22.03 -3.63 18.38
CA GLU A 637 -21.02 -3.08 17.48
C GLU A 637 -19.85 -4.03 17.22
N LEU A 638 -19.49 -4.18 15.94
CA LEU A 638 -18.41 -5.06 15.50
C LEU A 638 -17.03 -4.63 15.96
N GLN A 639 -16.77 -3.32 15.94
CA GLN A 639 -15.46 -2.76 16.28
C GLN A 639 -15.36 -2.56 17.80
N CYS A 640 -14.14 -2.64 18.35
CA CYS A 640 -13.93 -2.27 19.76
C CYS A 640 -14.07 -0.73 19.87
N PRO A 641 -14.86 -0.22 20.86
CA PRO A 641 -15.28 1.19 20.87
C PRO A 641 -14.24 2.21 21.36
N GLN A 642 -13.67 2.97 20.43
CA GLN A 642 -12.78 4.12 20.73
C GLN A 642 -12.66 5.07 19.53
N ASP B 4 49.40 0.01 -25.26
CA ASP B 4 50.69 0.45 -24.63
C ASP B 4 51.34 -0.71 -23.84
N GLU B 5 52.49 -0.43 -23.21
CA GLU B 5 53.30 -1.46 -22.56
C GLU B 5 52.80 -1.83 -21.15
N ASP B 6 52.80 -3.14 -20.85
CA ASP B 6 52.42 -3.67 -19.53
C ASP B 6 50.97 -3.31 -19.15
N ILE B 7 50.00 -4.04 -19.69
CA ILE B 7 48.60 -3.67 -19.53
C ILE B 7 47.62 -4.75 -20.08
N ILE B 8 46.36 -4.36 -20.25
CA ILE B 8 45.34 -5.15 -20.95
C ILE B 8 44.65 -4.28 -21.99
N ALA B 9 44.64 -4.73 -23.25
CA ALA B 9 44.03 -3.94 -24.33
C ALA B 9 42.51 -3.94 -24.22
N GLU B 10 41.87 -2.89 -24.75
CA GLU B 10 40.41 -2.72 -24.66
C GLU B 10 39.62 -3.95 -25.14
N GLU B 11 40.08 -4.56 -26.22
CA GLU B 11 39.39 -5.72 -26.78
C GLU B 11 39.32 -6.86 -25.77
N ASN B 12 40.25 -6.89 -24.81
CA ASN B 12 40.31 -7.94 -23.80
C ASN B 12 39.78 -7.49 -22.43
N ILE B 13 38.73 -6.68 -22.43
CA ILE B 13 38.11 -6.24 -21.18
C ILE B 13 36.61 -6.38 -21.30
N VAL B 14 36.01 -7.18 -20.44
CA VAL B 14 34.56 -7.35 -20.47
C VAL B 14 33.88 -6.40 -19.48
N SER B 15 32.72 -5.89 -19.86
CA SER B 15 32.00 -4.88 -19.08
C SER B 15 31.20 -5.49 -17.95
N ARG B 16 31.17 -4.80 -16.82
CA ARG B 16 30.14 -5.07 -15.82
C ARG B 16 28.85 -4.46 -16.36
N SER B 17 27.87 -5.32 -16.63
CA SER B 17 26.63 -4.89 -17.30
C SER B 17 25.41 -4.99 -16.41
N GLU B 18 25.36 -6.00 -15.55
CA GLU B 18 24.12 -6.42 -14.90
C GLU B 18 23.85 -5.52 -13.72
N PHE B 19 22.73 -4.80 -13.77
CA PHE B 19 22.42 -3.82 -12.75
C PHE B 19 20.98 -3.85 -12.29
N PRO B 20 20.47 -5.06 -11.96
CA PRO B 20 19.18 -5.13 -11.29
C PRO B 20 19.10 -4.21 -10.11
N GLU B 21 17.90 -3.71 -9.88
CA GLU B 21 17.57 -3.02 -8.64
C GLU B 21 17.01 -4.03 -7.64
N SER B 22 16.38 -5.08 -8.19
CA SER B 22 15.80 -6.14 -7.41
C SER B 22 15.98 -7.41 -8.20
N TRP B 23 16.28 -8.50 -7.52
CA TRP B 23 16.51 -9.77 -8.18
C TRP B 23 16.51 -10.92 -7.17
N LEU B 24 16.71 -12.13 -7.67
CA LEU B 24 16.60 -13.35 -6.86
C LEU B 24 15.14 -13.66 -6.51
N TRP B 25 14.20 -13.04 -7.23
CA TRP B 25 12.79 -13.37 -7.06
C TRP B 25 12.72 -14.85 -7.30
N ASN B 26 12.15 -15.59 -6.35
CA ASN B 26 12.29 -17.02 -6.38
C ASN B 26 11.53 -17.82 -5.34
N VAL B 27 11.25 -19.06 -5.69
CA VAL B 27 10.54 -20.01 -4.85
C VAL B 27 11.46 -21.18 -4.63
N GLU B 28 11.79 -21.49 -3.38
CA GLU B 28 12.47 -22.75 -3.05
C GLU B 28 11.75 -23.45 -1.89
N ASP B 29 11.49 -24.73 -2.08
CA ASP B 29 10.75 -25.53 -1.11
C ASP B 29 11.76 -26.36 -0.30
N LEU B 30 11.63 -26.34 1.02
CA LEU B 30 12.61 -26.97 1.93
C LEU B 30 12.40 -28.49 2.03
N LYS B 31 12.55 -29.19 0.92
CA LYS B 31 12.08 -30.57 0.84
C LYS B 31 12.98 -31.54 1.61
N GLU B 32 14.23 -31.14 1.86
CA GLU B 32 15.21 -31.99 2.56
C GLU B 32 14.73 -32.31 3.99
N PRO B 33 15.28 -33.37 4.62
CA PRO B 33 14.67 -33.93 5.83
C PRO B 33 15.14 -33.28 7.12
N PRO B 34 14.22 -33.07 8.09
CA PRO B 34 14.41 -32.19 9.26
C PRO B 34 15.43 -32.68 10.29
N LYS B 35 16.44 -31.85 10.55
CA LYS B 35 17.45 -32.10 11.59
C LYS B 35 17.22 -31.09 12.71
N ASN B 36 17.01 -31.57 13.93
CA ASN B 36 16.52 -30.74 15.05
C ASN B 36 15.05 -30.31 14.88
N GLY B 37 14.45 -30.66 13.74
CA GLY B 37 13.19 -30.04 13.28
C GLY B 37 13.38 -28.76 12.45
N ILE B 38 14.57 -28.62 11.87
CA ILE B 38 15.00 -27.41 11.12
C ILE B 38 15.67 -27.80 9.77
N SER B 39 14.98 -27.60 8.65
CA SER B 39 15.44 -28.06 7.33
C SER B 39 16.38 -27.09 6.64
N THR B 40 17.22 -27.63 5.76
CA THR B 40 18.25 -26.82 5.09
C THR B 40 18.33 -27.06 3.57
N LYS B 41 18.12 -25.99 2.80
CA LYS B 41 18.47 -26.01 1.39
C LYS B 41 19.64 -25.04 1.15
N LEU B 42 20.58 -25.50 0.31
CA LEU B 42 21.72 -24.71 -0.12
C LEU B 42 21.47 -24.20 -1.52
N MET B 43 20.99 -22.97 -1.64
CA MET B 43 20.87 -22.34 -2.95
C MET B 43 22.25 -21.87 -3.35
N ASN B 44 22.70 -22.32 -4.51
CA ASN B 44 23.93 -21.83 -5.10
C ASN B 44 23.42 -20.70 -5.99
N ILE B 45 24.16 -19.61 -6.15
CA ILE B 45 23.68 -18.47 -6.97
C ILE B 45 24.74 -17.60 -7.60
N PHE B 46 24.53 -17.29 -8.87
CA PHE B 46 25.31 -16.29 -9.60
C PHE B 46 24.97 -14.93 -9.00
N LEU B 47 25.99 -14.07 -8.90
CA LEU B 47 25.81 -12.71 -8.43
C LEU B 47 25.76 -11.76 -9.61
N LYS B 48 24.96 -10.71 -9.46
CA LYS B 48 24.84 -9.67 -10.46
C LYS B 48 26.03 -8.74 -10.32
N ASP B 49 26.43 -8.12 -11.41
CA ASP B 49 27.66 -7.36 -11.44
C ASP B 49 27.62 -6.03 -10.65
N SER B 50 26.43 -5.58 -10.24
CA SER B 50 26.29 -4.39 -9.38
C SER B 50 27.24 -4.41 -8.18
N ILE B 51 28.20 -3.49 -8.16
CA ILE B 51 29.04 -3.32 -6.98
C ILE B 51 28.24 -2.53 -5.94
N THR B 52 27.82 -3.20 -4.86
CA THR B 52 27.06 -2.55 -3.79
C THR B 52 26.77 -3.54 -2.62
N THR B 53 25.73 -3.29 -1.84
CA THR B 53 25.23 -4.28 -0.86
C THR B 53 23.84 -4.78 -1.23
N TRP B 54 23.70 -6.12 -1.20
CA TRP B 54 22.42 -6.79 -1.44
C TRP B 54 21.75 -7.13 -0.12
N GLU B 55 20.56 -6.60 0.10
CA GLU B 55 19.73 -7.02 1.20
C GLU B 55 18.92 -8.18 0.68
N ILE B 56 18.90 -9.29 1.42
CA ILE B 56 18.04 -10.42 1.10
C ILE B 56 16.99 -10.59 2.19
N LEU B 57 15.74 -10.79 1.77
CA LEU B 57 14.63 -11.06 2.67
C LEU B 57 13.88 -12.32 2.22
N ALA B 58 13.73 -13.26 3.15
CA ALA B 58 12.95 -14.46 2.90
C ALA B 58 11.59 -14.39 3.59
N VAL B 59 10.60 -15.11 3.06
CA VAL B 59 9.34 -15.34 3.76
C VAL B 59 8.92 -16.78 3.52
N SER B 60 8.54 -17.48 4.58
CA SER B 60 8.13 -18.87 4.48
C SER B 60 6.67 -19.07 4.85
N MET B 61 6.00 -20.01 4.16
CA MET B 61 4.61 -20.33 4.38
C MET B 61 4.49 -21.83 4.57
N SER B 62 4.00 -22.22 5.74
CA SER B 62 4.03 -23.61 6.19
C SER B 62 2.64 -24.13 6.52
N ASP B 63 2.45 -25.44 6.38
CA ASP B 63 1.13 -26.02 6.65
C ASP B 63 0.60 -25.72 8.04
N LYS B 64 1.38 -26.10 9.05
CA LYS B 64 1.00 -25.97 10.47
C LYS B 64 1.45 -24.66 11.09
N LYS B 65 2.63 -24.20 10.69
CA LYS B 65 3.32 -23.10 11.36
C LYS B 65 3.07 -21.76 10.66
N GLY B 66 1.98 -21.69 9.91
CA GLY B 66 1.47 -20.46 9.33
C GLY B 66 2.46 -19.72 8.44
N ILE B 67 2.27 -18.41 8.37
CA ILE B 67 3.21 -17.50 7.74
C ILE B 67 4.39 -17.26 8.66
N CYS B 68 5.50 -16.85 8.07
CA CYS B 68 6.62 -16.37 8.83
C CYS B 68 7.63 -15.66 7.95
N VAL B 69 8.18 -14.57 8.48
CA VAL B 69 9.13 -13.75 7.76
C VAL B 69 10.45 -13.76 8.46
N ALA B 70 11.51 -13.93 7.70
CA ALA B 70 12.84 -13.99 8.25
C ALA B 70 13.32 -12.58 8.49
N ASP B 71 14.64 -12.46 8.61
CA ASP B 71 15.30 -11.19 8.77
C ASP B 71 16.15 -10.89 7.54
N PRO B 72 16.52 -9.61 7.36
CA PRO B 72 17.39 -9.20 6.29
C PRO B 72 18.73 -9.84 6.44
N PHE B 73 19.42 -10.07 5.33
CA PHE B 73 20.74 -10.62 5.38
C PHE B 73 21.57 -10.00 4.32
N GLU B 74 22.54 -9.20 4.72
CA GLU B 74 23.24 -8.34 3.79
C GLU B 74 24.44 -9.07 3.23
N VAL B 75 24.56 -9.02 1.91
CA VAL B 75 25.68 -9.61 1.21
C VAL B 75 26.25 -8.53 0.34
N THR B 76 27.55 -8.30 0.47
CA THR B 76 28.20 -7.13 -0.13
C THR B 76 29.22 -7.55 -1.19
N VAL B 77 29.17 -6.90 -2.35
CA VAL B 77 29.97 -7.30 -3.50
C VAL B 77 30.97 -6.19 -3.82
N MET B 78 32.27 -6.49 -3.74
CA MET B 78 33.27 -5.43 -3.73
C MET B 78 34.49 -5.69 -4.61
N GLN B 79 35.18 -4.61 -4.98
CA GLN B 79 36.45 -4.69 -5.71
C GLN B 79 37.48 -3.72 -5.11
N ASP B 80 38.75 -4.10 -5.19
CA ASP B 80 39.86 -3.20 -4.86
C ASP B 80 39.90 -2.01 -5.84
N PHE B 81 39.55 -2.24 -7.11
CA PHE B 81 39.46 -1.18 -8.11
C PHE B 81 38.20 -1.33 -8.97
N PHE B 82 37.57 -0.22 -9.31
CA PHE B 82 36.35 -0.24 -10.14
C PHE B 82 35.90 1.18 -10.56
N ILE B 83 34.94 1.23 -11.49
CA ILE B 83 34.39 2.50 -11.97
C ILE B 83 32.94 2.61 -11.50
N ASP B 84 32.43 3.83 -11.42
CA ASP B 84 31.04 4.07 -11.04
C ASP B 84 30.49 5.07 -12.05
N LEU B 85 29.94 4.57 -13.14
CA LEU B 85 29.50 5.45 -14.22
C LEU B 85 28.17 6.11 -13.89
N ARG B 86 28.18 7.45 -13.78
CA ARG B 86 27.03 8.20 -13.24
C ARG B 86 26.09 8.78 -14.31
N LEU B 87 25.40 7.90 -15.03
CA LEU B 87 24.42 8.31 -16.02
C LEU B 87 23.15 8.78 -15.35
N PRO B 88 22.55 9.84 -15.85
CA PRO B 88 21.24 10.24 -15.35
C PRO B 88 20.10 9.29 -15.78
N TYR B 89 18.88 9.74 -15.52
CA TYR B 89 17.69 8.97 -15.88
C TYR B 89 17.41 9.15 -17.34
N SER B 90 17.28 10.41 -17.78
CA SER B 90 17.09 10.74 -19.21
C SER B 90 17.90 11.96 -19.65
N VAL B 91 18.07 12.13 -20.95
CA VAL B 91 18.76 13.29 -21.54
C VAL B 91 18.16 13.63 -22.90
N VAL B 92 17.97 14.92 -23.18
CA VAL B 92 17.18 15.31 -24.33
C VAL B 92 18.03 15.23 -25.58
N ARG B 93 17.39 14.86 -26.68
CA ARG B 93 18.06 14.74 -27.97
C ARG B 93 18.76 16.03 -28.37
N ASN B 94 19.88 15.90 -29.08
CA ASN B 94 20.58 17.06 -29.64
C ASN B 94 20.63 18.23 -28.68
N GLU B 95 20.96 17.91 -27.44
CA GLU B 95 21.26 18.89 -26.41
C GLU B 95 22.51 18.31 -25.76
N GLN B 96 23.59 19.08 -25.73
CA GLN B 96 24.87 18.58 -25.23
C GLN B 96 24.76 18.35 -23.73
N VAL B 97 25.26 17.19 -23.27
CA VAL B 97 25.16 16.81 -21.86
C VAL B 97 26.52 16.40 -21.27
N GLU B 98 26.62 16.40 -19.95
CA GLU B 98 27.82 15.91 -19.26
C GLU B 98 27.52 14.75 -18.30
N ILE B 99 28.47 13.82 -18.18
CA ILE B 99 28.32 12.65 -17.34
C ILE B 99 29.62 12.39 -16.61
N ARG B 100 29.51 11.88 -15.40
CA ARG B 100 30.68 11.69 -14.56
C ARG B 100 31.01 10.21 -14.61
N ALA B 101 32.29 9.89 -14.72
CA ALA B 101 32.73 8.50 -14.62
C ALA B 101 33.70 8.45 -13.47
N VAL B 102 33.26 7.87 -12.36
CA VAL B 102 34.06 7.90 -11.16
C VAL B 102 34.86 6.61 -11.00
N LEU B 103 36.15 6.76 -10.73
CA LEU B 103 37.03 5.64 -10.50
C LEU B 103 37.43 5.63 -9.02
N TYR B 104 37.65 4.46 -8.45
CA TYR B 104 38.13 4.34 -7.07
C TYR B 104 39.35 3.40 -6.96
N ASN B 105 40.30 3.78 -6.12
CA ASN B 105 41.48 2.97 -5.82
C ASN B 105 41.48 2.72 -4.32
N TYR B 106 41.30 1.45 -3.94
CA TYR B 106 41.20 1.03 -2.54
C TYR B 106 42.32 0.11 -2.05
N ARG B 107 43.21 -0.28 -2.96
CA ARG B 107 44.47 -0.89 -2.58
C ARG B 107 45.06 -0.07 -1.43
N GLN B 108 45.38 -0.74 -0.32
CA GLN B 108 45.61 -0.05 0.97
C GLN B 108 46.79 0.95 1.01
N ASN B 109 47.81 0.74 0.19
CA ASN B 109 48.96 1.64 0.15
C ASN B 109 49.66 1.58 -1.22
N GLN B 110 48.88 1.83 -2.26
CA GLN B 110 49.32 1.58 -3.63
C GLN B 110 48.75 2.65 -4.59
N GLU B 111 49.63 3.44 -5.21
CA GLU B 111 49.20 4.38 -6.24
C GLU B 111 48.91 3.60 -7.52
N LEU B 112 47.93 4.06 -8.30
CA LEU B 112 47.54 3.37 -9.52
C LEU B 112 47.63 4.27 -10.74
N LYS B 113 48.51 3.94 -11.68
CA LYS B 113 48.54 4.62 -13.00
C LYS B 113 47.54 3.91 -13.93
N VAL B 114 46.58 4.69 -14.46
CA VAL B 114 45.36 4.16 -15.08
C VAL B 114 45.11 4.70 -16.48
N ARG B 115 44.39 3.95 -17.31
CA ARG B 115 43.97 4.44 -18.62
C ARG B 115 42.47 4.23 -18.80
N VAL B 116 41.73 5.32 -18.67
CA VAL B 116 40.30 5.30 -18.83
C VAL B 116 39.95 5.70 -20.24
N GLU B 117 38.99 4.97 -20.79
CA GLU B 117 38.64 5.10 -22.19
C GLU B 117 37.14 5.12 -22.28
N LEU B 118 36.58 6.01 -23.10
CA LEU B 118 35.19 5.87 -23.54
C LEU B 118 35.21 5.10 -24.85
N LEU B 119 34.23 4.22 -25.02
CA LEU B 119 34.03 3.49 -26.27
C LEU B 119 33.01 4.19 -27.18
N HIS B 120 33.27 4.13 -28.48
CA HIS B 120 32.49 4.86 -29.47
C HIS B 120 31.13 4.21 -29.83
N ASN B 121 30.07 5.00 -29.72
CA ASN B 121 28.71 4.59 -30.10
C ASN B 121 28.04 5.67 -30.97
N PRO B 122 27.70 5.32 -32.22
CA PRO B 122 27.05 6.26 -33.17
C PRO B 122 25.73 6.84 -32.70
N ALA B 123 25.24 6.41 -31.54
CA ALA B 123 24.10 7.02 -30.89
C ALA B 123 24.49 8.27 -30.12
N PHE B 124 25.79 8.61 -30.16
CA PHE B 124 26.31 9.69 -29.34
C PHE B 124 27.43 10.44 -30.00
N CYS B 125 27.32 11.77 -30.01
CA CYS B 125 28.44 12.59 -30.38
C CYS B 125 29.35 12.65 -29.17
N SER B 126 30.63 12.44 -29.42
CA SER B 126 31.61 12.32 -28.37
C SER B 126 32.95 12.35 -29.06
N LEU B 127 34.00 12.66 -28.31
CA LEU B 127 35.32 12.81 -28.90
C LEU B 127 35.85 11.53 -29.53
N ALA B 128 35.41 10.40 -29.00
CA ALA B 128 35.80 9.11 -29.55
C ALA B 128 35.22 8.94 -30.96
N THR B 129 36.11 8.79 -31.94
CA THR B 129 35.72 8.37 -33.30
C THR B 129 36.30 6.99 -33.56
N THR B 130 35.72 6.28 -34.52
CA THR B 130 36.04 4.86 -34.71
C THR B 130 37.53 4.58 -35.01
N LYS B 131 38.23 5.55 -35.59
CA LYS B 131 39.68 5.43 -35.85
C LYS B 131 40.54 6.37 -34.99
N ARG B 132 39.97 6.82 -33.87
CA ARG B 132 40.74 7.51 -32.82
C ARG B 132 39.96 7.43 -31.50
N ARG B 133 40.42 6.57 -30.58
CA ARG B 133 39.73 6.33 -29.31
C ARG B 133 39.75 7.59 -28.47
N HIS B 134 38.85 7.68 -27.48
CA HIS B 134 38.92 8.73 -26.46
C HIS B 134 39.41 8.12 -25.16
N GLN B 135 40.58 8.56 -24.73
CA GLN B 135 41.31 7.91 -23.65
C GLN B 135 42.20 8.88 -22.91
N GLN B 136 42.20 8.78 -21.58
CA GLN B 136 43.14 9.55 -20.76
C GLN B 136 44.01 8.60 -19.96
N THR B 137 45.15 9.10 -19.50
CA THR B 137 46.07 8.37 -18.62
C THR B 137 46.25 9.21 -17.35
N VAL B 138 45.87 8.65 -16.18
CA VAL B 138 45.96 9.38 -14.90
C VAL B 138 46.36 8.50 -13.71
N THR B 139 46.84 9.16 -12.66
CA THR B 139 47.40 8.52 -11.47
C THR B 139 46.46 8.70 -10.26
N ILE B 140 45.64 7.70 -9.96
CA ILE B 140 44.80 7.74 -8.75
C ILE B 140 45.67 7.36 -7.54
N PRO B 141 45.56 8.15 -6.45
CA PRO B 141 46.32 7.84 -5.23
C PRO B 141 45.73 6.67 -4.44
N PRO B 142 46.32 6.33 -3.28
CA PRO B 142 45.71 5.29 -2.44
C PRO B 142 44.43 5.77 -1.78
N LYS B 143 43.74 4.86 -1.10
CA LYS B 143 42.46 5.16 -0.48
C LYS B 143 41.82 6.43 -1.04
N SER B 144 41.28 6.34 -2.25
CA SER B 144 40.73 7.51 -2.92
C SER B 144 39.80 7.19 -4.10
N SER B 145 39.23 8.26 -4.65
CA SER B 145 38.49 8.23 -5.92
C SER B 145 38.99 9.37 -6.83
N LEU B 146 38.43 9.46 -8.04
CA LEU B 146 38.89 10.43 -9.04
C LEU B 146 37.88 10.57 -10.20
N SER B 147 37.26 11.74 -10.34
CA SER B 147 36.25 11.95 -11.38
C SER B 147 36.84 12.24 -12.75
N VAL B 148 36.37 11.49 -13.75
CA VAL B 148 36.69 11.73 -15.15
C VAL B 148 35.37 12.08 -15.79
N PRO B 149 35.22 13.31 -16.28
CA PRO B 149 34.02 13.61 -17.05
C PRO B 149 34.15 13.21 -18.52
N TYR B 150 33.01 13.22 -19.20
CA TYR B 150 32.89 12.88 -20.59
C TYR B 150 31.73 13.75 -21.07
N VAL B 151 31.93 14.51 -22.14
CA VAL B 151 30.89 15.41 -22.66
C VAL B 151 30.37 14.87 -24.00
N ILE B 152 29.06 14.70 -24.11
CA ILE B 152 28.50 14.01 -25.25
C ILE B 152 27.22 14.64 -25.74
N VAL B 153 26.76 14.12 -26.86
CA VAL B 153 25.54 14.58 -27.47
C VAL B 153 24.72 13.36 -27.84
N PRO B 154 23.48 13.29 -27.36
CA PRO B 154 22.59 12.18 -27.68
C PRO B 154 21.90 12.46 -29.00
N LEU B 155 22.17 11.59 -29.96
CA LEU B 155 21.61 11.73 -31.30
C LEU B 155 20.41 10.81 -31.53
N LYS B 156 20.52 9.59 -31.02
CA LYS B 156 19.54 8.55 -31.28
C LYS B 156 18.48 8.54 -30.17
N THR B 157 17.28 8.97 -30.54
CA THR B 157 16.15 8.99 -29.62
C THR B 157 15.70 7.58 -29.32
N GLY B 158 15.31 7.34 -28.06
CA GLY B 158 14.81 6.03 -27.63
C GLY B 158 15.48 5.53 -26.36
N LEU B 159 16.16 4.37 -26.46
CA LEU B 159 16.95 3.82 -25.36
C LEU B 159 18.35 3.57 -25.89
N GLN B 160 19.36 4.26 -25.34
CA GLN B 160 20.74 4.16 -25.85
C GLN B 160 21.77 3.79 -24.79
N GLU B 161 22.93 3.30 -25.26
CA GLU B 161 23.92 2.60 -24.41
C GLU B 161 25.21 3.43 -24.25
N VAL B 162 25.87 3.31 -23.09
CA VAL B 162 27.11 4.04 -22.79
C VAL B 162 28.14 3.18 -22.08
N GLU B 163 29.30 2.96 -22.71
CA GLU B 163 30.27 2.01 -22.21
C GLU B 163 31.62 2.66 -21.96
N VAL B 164 32.09 2.65 -20.70
CA VAL B 164 33.45 3.13 -20.37
C VAL B 164 34.25 2.11 -19.56
N LYS B 165 35.56 2.11 -19.77
CA LYS B 165 36.45 1.08 -19.28
C LYS B 165 37.75 1.67 -18.76
N ALA B 166 38.53 0.82 -18.11
CA ALA B 166 39.81 1.21 -17.58
C ALA B 166 40.65 -0.01 -17.28
N ALA B 167 41.96 0.15 -17.52
CA ALA B 167 42.98 -0.80 -17.06
C ALA B 167 44.04 -0.04 -16.28
N VAL B 168 44.85 -0.77 -15.53
CA VAL B 168 45.92 -0.17 -14.74
C VAL B 168 47.28 -0.66 -15.22
N TYR B 169 48.30 0.17 -15.04
CA TYR B 169 49.65 -0.17 -15.50
C TYR B 169 50.35 -1.08 -14.49
N HIS B 170 51.43 -1.71 -14.93
CA HIS B 170 52.30 -2.52 -14.07
C HIS B 170 51.56 -3.46 -13.13
N HIS B 171 50.39 -3.93 -13.58
CA HIS B 171 49.55 -4.84 -12.79
C HIS B 171 48.57 -5.55 -13.74
N PHE B 172 47.66 -6.34 -13.17
CA PHE B 172 46.50 -6.83 -13.90
C PHE B 172 45.19 -6.48 -13.19
N ILE B 173 44.70 -5.26 -13.43
CA ILE B 173 43.38 -4.90 -12.94
C ILE B 173 42.66 -4.16 -14.05
N SER B 174 41.40 -4.53 -14.26
CA SER B 174 40.60 -3.98 -15.34
C SER B 174 39.18 -3.90 -14.84
N ASP B 175 38.40 -3.06 -15.50
CA ASP B 175 36.99 -2.93 -15.14
C ASP B 175 36.27 -2.11 -16.19
N GLY B 176 34.95 -2.24 -16.23
CA GLY B 176 34.15 -1.58 -17.25
C GLY B 176 32.65 -1.57 -17.02
N VAL B 177 32.05 -0.40 -17.25
CA VAL B 177 30.64 -0.17 -16.98
C VAL B 177 29.86 0.05 -18.29
N ARG B 178 28.63 -0.44 -18.29
CA ARG B 178 27.75 -0.34 -19.44
C ARG B 178 26.35 -0.10 -18.94
N LYS B 179 26.14 1.08 -18.37
CA LYS B 179 24.79 1.50 -18.01
C LYS B 179 24.10 1.93 -19.30
N SER B 180 22.85 2.38 -19.19
CA SER B 180 22.14 2.99 -20.32
C SER B 180 21.17 4.08 -19.81
N LEU B 181 20.90 5.06 -20.66
CA LEU B 181 20.07 6.19 -20.28
C LEU B 181 19.07 6.50 -21.36
N LYS B 182 18.03 7.21 -20.98
CA LYS B 182 16.87 7.43 -21.85
C LYS B 182 17.03 8.71 -22.67
N VAL B 183 16.94 8.57 -23.99
CA VAL B 183 16.98 9.71 -24.91
C VAL B 183 15.54 10.09 -25.27
N VAL B 184 15.25 11.38 -25.25
CA VAL B 184 13.88 11.83 -25.41
C VAL B 184 13.78 13.06 -26.31
N PRO B 185 12.70 13.14 -27.11
CA PRO B 185 12.31 14.24 -28.00
C PRO B 185 12.73 15.66 -27.61
N GLU B 186 13.22 16.39 -28.62
CA GLU B 186 13.79 17.74 -28.47
C GLU B 186 12.82 18.68 -27.80
N GLY B 187 11.58 18.66 -28.26
CA GLY B 187 10.56 19.59 -27.80
C GLY B 187 10.08 19.31 -26.40
N ILE B 188 8.76 19.21 -26.23
CA ILE B 188 8.20 19.16 -24.91
C ILE B 188 6.85 18.40 -24.88
N ARG B 189 6.58 17.77 -23.73
CA ARG B 189 5.42 16.89 -23.52
C ARG B 189 4.10 17.65 -23.55
N MET B 190 3.13 17.13 -24.32
CA MET B 190 1.83 17.79 -24.47
C MET B 190 0.65 16.82 -24.41
N ASN B 191 -0.42 17.23 -23.71
CA ASN B 191 -1.72 16.53 -23.71
C ASN B 191 -2.80 17.39 -24.38
N LYS B 192 -3.12 17.10 -25.64
CA LYS B 192 -4.19 17.81 -26.35
C LYS B 192 -5.40 16.89 -26.52
N THR B 193 -6.51 17.25 -25.89
CA THR B 193 -7.74 16.45 -25.94
C THR B 193 -8.35 16.54 -27.34
N VAL B 194 -9.11 15.52 -27.74
CA VAL B 194 -9.85 15.54 -29.01
C VAL B 194 -11.37 15.28 -28.88
N ALA B 195 -11.79 14.60 -27.81
CA ALA B 195 -13.22 14.48 -27.53
C ALA B 195 -13.54 13.95 -26.12
N VAL B 196 -14.55 14.57 -25.50
CA VAL B 196 -15.09 14.16 -24.20
C VAL B 196 -16.58 13.81 -24.40
N ARG B 197 -16.84 12.56 -24.75
CA ARG B 197 -18.20 12.14 -25.01
C ARG B 197 -18.77 11.28 -23.87
N THR B 198 -20.10 11.32 -23.72
CA THR B 198 -20.85 10.60 -22.69
C THR B 198 -21.57 9.41 -23.34
N LEU B 199 -21.15 8.21 -22.96
CA LEU B 199 -21.75 6.96 -23.42
C LEU B 199 -23.00 6.70 -22.61
N ASP B 200 -24.13 6.69 -23.30
CA ASP B 200 -25.43 6.57 -22.65
C ASP B 200 -26.45 6.18 -23.69
N PRO B 201 -26.56 4.88 -24.00
CA PRO B 201 -27.57 4.43 -24.95
C PRO B 201 -28.96 4.74 -24.45
N GLU B 202 -29.81 5.31 -25.31
CA GLU B 202 -31.18 5.75 -24.97
C GLU B 202 -31.25 7.27 -24.76
N ARG B 203 -30.51 7.81 -23.79
CA ARG B 203 -30.40 9.28 -23.66
C ARG B 203 -29.57 9.85 -24.81
N LEU B 204 -30.22 10.02 -25.97
CA LEU B 204 -29.59 10.53 -27.19
C LEU B 204 -28.30 9.77 -27.58
N GLY B 205 -28.20 8.54 -27.09
CA GLY B 205 -27.49 7.50 -27.80
C GLY B 205 -28.49 7.02 -28.83
N ARG B 206 -29.77 7.08 -28.44
CA ARG B 206 -30.96 6.92 -29.31
C ARG B 206 -31.52 5.49 -29.36
N GLU B 207 -32.65 5.34 -30.04
CA GLU B 207 -33.26 4.04 -30.26
C GLU B 207 -32.27 3.15 -31.02
N GLY B 208 -31.78 3.69 -32.13
CA GLY B 208 -30.59 3.17 -32.78
C GLY B 208 -29.41 3.51 -31.89
N VAL B 209 -28.86 2.48 -31.24
CA VAL B 209 -27.87 2.63 -30.16
C VAL B 209 -26.65 3.51 -30.50
N GLN B 210 -25.96 3.97 -29.46
CA GLN B 210 -24.96 5.04 -29.60
C GLN B 210 -23.79 4.69 -30.50
N LYS B 211 -23.61 5.51 -31.55
CA LYS B 211 -22.59 5.32 -32.57
C LYS B 211 -21.72 6.57 -32.58
N GLU B 212 -20.40 6.40 -32.64
CA GLU B 212 -19.50 7.52 -32.38
C GLU B 212 -18.28 7.64 -33.30
N ASP B 213 -18.24 8.75 -34.03
CA ASP B 213 -17.08 9.15 -34.80
C ASP B 213 -16.21 10.06 -33.92
N ILE B 214 -14.90 10.04 -34.16
CA ILE B 214 -13.92 10.69 -33.29
C ILE B 214 -12.69 11.06 -34.12
N PRO B 215 -12.46 12.37 -34.37
CA PRO B 215 -11.55 12.77 -35.44
C PRO B 215 -10.08 12.70 -35.05
N PRO B 216 -9.18 12.64 -36.05
CA PRO B 216 -7.74 12.77 -35.81
C PRO B 216 -7.40 14.04 -35.03
N ALA B 217 -6.21 14.07 -34.42
CA ALA B 217 -5.77 15.24 -33.65
C ALA B 217 -5.28 16.36 -34.58
N ASP B 218 -4.94 17.50 -33.99
CA ASP B 218 -4.48 18.68 -34.74
C ASP B 218 -3.23 18.35 -35.58
N LEU B 219 -2.08 18.29 -34.90
CA LEU B 219 -0.81 17.75 -35.44
C LEU B 219 -0.31 18.32 -36.78
N SER B 220 0.15 19.57 -36.72
CA SER B 220 1.08 20.12 -37.72
C SER B 220 2.15 21.05 -37.08
N ASP B 221 2.25 21.02 -35.75
CA ASP B 221 3.41 21.58 -35.05
C ASP B 221 4.10 20.43 -34.27
N GLN B 222 4.26 19.31 -34.97
CA GLN B 222 4.88 18.08 -34.42
C GLN B 222 6.39 18.06 -34.74
N VAL B 223 7.20 17.73 -33.73
CA VAL B 223 8.65 17.57 -33.90
C VAL B 223 8.93 16.20 -34.54
N PRO B 224 9.41 16.18 -35.80
CA PRO B 224 9.44 14.88 -36.52
C PRO B 224 10.37 13.83 -35.91
N ASP B 225 10.19 12.58 -36.36
CA ASP B 225 10.89 11.40 -35.81
C ASP B 225 10.67 11.26 -34.28
N THR B 226 9.43 11.48 -33.84
CA THR B 226 9.04 11.24 -32.44
C THR B 226 7.66 10.57 -32.32
N GLU B 227 7.49 9.80 -31.26
CA GLU B 227 6.25 9.10 -30.95
C GLU B 227 5.01 10.02 -30.82
N SER B 228 3.84 9.43 -30.99
CA SER B 228 2.57 10.12 -30.85
C SER B 228 1.50 9.14 -30.41
N GLU B 229 1.52 8.79 -29.14
CA GLU B 229 0.54 7.85 -28.57
C GLU B 229 -0.85 8.49 -28.52
N THR B 230 -1.84 7.74 -29.00
CA THR B 230 -3.24 8.12 -28.94
C THR B 230 -3.88 7.23 -27.90
N ARG B 231 -4.34 7.83 -26.81
CA ARG B 231 -4.87 7.07 -25.70
C ARG B 231 -6.38 7.16 -25.69
N ILE B 232 -7.01 6.19 -25.03
CA ILE B 232 -8.45 6.17 -24.82
C ILE B 232 -8.78 5.87 -23.33
N LEU B 233 -9.75 6.58 -22.78
CA LEU B 233 -10.13 6.35 -21.41
C LEU B 233 -11.62 6.04 -21.37
N LEU B 234 -11.93 4.76 -21.21
CA LEU B 234 -13.29 4.34 -21.00
C LEU B 234 -13.53 4.20 -19.54
N GLN B 235 -14.40 5.05 -18.99
CA GLN B 235 -14.91 4.85 -17.64
C GLN B 235 -16.40 4.46 -17.72
N GLY B 236 -16.94 3.89 -16.65
CA GLY B 236 -18.38 3.63 -16.53
C GLY B 236 -18.95 4.27 -15.26
N THR B 237 -19.70 5.35 -15.40
CA THR B 237 -20.18 6.15 -14.26
C THR B 237 -21.56 5.73 -13.75
N PRO B 238 -21.61 5.07 -12.58
CA PRO B 238 -22.89 4.65 -12.04
C PRO B 238 -23.36 5.56 -10.92
N VAL B 239 -24.66 5.49 -10.62
CA VAL B 239 -25.20 5.98 -9.36
C VAL B 239 -26.24 4.96 -8.92
N ALA B 240 -26.20 4.58 -7.65
CA ALA B 240 -27.00 3.45 -7.16
C ALA B 240 -28.02 3.85 -6.09
N GLN B 241 -29.06 3.02 -5.96
CA GLN B 241 -30.12 3.14 -4.94
C GLN B 241 -31.04 4.37 -5.04
N MET B 242 -32.34 4.11 -4.86
CA MET B 242 -33.29 5.13 -4.40
C MET B 242 -34.09 4.59 -3.19
N THR B 243 -33.36 4.04 -2.22
CA THR B 243 -33.94 3.51 -0.99
C THR B 243 -33.98 4.62 0.04
N GLU B 244 -35.18 5.04 0.43
CA GLU B 244 -35.35 6.06 1.46
C GLU B 244 -35.17 5.45 2.84
N ASP B 245 -34.74 6.26 3.80
CA ASP B 245 -34.43 5.81 5.15
C ASP B 245 -35.56 4.98 5.77
N ALA B 246 -35.18 3.98 6.55
CA ALA B 246 -36.14 3.19 7.33
C ALA B 246 -36.64 4.04 8.49
N VAL B 247 -37.87 3.77 8.93
CA VAL B 247 -38.41 4.39 10.13
C VAL B 247 -37.70 3.73 11.31
N ASP B 248 -37.07 4.54 12.16
CA ASP B 248 -36.18 4.04 13.23
C ASP B 248 -36.85 3.04 14.17
N ALA B 249 -36.00 2.23 14.81
CA ALA B 249 -36.46 1.15 15.68
C ALA B 249 -36.89 1.67 17.05
N GLU B 250 -36.17 2.65 17.58
CA GLU B 250 -36.45 3.19 18.93
C GLU B 250 -37.87 3.80 19.05
N ARG B 251 -38.63 3.80 17.95
CA ARG B 251 -39.91 4.51 17.85
C ARG B 251 -41.12 3.56 17.91
N LEU B 252 -40.97 2.35 17.40
CA LEU B 252 -42.08 1.39 17.34
C LEU B 252 -42.23 0.50 18.59
N LYS B 253 -41.81 0.99 19.75
CA LYS B 253 -41.81 0.17 20.98
C LYS B 253 -43.21 -0.11 21.54
N HIS B 254 -44.14 0.80 21.32
CA HIS B 254 -45.52 0.63 21.79
C HIS B 254 -46.37 -0.25 20.87
N LEU B 255 -45.89 -0.51 19.66
CA LEU B 255 -46.58 -1.39 18.71
C LEU B 255 -46.61 -2.83 19.16
N ILE B 256 -45.67 -3.19 20.04
CA ILE B 256 -45.72 -4.51 20.68
C ILE B 256 -46.91 -4.49 21.64
N VAL B 257 -48.09 -4.68 21.06
CA VAL B 257 -49.36 -4.67 21.81
C VAL B 257 -49.78 -6.10 22.08
N THR B 258 -49.86 -6.45 23.35
CA THR B 258 -50.27 -7.79 23.77
C THR B 258 -51.75 -8.01 23.38
N PRO B 259 -52.02 -8.94 22.43
CA PRO B 259 -53.40 -9.17 21.96
C PRO B 259 -54.38 -9.57 23.08
N SER B 260 -55.49 -8.87 23.21
CA SER B 260 -56.40 -9.08 24.34
C SER B 260 -57.86 -8.81 23.99
N GLY B 261 -58.74 -9.78 24.28
CA GLY B 261 -60.19 -9.59 24.15
C GLY B 261 -60.91 -10.58 23.25
N CYS B 262 -62.00 -10.09 22.63
CA CYS B 262 -62.95 -10.91 21.86
C CYS B 262 -62.40 -11.32 20.48
N GLY B 263 -63.29 -11.50 19.50
CA GLY B 263 -62.89 -11.85 18.14
C GLY B 263 -62.39 -10.65 17.34
N GLU B 264 -62.83 -9.46 17.71
CA GLU B 264 -62.44 -8.24 17.01
C GLU B 264 -61.49 -7.32 17.80
N GLN B 265 -61.27 -7.62 19.08
CA GLN B 265 -60.29 -6.89 19.88
C GLN B 265 -58.95 -7.66 20.01
N ASN B 266 -58.88 -8.83 19.36
CA ASN B 266 -57.65 -9.63 19.26
C ASN B 266 -56.85 -9.28 17.98
N MET B 267 -57.55 -9.10 16.86
CA MET B 267 -56.93 -8.73 15.57
C MET B 267 -56.59 -7.25 15.55
N ILE B 268 -57.35 -6.46 16.30
CA ILE B 268 -56.99 -5.06 16.60
C ILE B 268 -55.59 -5.02 17.23
N GLY B 269 -55.37 -5.87 18.23
CA GLY B 269 -54.12 -5.90 18.98
C GLY B 269 -53.07 -6.86 18.43
N MET B 270 -53.47 -7.71 17.50
CA MET B 270 -52.55 -8.66 16.86
C MET B 270 -51.70 -7.97 15.77
N THR B 271 -52.38 -7.17 14.95
CA THR B 271 -51.77 -6.47 13.84
C THR B 271 -50.47 -5.76 14.20
N PRO B 272 -50.52 -4.66 14.99
CA PRO B 272 -49.31 -3.85 15.18
C PRO B 272 -48.09 -4.61 15.71
N THR B 273 -48.32 -5.75 16.37
CA THR B 273 -47.23 -6.65 16.76
C THR B 273 -46.83 -7.55 15.58
N VAL B 274 -47.82 -8.15 14.91
CA VAL B 274 -47.58 -8.97 13.70
C VAL B 274 -46.88 -8.18 12.59
N ILE B 275 -47.40 -7.00 12.29
CA ILE B 275 -46.88 -6.21 11.19
C ILE B 275 -45.45 -5.81 11.48
N ALA B 276 -45.16 -5.54 12.76
CA ALA B 276 -43.83 -5.09 13.20
C ALA B 276 -42.76 -6.12 12.89
N VAL B 277 -43.06 -7.38 13.20
CA VAL B 277 -42.20 -8.49 12.84
C VAL B 277 -41.91 -8.49 11.34
N HIS B 278 -42.95 -8.51 10.51
CA HIS B 278 -42.76 -8.58 9.07
C HIS B 278 -42.06 -7.35 8.49
N TYR B 279 -42.17 -6.22 9.17
CA TYR B 279 -41.36 -5.04 8.83
C TYR B 279 -39.92 -5.19 9.37
N LEU B 280 -39.78 -5.65 10.61
CA LEU B 280 -38.45 -5.81 11.22
C LEU B 280 -37.62 -6.97 10.69
N ASP B 281 -38.25 -7.93 10.03
CA ASP B 281 -37.52 -8.97 9.33
C ASP B 281 -36.75 -8.38 8.16
N GLU B 282 -37.44 -7.58 7.34
CA GLU B 282 -36.89 -7.12 6.06
C GLU B 282 -36.26 -5.73 6.09
N THR B 283 -36.17 -5.12 7.27
CA THR B 283 -35.28 -3.98 7.45
C THR B 283 -34.03 -4.42 8.21
N GLU B 284 -34.08 -5.63 8.77
CA GLU B 284 -32.99 -6.20 9.61
C GLU B 284 -32.71 -5.44 10.93
N GLN B 285 -33.61 -4.51 11.29
CA GLN B 285 -33.33 -3.52 12.35
C GLN B 285 -33.19 -4.09 13.77
N TRP B 286 -33.67 -5.31 14.01
CA TRP B 286 -33.68 -5.89 15.36
C TRP B 286 -32.47 -5.45 16.19
N GLU B 287 -31.31 -5.38 15.54
CA GLU B 287 -30.12 -4.69 16.07
C GLU B 287 -30.41 -3.67 17.18
N LYS B 288 -31.04 -2.57 16.81
CA LYS B 288 -31.14 -1.38 17.67
C LYS B 288 -32.29 -1.53 18.66
N PHE B 289 -33.43 -1.97 18.13
CA PHE B 289 -34.60 -2.26 18.94
C PHE B 289 -34.24 -3.15 20.11
N GLY B 290 -33.59 -4.26 19.79
CA GLY B 290 -33.30 -5.33 20.74
C GLY B 290 -33.39 -6.64 20.00
N LEU B 291 -32.65 -7.64 20.46
CA LEU B 291 -32.50 -8.87 19.70
C LEU B 291 -33.24 -10.02 20.35
N GLU B 292 -33.03 -10.17 21.65
CA GLU B 292 -33.80 -11.09 22.50
C GLU B 292 -35.30 -10.74 22.63
N LYS B 293 -35.68 -9.54 22.20
CA LYS B 293 -37.07 -9.08 22.25
C LYS B 293 -37.91 -9.62 21.10
N ARG B 294 -37.33 -10.45 20.22
CA ARG B 294 -38.11 -11.15 19.19
C ARG B 294 -38.81 -12.37 19.78
N GLN B 295 -38.06 -13.25 20.43
CA GLN B 295 -38.63 -14.49 20.98
C GLN B 295 -39.76 -14.19 21.97
N GLY B 296 -39.72 -13.00 22.58
CA GLY B 296 -40.82 -12.48 23.41
C GLY B 296 -41.95 -11.80 22.63
N ALA B 297 -41.85 -11.81 21.30
CA ALA B 297 -42.89 -11.30 20.42
C ALA B 297 -43.40 -12.35 19.44
N LEU B 298 -42.67 -13.46 19.27
CA LEU B 298 -43.16 -14.60 18.48
C LEU B 298 -44.37 -15.23 19.15
N GLU B 299 -44.21 -15.57 20.42
CA GLU B 299 -45.28 -16.17 21.21
C GLU B 299 -46.45 -15.22 21.43
N LEU B 300 -46.21 -13.90 21.28
CA LEU B 300 -47.27 -12.88 21.30
C LEU B 300 -47.96 -12.69 19.93
N ILE B 301 -47.49 -13.44 18.93
CA ILE B 301 -48.21 -13.62 17.67
C ILE B 301 -48.96 -14.96 17.70
N LYS B 302 -48.25 -16.02 18.05
CA LYS B 302 -48.83 -17.35 18.21
C LYS B 302 -50.01 -17.32 19.20
N LYS B 303 -49.88 -16.52 20.26
CA LYS B 303 -50.94 -16.33 21.25
C LYS B 303 -52.18 -15.77 20.57
N GLY B 304 -52.01 -14.68 19.84
CA GLY B 304 -53.10 -14.12 19.05
C GLY B 304 -53.66 -15.15 18.08
N TYR B 305 -52.76 -15.88 17.42
CA TYR B 305 -53.14 -16.90 16.44
C TYR B 305 -54.04 -17.97 17.05
N THR B 306 -53.62 -18.51 18.19
CA THR B 306 -54.36 -19.58 18.86
C THR B 306 -55.58 -19.04 19.64
N GLN B 307 -55.52 -17.77 20.07
CA GLN B 307 -56.69 -17.10 20.66
C GLN B 307 -57.73 -16.73 19.58
N GLN B 308 -57.27 -16.66 18.34
CA GLN B 308 -58.15 -16.46 17.18
C GLN B 308 -58.63 -17.82 16.61
N LEU B 309 -57.93 -18.92 16.90
CA LEU B 309 -58.34 -20.27 16.47
C LEU B 309 -59.62 -20.76 17.19
N ALA B 310 -59.92 -20.18 18.35
CA ALA B 310 -61.12 -20.54 19.10
C ALA B 310 -62.42 -20.07 18.42
N PHE B 311 -62.42 -18.84 17.92
CA PHE B 311 -63.58 -18.26 17.20
C PHE B 311 -63.80 -18.89 15.83
N ARG B 312 -62.85 -19.74 15.39
CA ARG B 312 -62.98 -20.37 14.07
C ARG B 312 -64.26 -21.13 14.00
N GLN B 313 -65.32 -20.43 13.57
CA GLN B 313 -66.67 -20.99 13.54
C GLN B 313 -66.74 -22.33 12.80
N PRO B 314 -67.76 -23.14 13.12
CA PRO B 314 -67.94 -24.44 12.49
C PRO B 314 -67.64 -24.47 10.99
N SER B 315 -68.15 -23.42 10.26
CA SER B 315 -67.98 -23.37 8.80
C SER B 315 -66.66 -22.69 8.36
N SER B 316 -65.63 -22.74 9.23
CA SER B 316 -64.34 -22.02 9.04
C SER B 316 -64.44 -20.53 8.63
N ALA B 317 -65.22 -19.80 9.43
CA ALA B 317 -65.43 -18.37 9.24
C ALA B 317 -65.08 -17.65 10.55
N PHE B 318 -65.27 -16.27 10.46
CA PHE B 318 -64.77 -15.41 11.53
C PHE B 318 -65.66 -14.19 11.78
N ALA B 319 -65.99 -13.99 13.09
CA ALA B 319 -66.83 -12.87 13.49
C ALA B 319 -66.34 -12.29 14.82
N ALA B 320 -67.19 -11.53 15.50
CA ALA B 320 -66.89 -11.02 16.84
C ALA B 320 -66.96 -12.14 17.89
N PHE B 321 -68.13 -12.78 17.97
CA PHE B 321 -68.34 -13.95 18.83
C PHE B 321 -68.62 -15.20 17.96
N VAL B 322 -68.82 -16.34 18.65
CA VAL B 322 -69.33 -17.55 17.99
C VAL B 322 -70.86 -17.49 17.87
N LYS B 323 -71.50 -16.72 18.75
CA LYS B 323 -72.96 -16.49 18.67
C LYS B 323 -73.35 -15.65 17.45
N ARG B 324 -72.49 -14.69 17.11
CA ARG B 324 -72.72 -13.78 15.98
C ARG B 324 -72.52 -14.48 14.63
N ALA B 325 -73.21 -13.97 13.60
CA ALA B 325 -73.00 -14.41 12.23
C ALA B 325 -71.62 -13.94 11.71
N PRO B 326 -71.03 -14.67 10.73
CA PRO B 326 -69.72 -14.35 10.19
C PRO B 326 -69.61 -13.06 9.35
N SER B 327 -68.58 -12.26 9.65
CA SER B 327 -68.24 -11.05 8.89
C SER B 327 -67.41 -11.39 7.66
N THR B 328 -67.90 -10.93 6.49
CA THR B 328 -67.19 -11.14 5.23
C THR B 328 -65.77 -10.55 5.28
N TRP B 329 -65.62 -9.42 5.98
CA TRP B 329 -64.37 -8.69 6.09
C TRP B 329 -63.34 -9.38 7.01
N LEU B 330 -63.82 -9.92 8.14
CA LEU B 330 -62.91 -10.44 9.18
C LEU B 330 -62.25 -11.80 8.78
N THR B 331 -63.05 -12.52 7.89
CA THR B 331 -62.52 -13.75 7.28
C THR B 331 -61.25 -13.44 6.49
N ALA B 332 -61.36 -12.50 5.55
CA ALA B 332 -60.27 -12.14 4.65
C ALA B 332 -59.15 -11.48 5.43
N TYR B 333 -59.51 -10.52 6.27
CA TYR B 333 -58.52 -9.82 7.09
C TYR B 333 -57.73 -10.81 7.99
N VAL B 334 -58.35 -11.93 8.35
CA VAL B 334 -57.65 -13.03 9.05
C VAL B 334 -56.78 -13.80 8.06
N VAL B 335 -57.34 -14.07 6.88
CA VAL B 335 -56.57 -14.67 5.78
C VAL B 335 -55.37 -13.78 5.49
N LYS B 336 -55.56 -12.47 5.61
CA LYS B 336 -54.50 -11.48 5.39
C LYS B 336 -53.43 -11.52 6.49
N VAL B 337 -53.85 -11.45 7.75
CA VAL B 337 -52.93 -11.36 8.88
C VAL B 337 -52.13 -12.66 9.08
N PHE B 338 -52.73 -13.78 8.68
CA PHE B 338 -52.10 -15.09 8.81
C PHE B 338 -51.16 -15.36 7.64
N SER B 339 -51.63 -15.07 6.42
CA SER B 339 -50.89 -15.36 5.18
C SER B 339 -49.47 -14.80 5.19
N LEU B 340 -49.36 -13.56 5.64
CA LEU B 340 -48.08 -12.88 5.80
C LEU B 340 -47.23 -13.55 6.91
N ALA B 341 -47.91 -14.14 7.89
CA ALA B 341 -47.26 -14.85 9.00
C ALA B 341 -47.08 -16.36 8.77
N VAL B 342 -47.17 -16.78 7.50
CA VAL B 342 -46.86 -18.16 7.13
C VAL B 342 -45.44 -18.56 7.57
N ASN B 343 -44.50 -17.65 7.31
CA ASN B 343 -43.11 -17.81 7.73
C ASN B 343 -43.01 -17.88 9.24
N LEU B 344 -43.39 -16.76 9.86
CA LEU B 344 -43.15 -16.50 11.29
C LEU B 344 -43.38 -17.71 12.22
N ILE B 345 -44.47 -18.44 12.00
CA ILE B 345 -44.79 -19.66 12.79
C ILE B 345 -45.51 -20.72 11.96
N ALA B 346 -45.80 -21.86 12.58
CA ALA B 346 -46.62 -22.91 11.98
C ALA B 346 -48.10 -22.52 11.96
N ILE B 347 -48.54 -21.97 10.82
CA ILE B 347 -49.95 -21.74 10.56
C ILE B 347 -50.51 -23.04 9.97
N ASP B 348 -51.76 -23.37 10.31
CA ASP B 348 -52.35 -24.64 9.88
C ASP B 348 -52.90 -24.52 8.45
N SER B 349 -52.63 -25.53 7.64
CA SER B 349 -53.03 -25.54 6.23
C SER B 349 -54.53 -25.58 6.06
N GLN B 350 -55.21 -26.42 6.85
CA GLN B 350 -56.67 -26.50 6.85
C GLN B 350 -57.32 -25.14 7.14
N VAL B 351 -56.68 -24.33 7.98
CA VAL B 351 -57.23 -23.04 8.40
C VAL B 351 -57.11 -21.96 7.31
N LEU B 352 -55.88 -21.60 6.96
CA LEU B 352 -55.63 -20.45 6.09
C LEU B 352 -56.24 -20.57 4.69
N CYS B 353 -56.34 -21.80 4.17
CA CYS B 353 -57.06 -22.06 2.91
C CYS B 353 -58.48 -22.59 3.19
N GLY B 354 -58.98 -22.34 4.40
CA GLY B 354 -60.33 -22.69 4.79
C GLY B 354 -61.24 -21.47 4.89
N ALA B 355 -60.67 -20.35 5.34
CA ALA B 355 -61.38 -19.08 5.39
C ALA B 355 -61.73 -18.56 3.99
N VAL B 356 -60.87 -18.87 3.01
CA VAL B 356 -61.06 -18.44 1.62
C VAL B 356 -62.15 -19.26 0.91
N LYS B 357 -62.21 -20.57 1.20
CA LYS B 357 -63.22 -21.44 0.60
C LYS B 357 -64.63 -21.08 1.09
N TRP B 358 -64.72 -20.45 2.26
CA TRP B 358 -66.01 -19.94 2.77
C TRP B 358 -66.48 -18.72 1.98
N LEU B 359 -65.56 -17.83 1.64
CA LEU B 359 -65.89 -16.56 0.97
C LEU B 359 -66.38 -16.78 -0.48
N ILE B 360 -65.61 -17.52 -1.27
CA ILE B 360 -65.92 -17.71 -2.70
C ILE B 360 -67.25 -18.45 -2.92
N LEU B 361 -67.51 -19.48 -2.11
CA LEU B 361 -68.72 -20.31 -2.26
C LEU B 361 -70.00 -19.62 -1.77
N GLU B 362 -69.92 -18.91 -0.65
CA GLU B 362 -71.10 -18.23 -0.08
C GLU B 362 -71.18 -16.73 -0.42
N LYS B 363 -70.08 -16.01 -0.20
CA LYS B 363 -70.08 -14.53 -0.29
C LYS B 363 -69.57 -13.96 -1.62
N GLN B 364 -70.39 -14.07 -2.67
CA GLN B 364 -70.12 -13.42 -3.96
C GLN B 364 -71.37 -13.33 -4.87
N LYS B 365 -71.37 -12.30 -5.73
CA LYS B 365 -72.45 -12.03 -6.69
C LYS B 365 -72.08 -12.60 -8.08
N PRO B 366 -72.99 -12.50 -9.08
CA PRO B 366 -72.64 -12.92 -10.45
C PRO B 366 -71.46 -12.14 -11.04
N ASP B 367 -71.50 -10.82 -10.91
CA ASP B 367 -70.41 -9.96 -11.42
C ASP B 367 -69.12 -10.05 -10.57
N GLY B 368 -69.26 -10.31 -9.26
CA GLY B 368 -68.10 -10.64 -8.40
C GLY B 368 -67.88 -9.85 -7.10
N VAL B 369 -68.91 -9.15 -6.63
CA VAL B 369 -68.80 -8.31 -5.43
C VAL B 369 -68.76 -9.15 -4.16
N PHE B 370 -67.83 -8.82 -3.26
CA PHE B 370 -67.73 -9.46 -1.95
C PHE B 370 -68.49 -8.63 -0.92
N GLN B 371 -69.77 -8.92 -0.75
CA GLN B 371 -70.68 -8.12 0.09
C GLN B 371 -70.45 -8.37 1.58
N GLU B 372 -70.84 -7.40 2.41
CA GLU B 372 -70.66 -7.47 3.88
C GLU B 372 -71.97 -7.80 4.58
N ASP B 373 -72.22 -9.09 4.81
CA ASP B 373 -73.48 -9.53 5.47
C ASP B 373 -73.52 -9.18 6.97
N ALA B 374 -72.35 -9.00 7.58
CA ALA B 374 -72.24 -8.69 9.00
C ALA B 374 -71.43 -7.42 9.26
N PRO B 375 -72.11 -6.26 9.38
CA PRO B 375 -71.45 -5.02 9.76
C PRO B 375 -70.83 -5.11 11.17
N VAL B 376 -69.50 -5.09 11.22
CA VAL B 376 -68.77 -5.28 12.49
C VAL B 376 -69.05 -4.18 13.53
N ILE B 377 -68.75 -4.47 14.80
CA ILE B 377 -69.01 -3.54 15.92
C ILE B 377 -67.87 -2.52 16.13
N HIS B 378 -66.64 -2.93 15.80
CA HIS B 378 -65.48 -2.04 15.87
C HIS B 378 -65.01 -1.69 14.45
N GLN B 379 -65.77 -0.81 13.80
CA GLN B 379 -65.53 -0.42 12.40
C GLN B 379 -64.25 0.42 12.28
N GLU B 380 -64.10 1.39 13.17
CA GLU B 380 -62.87 2.20 13.26
C GLU B 380 -61.56 1.44 12.94
N MET B 381 -61.56 0.12 13.17
CA MET B 381 -60.44 -0.74 12.80
C MET B 381 -60.29 -0.91 11.27
N ILE B 382 -61.38 -0.80 10.52
CA ILE B 382 -61.38 -1.09 9.08
C ILE B 382 -60.85 0.05 8.23
N GLY B 383 -60.56 1.19 8.86
CA GLY B 383 -59.98 2.32 8.15
C GLY B 383 -60.98 2.94 7.20
N GLY B 384 -60.60 3.03 5.93
CA GLY B 384 -61.41 3.71 4.91
C GLY B 384 -62.76 3.12 4.58
N LEU B 385 -62.99 1.86 4.98
CA LEU B 385 -64.27 1.20 4.73
C LEU B 385 -65.42 1.77 5.56
N ARG B 386 -65.12 2.66 6.52
CA ARG B 386 -66.16 3.22 7.40
C ARG B 386 -67.20 4.10 6.68
N ASN B 387 -66.82 4.73 5.56
CA ASN B 387 -67.79 5.54 4.79
C ASN B 387 -68.81 4.65 4.06
N ASN B 388 -69.97 5.22 3.72
CA ASN B 388 -71.09 4.46 3.14
C ASN B 388 -71.08 4.36 1.60
N ASN B 389 -70.40 5.29 0.93
CA ASN B 389 -70.34 5.30 -0.55
C ASN B 389 -69.27 4.32 -1.09
N GLU B 390 -69.59 3.67 -2.21
CA GLU B 390 -68.66 2.73 -2.89
C GLU B 390 -68.15 1.57 -2.01
N LYS B 391 -68.91 1.20 -0.97
CA LYS B 391 -68.58 0.06 -0.12
C LYS B 391 -68.45 -1.21 -0.95
N ASP B 392 -69.30 -1.31 -1.98
CA ASP B 392 -69.32 -2.48 -2.87
C ASP B 392 -68.01 -2.60 -3.66
N MET B 393 -67.40 -1.46 -4.00
CA MET B 393 -66.13 -1.47 -4.72
C MET B 393 -64.95 -1.74 -3.79
N ALA B 394 -64.80 -0.93 -2.74
CA ALA B 394 -63.64 -1.01 -1.84
C ALA B 394 -63.58 -2.29 -1.00
N LEU B 395 -64.74 -2.90 -0.78
CA LEU B 395 -64.83 -4.16 -0.02
C LEU B 395 -64.61 -5.36 -0.93
N THR B 396 -64.95 -5.22 -2.21
CA THR B 396 -64.62 -6.22 -3.21
C THR B 396 -63.11 -6.31 -3.33
N ALA B 397 -62.43 -5.16 -3.28
CA ALA B 397 -60.98 -5.09 -3.36
C ALA B 397 -60.26 -5.58 -2.10
N PHE B 398 -60.85 -5.35 -0.92
CA PHE B 398 -60.24 -5.74 0.36
C PHE B 398 -60.24 -7.26 0.54
N VAL B 399 -61.37 -7.89 0.27
CA VAL B 399 -61.48 -9.35 0.36
C VAL B 399 -60.68 -10.03 -0.75
N LEU B 400 -60.68 -9.40 -1.93
CA LEU B 400 -59.94 -9.89 -3.10
C LEU B 400 -58.42 -9.77 -2.95
N ILE B 401 -57.93 -8.65 -2.38
CA ILE B 401 -56.50 -8.46 -2.14
C ILE B 401 -55.91 -9.64 -1.37
N SER B 402 -56.58 -10.02 -0.28
CA SER B 402 -56.14 -11.15 0.54
C SER B 402 -56.12 -12.48 -0.21
N LEU B 403 -57.02 -12.64 -1.19
CA LEU B 403 -57.04 -13.84 -2.01
C LEU B 403 -55.79 -13.92 -2.88
N GLN B 404 -55.38 -12.78 -3.42
CA GLN B 404 -54.24 -12.70 -4.33
C GLN B 404 -52.87 -12.74 -3.63
N GLU B 405 -52.88 -12.66 -2.29
CA GLU B 405 -51.69 -12.93 -1.45
C GLU B 405 -51.69 -14.37 -0.91
N ALA B 406 -52.86 -15.01 -0.90
CA ALA B 406 -53.02 -16.41 -0.47
C ALA B 406 -53.18 -17.38 -1.65
N LYS B 407 -52.84 -16.92 -2.85
CA LYS B 407 -52.85 -17.74 -4.07
C LYS B 407 -51.49 -18.46 -4.25
N ASP B 408 -50.45 -17.93 -3.61
CA ASP B 408 -49.11 -18.54 -3.63
C ASP B 408 -49.19 -19.97 -3.11
N ILE B 409 -49.70 -20.13 -1.88
CA ILE B 409 -49.76 -21.44 -1.23
C ILE B 409 -50.90 -22.27 -1.81
N CYS B 410 -52.14 -21.87 -1.54
CA CYS B 410 -53.29 -22.65 -1.97
C CYS B 410 -53.45 -22.51 -3.49
N GLU B 411 -53.12 -23.58 -4.23
CA GLU B 411 -53.31 -23.64 -5.69
C GLU B 411 -54.30 -24.74 -6.13
N GLU B 412 -54.22 -25.90 -5.49
CA GLU B 412 -55.04 -27.06 -5.88
C GLU B 412 -55.92 -27.58 -4.73
N GLN B 413 -56.18 -26.74 -3.72
CA GLN B 413 -57.21 -27.03 -2.73
C GLN B 413 -58.55 -26.46 -3.19
N VAL B 414 -58.57 -25.14 -3.39
CA VAL B 414 -59.74 -24.45 -3.96
C VAL B 414 -59.59 -24.37 -5.48
N ASN B 415 -60.49 -25.03 -6.18
CA ASN B 415 -60.36 -25.24 -7.63
C ASN B 415 -60.84 -24.06 -8.47
N SER B 416 -61.86 -23.36 -8.00
CA SER B 416 -62.44 -22.22 -8.72
C SER B 416 -61.80 -20.89 -8.31
N LEU B 417 -60.52 -20.91 -7.95
CA LEU B 417 -59.79 -19.68 -7.64
C LEU B 417 -59.32 -18.98 -8.92
N PRO B 418 -58.84 -19.73 -9.93
CA PRO B 418 -58.77 -19.15 -11.27
C PRO B 418 -60.19 -18.89 -11.83
N GLY B 419 -60.93 -17.99 -11.19
CA GLY B 419 -62.35 -17.79 -11.47
C GLY B 419 -63.02 -16.71 -10.62
N SER B 420 -62.84 -16.76 -9.30
CA SER B 420 -63.41 -15.76 -8.38
C SER B 420 -62.61 -14.45 -8.37
N ILE B 421 -61.39 -14.52 -8.90
CA ILE B 421 -60.55 -13.33 -9.08
C ILE B 421 -60.76 -12.75 -10.49
N THR B 422 -61.13 -13.59 -11.45
CA THR B 422 -61.35 -13.16 -12.84
C THR B 422 -62.61 -12.29 -13.02
N LYS B 423 -63.70 -12.68 -12.36
CA LYS B 423 -64.94 -11.89 -12.38
C LYS B 423 -64.81 -10.63 -11.50
N ALA B 424 -64.21 -10.78 -10.32
CA ALA B 424 -64.04 -9.67 -9.38
C ALA B 424 -63.11 -8.57 -9.90
N GLY B 425 -62.26 -8.91 -10.87
CA GLY B 425 -61.35 -7.94 -11.51
C GLY B 425 -62.02 -7.12 -12.61
N ASP B 426 -62.86 -7.76 -13.41
CA ASP B 426 -63.62 -7.06 -14.45
C ASP B 426 -64.56 -6.04 -13.80
N PHE B 427 -65.16 -6.41 -12.68
CA PHE B 427 -65.99 -5.49 -11.88
C PHE B 427 -65.20 -4.24 -11.52
N LEU B 428 -63.98 -4.44 -11.03
CA LEU B 428 -63.10 -3.32 -10.77
C LEU B 428 -62.73 -2.66 -12.08
N GLU B 429 -62.09 -3.41 -12.98
CA GLU B 429 -61.58 -2.83 -14.24
C GLU B 429 -62.63 -2.07 -15.03
N ALA B 430 -63.86 -2.58 -15.06
CA ALA B 430 -64.96 -1.89 -15.74
C ALA B 430 -65.41 -0.67 -14.95
N ASN B 431 -65.63 -0.86 -13.64
CA ASN B 431 -66.18 0.19 -12.78
C ASN B 431 -65.14 0.85 -11.86
N TYR B 432 -63.93 1.02 -12.39
CA TYR B 432 -62.85 1.72 -11.69
C TYR B 432 -62.89 3.22 -12.01
N MET B 433 -63.44 3.56 -13.18
CA MET B 433 -63.35 4.94 -13.68
C MET B 433 -64.54 5.82 -13.29
N ASN B 434 -65.37 5.35 -12.35
CA ASN B 434 -66.45 6.17 -11.78
C ASN B 434 -66.18 6.56 -10.33
N LEU B 435 -64.95 6.35 -9.87
CA LEU B 435 -64.58 6.66 -8.50
C LEU B 435 -64.09 8.11 -8.45
N GLN B 436 -64.68 8.91 -7.57
CA GLN B 436 -64.24 10.29 -7.36
C GLN B 436 -63.21 10.36 -6.24
N ARG B 437 -63.26 9.40 -5.32
CA ARG B 437 -62.39 9.38 -4.14
C ARG B 437 -61.04 8.73 -4.43
N SER B 438 -60.01 9.11 -3.68
CA SER B 438 -58.69 8.47 -3.78
C SER B 438 -58.73 7.02 -3.33
N TYR B 439 -59.45 6.76 -2.23
CA TYR B 439 -59.40 5.45 -1.56
C TYR B 439 -59.69 4.29 -2.51
N THR B 440 -60.83 4.35 -3.19
CA THR B 440 -61.23 3.27 -4.11
C THR B 440 -60.36 3.26 -5.38
N VAL B 441 -59.74 4.40 -5.71
CA VAL B 441 -58.79 4.49 -6.82
C VAL B 441 -57.41 3.96 -6.40
N ALA B 442 -57.05 4.18 -5.13
CA ALA B 442 -55.76 3.73 -4.60
C ALA B 442 -55.74 2.26 -4.15
N ILE B 443 -56.90 1.72 -3.77
CA ILE B 443 -57.02 0.34 -3.24
C ILE B 443 -57.45 -0.70 -4.28
N ALA B 444 -58.35 -0.32 -5.19
CA ALA B 444 -58.70 -1.19 -6.29
C ALA B 444 -57.52 -1.25 -7.28
N GLY B 445 -56.81 -0.12 -7.40
CA GLY B 445 -55.59 -0.05 -8.19
C GLY B 445 -54.55 -1.08 -7.79
N TYR B 446 -54.35 -1.26 -6.48
CA TYR B 446 -53.49 -2.33 -5.97
C TYR B 446 -54.05 -3.70 -6.32
N ALA B 447 -55.38 -3.85 -6.24
CA ALA B 447 -56.05 -5.10 -6.59
C ALA B 447 -55.89 -5.43 -8.07
N LEU B 448 -56.00 -4.40 -8.90
CA LEU B 448 -55.78 -4.57 -10.34
C LEU B 448 -54.29 -4.65 -10.69
N ALA B 449 -53.42 -4.16 -9.79
CA ALA B 449 -51.97 -4.25 -9.98
C ALA B 449 -51.41 -5.65 -9.68
N GLN B 450 -52.20 -6.48 -9.00
CA GLN B 450 -51.82 -7.87 -8.67
C GLN B 450 -52.39 -8.89 -9.68
N MET B 451 -53.14 -8.42 -10.67
CA MET B 451 -53.66 -9.28 -11.73
C MET B 451 -52.91 -9.09 -13.04
N GLY B 452 -52.00 -8.12 -13.07
CA GLY B 452 -51.38 -7.68 -14.32
C GLY B 452 -52.47 -7.16 -15.24
N ARG B 453 -53.21 -6.15 -14.75
CA ARG B 453 -54.37 -5.62 -15.47
C ARG B 453 -54.54 -4.09 -15.41
N LEU B 454 -53.58 -3.37 -14.83
CA LEU B 454 -53.70 -1.91 -14.67
C LEU B 454 -52.83 -1.16 -15.71
N LYS B 455 -53.47 -0.73 -16.80
CA LYS B 455 -52.82 0.05 -17.86
C LYS B 455 -53.75 1.15 -18.34
N GLY B 456 -53.25 1.99 -19.25
CA GLY B 456 -54.08 2.94 -20.01
C GLY B 456 -54.82 3.99 -19.18
N PRO B 457 -56.16 4.05 -19.31
CA PRO B 457 -56.95 5.04 -18.55
C PRO B 457 -57.12 4.71 -17.06
N LEU B 458 -56.96 3.43 -16.70
CA LEU B 458 -57.06 3.00 -15.31
C LEU B 458 -55.80 3.41 -14.54
N LEU B 459 -54.63 3.20 -15.15
CA LEU B 459 -53.35 3.55 -14.52
C LEU B 459 -53.19 5.07 -14.43
N ASN B 460 -53.49 5.77 -15.52
CA ASN B 460 -53.44 7.24 -15.52
C ASN B 460 -54.17 7.77 -14.30
N LYS B 461 -55.44 7.38 -14.15
CA LYS B 461 -56.25 7.80 -13.00
C LYS B 461 -55.58 7.41 -11.69
N PHE B 462 -55.01 6.21 -11.65
CA PHE B 462 -54.26 5.79 -10.49
C PHE B 462 -53.13 6.78 -10.23
N LEU B 463 -52.20 6.89 -11.18
CA LEU B 463 -51.01 7.75 -11.01
C LEU B 463 -51.36 9.24 -10.83
N THR B 464 -52.49 9.68 -11.39
CA THR B 464 -52.87 11.10 -11.35
C THR B 464 -53.80 11.48 -10.20
N THR B 465 -54.53 10.52 -9.63
CA THR B 465 -55.35 10.79 -8.44
C THR B 465 -54.45 11.17 -7.25
N ALA B 466 -53.16 10.86 -7.36
CA ALA B 466 -52.15 11.32 -6.41
C ALA B 466 -51.88 12.82 -6.57
N LYS B 467 -52.27 13.61 -5.56
CA LYS B 467 -52.10 15.07 -5.59
C LYS B 467 -50.63 15.40 -5.42
N ASP B 468 -50.09 16.24 -6.32
CA ASP B 468 -48.69 16.69 -6.30
C ASP B 468 -47.65 15.56 -6.52
N LYS B 469 -48.08 14.45 -7.12
CA LYS B 469 -47.22 13.31 -7.45
C LYS B 469 -46.49 12.70 -6.22
N ASN B 470 -47.26 12.28 -5.22
CA ASN B 470 -46.72 11.49 -4.09
C ASN B 470 -47.78 10.84 -3.18
N ARG B 471 -48.80 11.60 -2.78
CA ARG B 471 -49.83 11.12 -1.84
C ARG B 471 -51.20 10.98 -2.52
N TRP B 472 -51.95 9.95 -2.10
CA TRP B 472 -53.31 9.70 -2.58
C TRP B 472 -54.32 10.13 -1.49
N GLU B 473 -54.83 11.36 -1.54
CA GLU B 473 -55.57 11.93 -0.40
C GLU B 473 -57.09 12.03 -0.57
N ASP B 474 -57.78 12.36 0.54
CA ASP B 474 -59.23 12.56 0.56
C ASP B 474 -59.63 13.61 1.61
N PRO B 475 -60.88 14.14 1.53
CA PRO B 475 -61.27 15.21 2.44
C PRO B 475 -61.81 14.72 3.80
N GLY B 476 -60.97 14.78 4.83
CA GLY B 476 -61.44 14.52 6.19
C GLY B 476 -60.41 14.01 7.18
N LYS B 477 -60.74 12.88 7.81
CA LYS B 477 -59.96 12.32 8.91
C LYS B 477 -58.65 11.80 8.34
N GLN B 478 -57.53 12.32 8.82
CA GLN B 478 -56.25 12.11 8.16
C GLN B 478 -55.51 10.80 8.56
N LEU B 479 -56.30 9.72 8.72
CA LEU B 479 -55.74 8.35 8.82
C LEU B 479 -56.18 7.46 7.64
N TYR B 480 -57.20 7.88 6.88
CA TYR B 480 -57.60 7.19 5.65
C TYR B 480 -56.79 7.71 4.46
N ASN B 481 -55.67 8.39 4.74
CA ASN B 481 -54.79 8.95 3.73
C ASN B 481 -53.32 8.47 3.88
N VAL B 482 -52.88 8.23 5.12
CA VAL B 482 -51.63 7.50 5.38
C VAL B 482 -51.87 5.99 5.15
N GLU B 483 -53.15 5.60 5.04
CA GLU B 483 -53.55 4.22 4.74
C GLU B 483 -53.60 3.95 3.24
N ALA B 484 -54.38 4.76 2.51
CA ALA B 484 -54.64 4.53 1.07
C ALA B 484 -53.45 4.84 0.16
N THR B 485 -52.54 5.69 0.64
CA THR B 485 -51.29 5.99 -0.04
C THR B 485 -50.30 4.79 0.03
N SER B 486 -50.56 3.87 0.95
CA SER B 486 -49.79 2.62 1.07
C SER B 486 -50.56 1.38 0.57
N TYR B 487 -51.67 1.61 -0.13
CA TYR B 487 -52.16 0.69 -1.16
C TYR B 487 -51.58 1.16 -2.49
N ALA B 488 -51.37 2.48 -2.59
CA ALA B 488 -50.78 3.09 -3.78
C ALA B 488 -49.30 2.79 -3.94
N LEU B 489 -48.59 2.62 -2.83
CA LEU B 489 -47.19 2.22 -2.89
C LEU B 489 -47.05 0.77 -3.34
N LEU B 490 -47.88 -0.12 -2.78
CA LEU B 490 -47.80 -1.56 -3.04
C LEU B 490 -48.24 -1.94 -4.45
N ALA B 491 -49.04 -1.08 -5.08
CA ALA B 491 -49.36 -1.21 -6.49
C ALA B 491 -48.15 -0.77 -7.32
N LEU B 492 -47.56 0.36 -6.96
CA LEU B 492 -46.39 0.91 -7.67
C LEU B 492 -45.14 0.03 -7.56
N LEU B 493 -45.14 -0.87 -6.57
CA LEU B 493 -44.06 -1.86 -6.41
C LEU B 493 -44.39 -3.21 -7.08
N GLN B 494 -45.66 -3.40 -7.46
CA GLN B 494 -46.05 -4.51 -8.34
C GLN B 494 -46.28 -3.98 -9.77
N LEU B 495 -46.16 -2.67 -9.96
CA LEU B 495 -46.04 -2.07 -11.30
C LEU B 495 -44.61 -2.15 -11.81
N LYS B 496 -43.67 -2.24 -10.88
CA LYS B 496 -42.23 -2.13 -11.15
C LYS B 496 -41.82 -0.72 -11.65
N ASP B 497 -42.69 0.28 -11.45
CA ASP B 497 -42.46 1.65 -11.97
C ASP B 497 -41.70 2.50 -10.95
N PHE B 498 -40.36 2.44 -11.02
CA PHE B 498 -39.48 3.15 -10.07
C PHE B 498 -39.20 4.61 -10.47
N ASP B 499 -39.98 5.12 -11.42
CA ASP B 499 -40.07 6.56 -11.72
C ASP B 499 -41.03 7.23 -10.75
N PHE B 500 -42.27 6.73 -10.70
CA PHE B 500 -43.35 7.33 -9.90
C PHE B 500 -43.40 6.88 -8.43
N VAL B 501 -42.40 6.11 -8.00
CA VAL B 501 -42.39 5.53 -6.64
C VAL B 501 -41.71 6.39 -5.56
N PRO B 502 -40.46 6.85 -5.79
CA PRO B 502 -39.71 7.46 -4.69
C PRO B 502 -40.47 8.51 -3.86
N PRO B 503 -41.22 9.43 -4.52
CA PRO B 503 -42.04 10.41 -3.76
C PRO B 503 -43.10 9.83 -2.78
N VAL B 504 -43.85 8.79 -3.18
CA VAL B 504 -44.91 8.21 -2.33
C VAL B 504 -44.36 7.76 -0.99
N VAL B 505 -43.14 7.22 -1.03
CA VAL B 505 -42.39 6.85 0.18
C VAL B 505 -41.98 8.09 0.93
N ARG B 506 -41.29 9.00 0.24
CA ARG B 506 -40.75 10.20 0.88
C ARG B 506 -41.84 10.98 1.61
N TRP B 507 -43.07 10.91 1.11
CA TRP B 507 -44.16 11.55 1.81
C TRP B 507 -44.54 10.83 3.10
N LEU B 508 -44.53 9.50 3.06
CA LEU B 508 -44.87 8.68 4.24
C LEU B 508 -43.76 8.65 5.30
N ASN B 509 -42.53 9.00 4.91
CA ASN B 509 -41.40 9.16 5.85
C ASN B 509 -41.32 10.59 6.40
N GLU B 510 -42.16 11.47 5.86
CA GLU B 510 -42.39 12.80 6.44
C GLU B 510 -43.65 12.77 7.29
N GLN B 511 -44.62 11.95 6.90
CA GLN B 511 -45.79 11.67 7.75
C GLN B 511 -45.46 10.66 8.84
N ARG B 512 -44.18 10.39 9.05
CA ARG B 512 -43.68 9.42 10.05
C ARG B 512 -44.78 8.92 11.01
N TYR B 513 -45.68 8.07 10.51
CA TYR B 513 -46.79 7.57 11.33
C TYR B 513 -46.47 6.22 11.99
N TYR B 514 -46.31 6.26 13.31
CA TYR B 514 -45.85 5.10 14.06
C TYR B 514 -47.00 4.28 14.64
N GLY B 515 -48.06 4.09 13.87
CA GLY B 515 -49.19 3.25 14.28
C GLY B 515 -49.70 3.49 15.69
N GLY B 516 -50.30 2.45 16.28
CA GLY B 516 -50.72 2.46 17.69
C GLY B 516 -51.95 3.31 17.98
N GLY B 517 -52.78 2.86 18.93
CA GLY B 517 -53.91 3.65 19.42
C GLY B 517 -55.29 3.18 18.96
N TYR B 518 -56.20 4.15 18.74
CA TYR B 518 -57.61 3.89 18.46
C TYR B 518 -57.93 3.98 16.97
N GLY B 519 -58.27 2.85 16.36
CA GLY B 519 -58.56 2.77 14.93
C GLY B 519 -57.31 2.79 14.08
N SER B 520 -56.18 2.39 14.67
CA SER B 520 -54.89 2.39 14.01
C SER B 520 -54.79 1.20 13.06
N THR B 521 -55.30 0.06 13.52
CA THR B 521 -55.46 -1.16 12.74
C THR B 521 -54.96 -1.13 11.29
N GLN B 522 -55.76 -0.62 10.35
CA GLN B 522 -55.41 -0.64 8.93
C GLN B 522 -54.26 0.28 8.65
N ALA B 523 -54.40 1.53 9.07
CA ALA B 523 -53.33 2.52 8.94
C ALA B 523 -52.00 1.89 9.31
N THR B 524 -51.98 1.20 10.45
CA THR B 524 -50.78 0.53 10.95
C THR B 524 -50.36 -0.66 10.09
N PHE B 525 -51.33 -1.43 9.61
CA PHE B 525 -51.06 -2.66 8.84
C PHE B 525 -50.44 -2.37 7.46
N MET B 526 -51.20 -1.68 6.61
CA MET B 526 -50.84 -1.51 5.21
C MET B 526 -49.67 -0.58 5.02
N VAL B 527 -49.45 0.34 5.95
CA VAL B 527 -48.32 1.27 5.85
C VAL B 527 -46.98 0.56 6.10
N PHE B 528 -46.98 -0.44 6.96
CA PHE B 528 -45.78 -1.19 7.27
C PHE B 528 -45.63 -2.43 6.40
N GLN B 529 -46.71 -2.87 5.77
CA GLN B 529 -46.62 -3.91 4.77
C GLN B 529 -46.15 -3.35 3.41
N ALA B 530 -46.21 -2.03 3.26
CA ALA B 530 -45.86 -1.36 2.01
C ALA B 530 -44.46 -0.79 2.08
N LEU B 531 -44.19 -0.05 3.15
CA LEU B 531 -42.82 0.42 3.40
C LEU B 531 -41.89 -0.74 3.78
N ALA B 532 -42.44 -1.95 3.87
CA ALA B 532 -41.64 -3.16 3.99
C ALA B 532 -41.25 -3.67 2.61
N GLN B 533 -42.25 -3.98 1.79
CA GLN B 533 -42.02 -4.59 0.47
C GLN B 533 -41.08 -3.74 -0.39
N TYR B 534 -41.21 -2.42 -0.23
CA TYR B 534 -40.29 -1.44 -0.83
C TYR B 534 -38.84 -1.83 -0.60
N GLN B 535 -38.49 -2.14 0.65
CA GLN B 535 -37.10 -2.36 1.05
C GLN B 535 -36.58 -3.77 0.69
N LYS B 536 -37.44 -4.62 0.12
CA LYS B 536 -37.03 -5.91 -0.46
C LYS B 536 -36.68 -5.74 -1.94
N ASP B 537 -37.62 -5.17 -2.68
CA ASP B 537 -37.62 -5.22 -4.14
C ASP B 537 -36.86 -4.07 -4.80
N ALA B 538 -36.80 -2.93 -4.11
CA ALA B 538 -36.24 -1.71 -4.69
C ALA B 538 -34.82 -1.89 -5.18
N PRO B 539 -34.47 -1.23 -6.30
CA PRO B 539 -33.13 -1.32 -6.86
C PRO B 539 -32.07 -1.37 -5.78
N ASP B 540 -31.24 -2.41 -5.85
CA ASP B 540 -30.08 -2.53 -5.00
C ASP B 540 -29.03 -1.56 -5.55
N HIS B 541 -28.68 -1.74 -6.83
CA HIS B 541 -27.62 -1.00 -7.47
C HIS B 541 -27.97 -0.77 -8.94
N GLN B 542 -28.26 0.47 -9.31
CA GLN B 542 -28.67 0.84 -10.68
C GLN B 542 -27.72 0.29 -11.73
N GLU B 543 -28.30 -0.34 -12.75
CA GLU B 543 -27.59 -1.34 -13.55
C GLU B 543 -26.72 -0.81 -14.70
N LEU B 544 -25.52 -1.38 -14.81
CA LEU B 544 -24.62 -1.14 -15.94
C LEU B 544 -24.43 -2.44 -16.71
N ASN B 545 -24.54 -2.36 -18.04
CA ASN B 545 -24.19 -3.49 -18.91
C ASN B 545 -23.77 -2.99 -20.28
N LEU B 546 -22.76 -2.14 -20.29
CA LEU B 546 -22.25 -1.55 -21.53
C LEU B 546 -21.32 -2.52 -22.24
N ASP B 547 -21.50 -2.63 -23.55
CA ASP B 547 -20.68 -3.49 -24.37
C ASP B 547 -20.06 -2.56 -25.38
N VAL B 548 -19.12 -1.76 -24.91
CA VAL B 548 -18.49 -0.77 -25.78
C VAL B 548 -17.62 -1.45 -26.83
N SER B 549 -17.91 -1.18 -28.10
CA SER B 549 -17.13 -1.69 -29.21
C SER B 549 -16.25 -0.57 -29.74
N LEU B 550 -14.96 -0.83 -29.86
CA LEU B 550 -14.08 0.08 -30.57
C LEU B 550 -13.49 -0.69 -31.72
N GLN B 551 -13.13 0.03 -32.78
CA GLN B 551 -12.56 -0.62 -33.96
C GLN B 551 -11.76 0.38 -34.76
N LEU B 552 -10.45 0.35 -34.58
CA LEU B 552 -9.59 1.26 -35.30
C LEU B 552 -9.28 0.63 -36.65
N PRO B 553 -9.07 1.47 -37.70
CA PRO B 553 -8.63 0.94 -39.00
C PRO B 553 -7.17 0.45 -38.95
N SER B 554 -6.36 1.17 -38.16
CA SER B 554 -5.01 0.78 -37.74
C SER B 554 -4.94 -0.72 -37.41
N ARG B 555 -5.67 -1.12 -36.38
CA ARG B 555 -5.67 -2.50 -35.91
C ARG B 555 -6.61 -3.33 -36.75
N SER B 556 -6.50 -4.64 -36.61
CA SER B 556 -7.29 -5.57 -37.40
C SER B 556 -8.67 -5.74 -36.81
N SER B 557 -8.70 -6.08 -35.52
CA SER B 557 -9.90 -6.56 -34.88
C SER B 557 -10.54 -5.52 -33.98
N LYS B 558 -11.85 -5.70 -33.79
CA LYS B 558 -12.61 -4.90 -32.86
C LYS B 558 -12.00 -5.05 -31.47
N ILE B 559 -12.56 -4.31 -30.53
CA ILE B 559 -12.14 -4.34 -29.17
C ILE B 559 -13.41 -4.20 -28.35
N THR B 560 -13.91 -5.35 -27.89
CA THR B 560 -15.18 -5.43 -27.20
C THR B 560 -15.00 -5.18 -25.71
N HIS B 561 -14.91 -3.91 -25.32
CA HIS B 561 -14.77 -3.57 -23.90
C HIS B 561 -16.03 -3.82 -23.09
N ARG B 562 -16.13 -5.01 -22.48
CA ARG B 562 -17.25 -5.32 -21.61
C ARG B 562 -17.17 -4.41 -20.40
N ILE B 563 -18.34 -4.03 -19.89
CA ILE B 563 -18.47 -3.18 -18.71
C ILE B 563 -19.56 -3.74 -17.78
N HIS B 564 -19.25 -3.84 -16.49
CA HIS B 564 -20.23 -4.26 -15.48
C HIS B 564 -19.98 -3.54 -14.14
N TRP B 565 -21.05 -3.02 -13.57
CA TRP B 565 -21.05 -2.63 -12.16
C TRP B 565 -20.93 -3.93 -11.41
N GLU B 566 -19.91 -4.04 -10.57
CA GLU B 566 -19.38 -5.31 -10.07
C GLU B 566 -17.90 -5.33 -10.48
N SER B 567 -17.61 -4.87 -11.69
CA SER B 567 -16.24 -4.52 -12.04
C SER B 567 -15.99 -3.32 -11.19
N ALA B 568 -15.18 -3.50 -10.14
CA ALA B 568 -14.94 -2.48 -9.10
C ALA B 568 -13.96 -1.35 -9.48
N SER B 569 -13.48 -1.36 -10.74
CA SER B 569 -12.70 -0.22 -11.33
C SER B 569 -13.64 0.67 -12.12
N LEU B 570 -14.30 0.02 -13.08
CA LEU B 570 -14.98 0.71 -14.11
C LEU B 570 -13.94 1.71 -14.58
N LEU B 571 -12.77 1.21 -14.99
CA LEU B 571 -11.80 1.99 -15.75
C LEU B 571 -10.87 1.10 -16.54
N ARG B 572 -10.58 1.59 -17.76
CA ARG B 572 -9.96 0.85 -18.86
C ARG B 572 -9.06 1.77 -19.69
N SER B 573 -8.34 1.20 -20.67
CA SER B 573 -7.59 2.00 -21.64
C SER B 573 -7.17 1.27 -22.91
N GLU B 574 -7.05 2.05 -23.98
CA GLU B 574 -6.50 1.58 -25.23
C GLU B 574 -5.43 2.50 -25.78
N GLU B 575 -4.30 1.91 -26.13
CA GLU B 575 -3.13 2.65 -26.54
C GLU B 575 -2.94 2.44 -28.03
N THR B 576 -3.12 3.50 -28.79
CA THR B 576 -2.83 3.49 -30.22
C THR B 576 -1.46 4.08 -30.43
N LYS B 577 -0.68 3.49 -31.33
CA LYS B 577 0.62 4.03 -31.69
C LYS B 577 0.43 5.14 -32.75
N GLU B 578 -0.26 4.80 -33.84
CA GLU B 578 -0.50 5.77 -34.92
C GLU B 578 -1.83 6.52 -34.74
N ASN B 579 -1.78 7.84 -34.90
CA ASN B 579 -2.98 8.71 -34.87
C ASN B 579 -3.92 8.44 -36.05
N GLU B 580 -5.17 8.09 -35.74
CA GLU B 580 -6.17 7.66 -36.74
C GLU B 580 -7.59 8.06 -36.36
N GLY B 581 -8.53 7.82 -37.27
CA GLY B 581 -9.96 8.01 -37.01
C GLY B 581 -10.65 6.68 -36.72
N PHE B 582 -11.24 6.56 -35.52
CA PHE B 582 -11.79 5.27 -35.01
C PHE B 582 -13.18 5.34 -34.37
N THR B 583 -14.00 4.36 -34.72
CA THR B 583 -15.42 4.34 -34.43
C THR B 583 -15.64 3.73 -33.06
N VAL B 584 -16.48 4.35 -32.25
CA VAL B 584 -16.77 3.77 -30.95
C VAL B 584 -18.26 3.55 -30.82
N THR B 585 -18.67 2.32 -31.06
CA THR B 585 -20.06 1.95 -30.89
C THR B 585 -20.30 1.68 -29.41
N ALA B 586 -21.56 1.57 -28.99
CA ALA B 586 -21.88 1.23 -27.59
C ALA B 586 -23.34 0.83 -27.44
N GLU B 587 -23.63 -0.14 -26.56
CA GLU B 587 -24.88 -0.91 -26.63
C GLU B 587 -25.55 -1.17 -25.27
N GLY B 588 -26.68 -0.53 -25.01
CA GLY B 588 -27.58 -0.91 -23.90
C GLY B 588 -27.21 -0.69 -22.42
N LYS B 589 -27.96 0.19 -21.76
CA LYS B 589 -27.97 0.40 -20.27
C LYS B 589 -26.95 1.40 -19.70
N GLY B 590 -27.07 1.67 -18.41
CA GLY B 590 -26.06 2.41 -17.66
C GLY B 590 -25.73 3.79 -18.21
N GLN B 591 -24.44 4.11 -18.17
CA GLN B 591 -23.93 5.44 -18.51
C GLN B 591 -22.39 5.41 -18.36
N GLY B 592 -21.64 5.92 -19.33
CA GLY B 592 -20.18 5.78 -19.32
C GLY B 592 -19.34 6.91 -19.88
N THR B 593 -18.15 7.11 -19.30
CA THR B 593 -17.22 8.12 -19.77
C THR B 593 -16.36 7.61 -20.90
N LEU B 594 -16.04 8.51 -21.81
CA LEU B 594 -15.21 8.18 -22.94
C LEU B 594 -14.29 9.35 -23.29
N SER B 595 -13.14 9.42 -22.64
CA SER B 595 -12.15 10.46 -22.95
C SER B 595 -11.35 10.08 -24.18
N VAL B 596 -10.68 11.05 -24.76
CA VAL B 596 -9.69 10.80 -25.82
C VAL B 596 -8.53 11.78 -25.74
N VAL B 597 -7.34 11.25 -25.57
CA VAL B 597 -6.16 12.06 -25.36
C VAL B 597 -5.02 11.54 -26.21
N THR B 598 -4.12 12.43 -26.61
CA THR B 598 -2.92 12.06 -27.37
C THR B 598 -1.69 12.73 -26.79
N MET B 599 -0.67 11.97 -26.42
CA MET B 599 0.58 12.57 -26.01
C MET B 599 1.48 12.71 -27.23
N TYR B 600 2.22 13.81 -27.28
CA TYR B 600 3.09 14.13 -28.42
C TYR B 600 4.13 15.18 -28.01
N HIS B 601 4.79 15.78 -29.00
CA HIS B 601 5.79 16.83 -28.75
C HIS B 601 5.75 17.94 -29.81
N ALA B 602 6.00 19.17 -29.40
CA ALA B 602 6.01 20.32 -30.33
C ALA B 602 7.21 21.24 -30.09
N LYS B 603 7.44 22.17 -31.02
CA LYS B 603 8.60 23.08 -30.98
C LYS B 603 8.69 23.92 -29.69
N ALA B 604 9.88 24.47 -29.44
CA ALA B 604 10.34 24.77 -28.07
C ALA B 604 9.98 26.13 -27.43
N LYS B 605 9.73 27.16 -28.25
CA LYS B 605 9.68 28.56 -27.81
C LYS B 605 11.07 29.05 -27.39
N ASP B 606 11.31 30.35 -27.56
CA ASP B 606 12.63 30.93 -27.32
C ASP B 606 12.71 31.71 -25.99
N GLN B 607 12.38 31.00 -24.90
CA GLN B 607 12.79 31.36 -23.55
C GLN B 607 12.82 30.02 -22.77
N LEU B 608 13.83 29.20 -23.08
CA LEU B 608 13.85 27.75 -22.75
C LEU B 608 14.05 27.42 -21.24
N THR B 609 14.95 26.46 -20.92
CA THR B 609 14.99 25.83 -19.58
C THR B 609 16.36 25.79 -18.86
N CYS B 610 16.84 26.97 -18.51
CA CYS B 610 17.69 27.15 -17.32
C CYS B 610 16.82 27.99 -16.36
N ASN B 611 15.63 27.46 -16.07
CA ASN B 611 14.58 28.21 -15.37
C ASN B 611 15.08 29.16 -14.28
N LYS B 612 15.58 28.63 -13.17
CA LYS B 612 15.88 29.46 -12.00
C LYS B 612 17.38 29.71 -11.80
N PHE B 613 18.15 29.80 -12.89
CA PHE B 613 19.57 30.14 -12.78
C PHE B 613 20.20 30.61 -14.09
N ASP B 614 20.38 31.92 -14.22
CA ASP B 614 21.13 32.49 -15.32
C ASP B 614 22.61 32.31 -15.04
N LEU B 615 23.32 31.79 -16.04
CA LEU B 615 24.72 31.46 -15.90
C LEU B 615 25.49 31.79 -17.19
N LYS B 616 26.58 32.53 -17.04
CA LYS B 616 27.50 32.85 -18.15
C LYS B 616 28.95 32.49 -17.78
N VAL B 617 29.72 32.01 -18.75
CA VAL B 617 31.05 31.45 -18.51
C VAL B 617 31.98 31.72 -19.68
N THR B 618 33.20 32.22 -19.41
CA THR B 618 34.14 32.60 -20.50
C THR B 618 35.59 32.21 -20.23
N ILE B 619 36.37 32.11 -21.31
CA ILE B 619 37.77 31.70 -21.24
C ILE B 619 38.67 32.51 -22.22
N LYS B 620 39.69 33.20 -21.71
CA LYS B 620 40.63 34.02 -22.51
C LYS B 620 42.12 33.85 -22.06
N PRO B 621 43.12 34.14 -22.95
CA PRO B 621 44.59 34.02 -22.67
C PRO B 621 45.33 35.03 -21.72
N ALA B 622 46.66 34.87 -21.68
CA ALA B 622 47.50 35.12 -20.47
C ALA B 622 47.75 36.58 -20.02
N PRO B 623 48.60 36.78 -18.98
CA PRO B 623 49.24 38.04 -18.61
C PRO B 623 50.75 38.11 -18.91
N GLU B 624 51.37 39.25 -18.58
CA GLU B 624 52.75 39.57 -18.98
C GLU B 624 53.81 38.57 -18.46
N THR B 625 54.96 38.55 -19.14
CA THR B 625 56.13 37.74 -18.76
C THR B 625 57.46 38.48 -19.07
N LYS B 633 52.36 26.51 -19.72
CA LYS B 633 52.87 27.59 -20.56
C LYS B 633 51.71 28.49 -20.98
N ASN B 634 50.72 27.90 -21.64
CA ASN B 634 49.53 28.62 -22.10
C ASN B 634 48.45 28.49 -21.03
N THR B 635 48.21 29.58 -20.29
CA THR B 635 47.20 29.59 -19.23
C THR B 635 46.13 30.62 -19.58
N MET B 636 44.91 30.40 -19.11
CA MET B 636 43.77 31.23 -19.48
C MET B 636 42.92 31.62 -18.28
N ILE B 637 42.03 32.59 -18.48
CA ILE B 637 41.21 33.17 -17.42
C ILE B 637 39.81 32.60 -17.45
N LEU B 638 39.52 31.65 -16.56
CA LEU B 638 38.18 31.09 -16.49
C LEU B 638 37.32 32.01 -15.63
N GLU B 639 36.27 32.57 -16.24
CA GLU B 639 35.36 33.51 -15.58
C GLU B 639 33.97 32.91 -15.46
N ILE B 640 33.36 33.11 -14.29
CA ILE B 640 32.02 32.63 -14.00
C ILE B 640 31.18 33.76 -13.41
N CYS B 641 30.19 34.21 -14.17
CA CYS B 641 29.27 35.24 -13.70
C CYS B 641 27.86 34.70 -13.82
N THR B 642 27.21 34.53 -12.66
CA THR B 642 25.95 33.82 -12.56
C THR B 642 24.97 34.54 -11.67
N ARG B 643 23.67 34.29 -11.86
CA ARG B 643 22.66 34.57 -10.83
C ARG B 643 21.23 34.12 -11.20
N TYR B 644 20.30 34.35 -10.27
CA TYR B 644 19.16 33.49 -10.00
C TYR B 644 17.83 34.22 -10.20
N ARG B 645 16.97 33.67 -11.04
CA ARG B 645 15.65 34.29 -11.32
C ARG B 645 14.68 34.19 -10.13
N GLY B 646 13.66 35.04 -10.16
CA GLY B 646 12.79 35.25 -8.99
C GLY B 646 13.63 35.92 -7.92
N ASP B 647 13.78 37.24 -8.02
CA ASP B 647 14.88 38.00 -7.34
C ASP B 647 14.75 38.10 -5.80
N GLN B 648 14.95 36.95 -5.15
CA GLN B 648 15.08 36.84 -3.71
C GLN B 648 16.34 36.02 -3.46
N ASP B 649 17.41 36.71 -3.09
CA ASP B 649 18.76 36.14 -2.88
C ASP B 649 18.74 34.67 -2.46
N ALA B 650 18.82 33.76 -3.44
CA ALA B 650 18.85 32.33 -3.16
C ALA B 650 19.90 31.95 -2.12
N THR B 651 19.59 30.92 -1.34
CA THR B 651 20.46 30.45 -0.27
C THR B 651 21.53 29.55 -0.84
N MET B 652 22.54 29.28 0.00
CA MET B 652 23.58 28.27 -0.26
C MET B 652 23.55 27.59 -1.63
N SER B 653 24.70 27.49 -2.29
CA SER B 653 24.74 26.86 -3.61
C SER B 653 26.05 26.22 -4.06
N ILE B 654 25.94 25.41 -5.10
CA ILE B 654 27.07 24.77 -5.74
C ILE B 654 27.37 25.43 -7.08
N LEU B 655 28.66 25.59 -7.31
CA LEU B 655 29.22 25.77 -8.62
C LEU B 655 30.09 24.56 -8.81
N ASP B 656 29.82 23.80 -9.86
CA ASP B 656 30.56 22.58 -10.13
C ASP B 656 31.36 22.76 -11.42
N ILE B 657 32.68 22.85 -11.27
CA ILE B 657 33.54 23.05 -12.39
C ILE B 657 34.16 21.72 -12.79
N SER B 658 33.85 21.30 -14.01
CA SER B 658 34.66 20.33 -14.72
C SER B 658 35.71 21.10 -15.51
N MET B 659 36.92 20.56 -15.56
CA MET B 659 38.03 21.23 -16.24
C MET B 659 38.27 20.61 -17.62
N MET B 660 39.07 21.34 -18.41
CA MET B 660 39.37 20.98 -19.80
C MET B 660 40.54 20.00 -19.84
N THR B 661 40.47 19.05 -20.78
CA THR B 661 41.37 17.89 -20.77
C THR B 661 42.80 18.31 -20.48
N GLY B 662 43.23 18.03 -19.25
CA GLY B 662 44.52 18.47 -18.79
C GLY B 662 44.52 19.97 -18.68
N PHE B 663 43.69 20.48 -17.78
CA PHE B 663 43.78 21.86 -17.32
C PHE B 663 43.65 21.83 -15.82
N ALA B 664 44.24 22.82 -15.15
CA ALA B 664 44.25 22.85 -13.70
C ALA B 664 44.15 24.27 -13.19
N PRO B 665 43.30 24.51 -12.19
CA PRO B 665 43.32 25.84 -11.59
C PRO B 665 44.65 26.12 -10.90
N ASP B 666 44.98 27.40 -10.73
CA ASP B 666 46.16 27.81 -9.97
C ASP B 666 45.90 27.65 -8.46
N THR B 667 46.93 27.31 -7.70
CA THR B 667 46.81 27.18 -6.24
C THR B 667 46.51 28.55 -5.60
N ASP B 668 47.30 29.57 -5.94
CA ASP B 668 47.17 30.91 -5.35
C ASP B 668 45.78 31.49 -5.55
N ASP B 669 45.33 31.53 -6.80
CA ASP B 669 44.01 32.06 -7.15
C ASP B 669 42.89 31.54 -6.26
N LEU B 670 42.88 30.22 -6.06
CA LEU B 670 41.82 29.58 -5.30
C LEU B 670 41.76 30.11 -3.87
N LYS B 671 42.93 30.28 -3.24
CA LYS B 671 43.02 30.73 -1.84
C LYS B 671 42.55 32.19 -1.68
N GLN B 672 42.69 32.98 -2.75
CA GLN B 672 42.09 34.31 -2.82
C GLN B 672 40.57 34.21 -2.65
N LEU B 673 39.95 33.22 -3.31
CA LEU B 673 38.48 33.06 -3.32
C LEU B 673 37.92 32.37 -2.09
N ALA B 674 38.73 31.55 -1.45
CA ALA B 674 38.30 30.78 -0.28
C ALA B 674 38.07 31.67 0.95
N ASN B 675 39.02 32.56 1.20
CA ASN B 675 38.93 33.50 2.32
C ASN B 675 38.21 34.80 1.93
N GLY B 676 37.77 34.93 0.68
CA GLY B 676 36.88 36.01 0.27
C GLY B 676 35.52 35.64 0.79
N VAL B 677 34.89 36.53 1.56
CA VAL B 677 33.72 36.16 2.37
C VAL B 677 32.44 36.04 1.52
N ASP B 678 31.48 35.27 2.04
CA ASP B 678 30.28 34.82 1.29
C ASP B 678 30.62 33.79 0.18
N ARG B 679 31.73 33.06 0.35
CA ARG B 679 32.18 31.99 -0.57
C ARG B 679 33.06 30.95 0.15
N TYR B 680 33.21 29.76 -0.41
CA TYR B 680 33.91 28.65 0.26
C TYR B 680 34.47 27.58 -0.68
N ILE B 681 35.69 27.17 -0.39
CA ILE B 681 36.29 26.00 -1.01
C ILE B 681 37.03 25.19 0.06
N SER B 682 36.76 23.88 0.07
CA SER B 682 37.09 23.01 1.20
C SER B 682 38.57 22.64 1.27
N LYS B 683 39.06 22.46 2.50
CA LYS B 683 40.43 22.05 2.80
C LYS B 683 40.87 20.78 2.05
N TYR B 684 39.91 19.94 1.65
CA TYR B 684 40.19 18.77 0.82
C TYR B 684 40.66 19.17 -0.57
N GLU B 685 39.86 19.96 -1.27
CA GLU B 685 40.12 20.26 -2.69
C GLU B 685 41.38 21.10 -2.90
N LEU B 686 41.78 21.86 -1.89
CA LEU B 686 43.05 22.61 -1.96
C LEU B 686 44.23 21.66 -1.81
N ASP B 687 44.32 21.00 -0.66
CA ASP B 687 45.43 20.08 -0.36
C ASP B 687 45.62 18.98 -1.42
N LYS B 688 44.61 18.78 -2.25
CA LYS B 688 44.69 17.95 -3.46
C LYS B 688 45.93 18.25 -4.30
N ALA B 689 46.33 17.28 -5.11
CA ALA B 689 47.48 17.43 -5.98
C ALA B 689 47.18 18.28 -7.22
N PHE B 690 48.23 18.83 -7.82
CA PHE B 690 48.20 19.32 -9.21
C PHE B 690 48.10 18.12 -10.15
N SER B 691 48.56 16.97 -9.66
CA SER B 691 48.40 15.68 -10.33
C SER B 691 46.97 15.43 -10.81
N ASP B 692 45.97 15.83 -10.00
CA ASP B 692 44.56 15.73 -10.39
C ASP B 692 43.64 16.76 -9.75
N ARG B 693 43.40 17.86 -10.47
CA ARG B 693 42.37 18.83 -10.10
C ARG B 693 41.55 19.14 -11.34
N ASN B 694 40.91 18.09 -11.87
CA ASN B 694 40.09 18.19 -13.07
C ASN B 694 38.59 18.49 -12.77
N THR B 695 38.18 18.22 -11.54
CA THR B 695 36.85 18.62 -11.07
C THR B 695 37.01 19.39 -9.78
N LEU B 696 36.12 20.34 -9.54
CA LEU B 696 36.28 21.29 -8.46
C LEU B 696 34.94 21.88 -8.16
N ILE B 697 34.53 21.88 -6.89
CA ILE B 697 33.28 22.55 -6.52
C ILE B 697 33.54 23.80 -5.72
N ILE B 698 32.93 24.89 -6.15
CA ILE B 698 32.90 26.13 -5.41
C ILE B 698 31.60 26.14 -4.66
N TYR B 699 31.66 26.15 -3.35
CA TYR B 699 30.46 26.34 -2.56
C TYR B 699 30.20 27.84 -2.49
N LEU B 700 28.92 28.23 -2.43
CA LEU B 700 28.53 29.65 -2.32
C LEU B 700 27.50 29.82 -1.21
N ASP B 701 27.46 31.00 -0.58
CA ASP B 701 26.44 31.30 0.45
C ASP B 701 25.19 31.97 -0.15
N LYS B 702 25.40 32.78 -1.20
CA LYS B 702 24.34 33.64 -1.74
C LYS B 702 24.49 33.97 -3.23
N VAL B 703 23.36 34.18 -3.90
CA VAL B 703 23.30 34.34 -5.35
C VAL B 703 21.87 34.70 -5.82
N SER B 704 21.58 36.00 -5.98
CA SER B 704 20.26 36.50 -6.42
C SER B 704 20.13 36.55 -7.96
N HIS B 705 19.36 37.50 -8.51
CA HIS B 705 19.65 38.11 -9.85
C HIS B 705 19.50 39.64 -9.80
N SER B 706 19.58 40.17 -8.59
CA SER B 706 19.79 41.58 -8.38
C SER B 706 21.07 41.98 -9.13
N GLU B 707 22.17 41.27 -8.85
CA GLU B 707 23.45 41.48 -9.53
C GLU B 707 23.79 40.28 -10.42
N ASP B 708 25.08 40.05 -10.68
CA ASP B 708 25.62 38.77 -11.12
C ASP B 708 26.85 38.53 -10.26
N ASP B 709 26.93 37.39 -9.59
CA ASP B 709 28.07 37.12 -8.72
C ASP B 709 29.23 36.67 -9.59
N CYS B 710 30.18 37.57 -9.78
CA CYS B 710 31.27 37.40 -10.72
C CYS B 710 32.56 36.97 -10.03
N LEU B 711 33.15 35.90 -10.54
CA LEU B 711 34.43 35.40 -10.07
C LEU B 711 35.21 34.81 -11.23
N ALA B 712 36.53 34.79 -11.10
CA ALA B 712 37.40 34.19 -12.11
C ALA B 712 38.73 33.73 -11.51
N PHE B 713 39.41 32.84 -12.25
CA PHE B 713 40.72 32.35 -11.84
C PHE B 713 41.51 31.79 -13.02
N LYS B 714 42.78 31.48 -12.74
CA LYS B 714 43.79 31.13 -13.74
C LYS B 714 43.94 29.61 -13.85
N VAL B 715 43.91 29.09 -15.07
CA VAL B 715 44.00 27.66 -15.31
C VAL B 715 45.27 27.22 -16.04
N HIS B 716 46.27 26.81 -15.25
CA HIS B 716 47.54 26.32 -15.78
C HIS B 716 47.39 24.98 -16.51
N GLN B 717 47.69 24.96 -17.80
CA GLN B 717 47.80 23.73 -18.59
C GLN B 717 49.13 23.03 -18.26
N TYR B 718 49.08 21.72 -18.05
CA TYR B 718 50.30 20.95 -17.74
C TYR B 718 50.45 19.65 -18.57
N PHE B 719 49.44 19.32 -19.36
CA PHE B 719 49.40 18.09 -20.17
C PHE B 719 49.06 18.55 -21.59
N ASN B 720 50.07 18.71 -22.44
CA ASN B 720 49.85 19.19 -23.80
C ASN B 720 49.19 18.08 -24.63
N VAL B 721 48.17 18.47 -25.42
CA VAL B 721 47.55 17.55 -26.37
C VAL B 721 46.75 18.31 -27.43
N GLU B 722 46.63 17.69 -28.60
CA GLU B 722 45.74 18.16 -29.66
C GLU B 722 44.26 18.02 -29.23
N LEU B 723 43.39 18.79 -29.89
CA LEU B 723 41.92 18.65 -29.75
C LEU B 723 41.34 19.24 -28.46
N ILE B 724 41.58 18.54 -27.35
CA ILE B 724 41.06 18.85 -26.00
C ILE B 724 39.52 18.95 -25.84
N GLN B 725 39.03 18.36 -24.74
CA GLN B 725 37.61 18.41 -24.38
C GLN B 725 37.33 19.70 -23.62
N PRO B 726 36.12 20.28 -23.81
CA PRO B 726 35.70 21.42 -22.99
C PRO B 726 35.37 21.04 -21.56
N GLY B 727 35.13 22.06 -20.74
CA GLY B 727 34.71 21.85 -19.37
C GLY B 727 33.29 22.30 -19.24
N ALA B 728 32.83 22.40 -18.00
CA ALA B 728 31.44 22.72 -17.74
C ALA B 728 31.25 23.18 -16.32
N VAL B 729 30.70 24.38 -16.18
CA VAL B 729 30.24 24.87 -14.90
C VAL B 729 28.74 24.66 -14.84
N LYS B 730 28.25 24.32 -13.65
CA LYS B 730 26.87 23.88 -13.49
C LYS B 730 26.38 24.26 -12.12
N VAL B 731 25.49 25.26 -12.03
CA VAL B 731 25.00 25.69 -10.72
C VAL B 731 23.67 25.09 -10.39
N TYR B 732 23.49 24.90 -9.09
CA TYR B 732 22.22 24.58 -8.49
C TYR B 732 22.29 25.03 -7.06
N ALA B 733 21.13 25.35 -6.51
CA ALA B 733 21.01 25.52 -5.07
C ALA B 733 20.96 24.12 -4.48
N TYR B 734 21.46 23.98 -3.26
CA TYR B 734 21.51 22.69 -2.61
C TYR B 734 20.11 22.06 -2.42
N TYR B 735 19.07 22.90 -2.41
CA TYR B 735 17.70 22.41 -2.18
C TYR B 735 16.97 21.98 -3.47
N ASN B 736 17.71 21.80 -4.55
CA ASN B 736 17.20 21.06 -5.69
C ASN B 736 18.29 20.87 -6.73
N LEU B 737 18.62 19.62 -7.02
CA LEU B 737 19.55 19.32 -8.11
C LEU B 737 18.79 19.29 -9.43
N GLU B 738 17.48 19.52 -9.36
CA GLU B 738 16.70 19.85 -10.54
C GLU B 738 16.97 21.32 -10.92
N GLU B 739 16.44 22.29 -10.15
CA GLU B 739 16.73 23.73 -10.38
C GLU B 739 18.24 23.96 -10.63
N SER B 740 18.68 23.74 -11.88
CA SER B 740 20.10 23.77 -12.24
C SER B 740 20.33 24.41 -13.60
N CYS B 741 21.59 24.63 -13.94
CA CYS B 741 21.96 25.19 -15.23
C CYS B 741 23.41 24.87 -15.57
N THR B 742 23.66 24.27 -16.74
CA THR B 742 24.99 23.73 -17.10
C THR B 742 25.64 24.37 -18.35
N ARG B 743 26.45 25.41 -18.15
CA ARG B 743 27.10 26.09 -19.26
C ARG B 743 28.46 25.51 -19.53
N PHE B 744 28.93 25.65 -20.79
CA PHE B 744 30.25 25.16 -21.22
C PHE B 744 31.24 26.27 -21.63
N TYR B 745 32.48 25.86 -21.87
CA TYR B 745 33.54 26.79 -22.25
C TYR B 745 34.68 26.06 -22.95
N HIS B 746 35.33 26.74 -23.90
CA HIS B 746 36.47 26.18 -24.66
C HIS B 746 36.91 27.11 -25.84
N PRO B 747 38.24 27.26 -26.05
CA PRO B 747 38.81 28.33 -26.88
C PRO B 747 38.49 28.33 -28.38
N GLU B 748 38.86 27.27 -29.09
CA GLU B 748 38.76 27.23 -30.57
C GLU B 748 37.32 27.46 -31.04
N LYS B 749 36.38 26.74 -30.42
CA LYS B 749 34.99 26.68 -30.87
C LYS B 749 34.14 27.80 -30.27
N GLU B 750 34.41 28.15 -29.01
CA GLU B 750 33.67 29.17 -28.26
C GLU B 750 32.29 28.65 -27.85
N ASP B 751 31.82 29.13 -26.71
CA ASP B 751 30.59 28.65 -26.10
C ASP B 751 30.60 27.11 -26.00
N GLY B 752 31.79 26.58 -25.68
CA GLY B 752 32.03 25.15 -25.40
C GLY B 752 31.44 24.09 -26.32
N LYS B 753 30.61 24.51 -27.28
CA LYS B 753 29.76 23.58 -28.01
C LYS B 753 30.61 22.68 -28.88
N LEU B 754 30.24 21.41 -28.99
CA LEU B 754 30.92 20.49 -29.90
C LEU B 754 30.43 20.72 -31.32
N ASN B 755 31.28 20.38 -32.28
CA ASN B 755 30.98 20.60 -33.70
C ASN B 755 30.05 19.51 -34.23
N LYS B 756 28.78 19.87 -34.46
CA LYS B 756 27.80 18.97 -35.08
C LYS B 756 27.10 19.65 -36.27
N LEU B 757 26.40 18.85 -37.09
CA LEU B 757 25.78 19.33 -38.33
C LEU B 757 24.31 18.87 -38.45
N CYS B 758 23.40 19.69 -37.91
CA CYS B 758 21.97 19.34 -37.80
C CYS B 758 21.12 20.03 -38.86
N ARG B 759 20.27 19.25 -39.53
CA ARG B 759 19.19 19.80 -40.37
C ARG B 759 17.81 19.39 -39.82
N ASP B 760 16.99 20.38 -39.47
CA ASP B 760 15.62 20.18 -38.95
C ASP B 760 15.57 19.36 -37.65
N GLU B 761 15.73 18.04 -37.77
CA GLU B 761 15.52 17.10 -36.67
C GLU B 761 16.86 16.52 -36.21
N LEU B 762 17.42 15.62 -37.02
CA LEU B 762 18.53 14.75 -36.61
C LEU B 762 19.90 15.34 -36.95
N CYS B 763 20.95 14.79 -36.32
CA CYS B 763 22.29 15.37 -36.41
C CYS B 763 23.39 14.35 -36.74
N ARG B 764 24.46 14.85 -37.37
CA ARG B 764 25.64 14.04 -37.72
C ARG B 764 26.81 14.40 -36.80
N CYS B 765 27.35 13.40 -36.09
CA CYS B 765 28.55 13.58 -35.29
C CYS B 765 29.72 14.03 -36.17
N ALA B 766 30.03 15.33 -36.13
CA ALA B 766 30.96 15.94 -37.09
C ALA B 766 32.38 16.22 -36.55
N GLU B 767 32.77 15.53 -35.47
CA GLU B 767 34.10 15.70 -34.87
C GLU B 767 35.09 14.65 -35.37
N GLU B 768 35.51 14.75 -36.63
CA GLU B 768 36.48 13.81 -37.22
C GLU B 768 37.17 14.38 -38.48
N ASN B 769 37.68 13.50 -39.34
CA ASN B 769 38.32 13.89 -40.60
C ASN B 769 37.33 14.58 -41.54
N CYS B 770 37.74 15.69 -42.15
CA CYS B 770 36.95 16.30 -43.22
C CYS B 770 36.94 15.37 -44.42
N PHE B 771 38.13 14.95 -44.85
CA PHE B 771 38.29 13.87 -45.85
C PHE B 771 39.73 13.39 -45.93
N ILE B 772 39.74 12.04 -45.97
CA ILE B 772 40.90 11.15 -46.12
C ILE B 772 42.16 11.98 -46.22
N GLN B 773 43.15 11.69 -45.37
CA GLN B 773 44.18 12.68 -45.09
C GLN B 773 45.59 12.53 -45.68
N LYS B 774 45.88 13.46 -46.60
CA LYS B 774 47.23 13.74 -47.13
C LYS B 774 47.89 12.61 -47.88
N ASP B 777 50.93 13.48 -50.47
CA ASP B 777 52.35 13.31 -50.20
C ASP B 777 53.05 12.60 -51.37
N LYS B 778 52.63 11.36 -51.63
CA LYS B 778 53.08 10.61 -52.82
C LYS B 778 51.87 10.32 -53.72
N VAL B 779 50.77 9.89 -53.11
CA VAL B 779 49.51 9.47 -53.77
C VAL B 779 49.69 8.63 -55.04
N THR B 780 50.43 7.53 -54.92
CA THR B 780 50.73 6.64 -56.04
C THR B 780 49.47 5.91 -56.58
N LEU B 781 49.60 5.31 -57.77
CA LEU B 781 48.45 4.73 -58.46
C LEU B 781 47.82 3.57 -57.70
N GLU B 782 48.62 2.57 -57.35
CA GLU B 782 48.17 1.50 -56.45
C GLU B 782 47.47 2.16 -55.28
N GLU B 783 48.21 3.00 -54.56
CA GLU B 783 47.74 3.70 -53.36
C GLU B 783 46.35 4.35 -53.53
N ARG B 784 46.01 4.72 -54.77
CA ARG B 784 44.68 5.24 -55.08
C ARG B 784 43.76 4.11 -55.48
N LEU B 785 44.20 3.30 -56.44
CA LEU B 785 43.40 2.17 -56.94
C LEU B 785 42.95 1.25 -55.81
N ASP B 786 43.74 1.17 -54.75
CA ASP B 786 43.41 0.34 -53.60
C ASP B 786 42.28 0.92 -52.76
N LYS B 787 42.47 2.16 -52.30
CA LYS B 787 41.63 2.76 -51.24
C LYS B 787 40.17 3.02 -51.64
N ALA B 788 39.86 2.84 -52.93
CA ALA B 788 38.49 2.93 -53.45
C ALA B 788 37.88 1.56 -53.79
N CYS B 789 38.36 0.52 -53.10
CA CYS B 789 37.80 -0.83 -53.16
C CYS B 789 37.81 -1.39 -51.76
N GLU B 790 37.77 -0.49 -50.80
CA GLU B 790 37.60 -0.84 -49.41
C GLU B 790 36.10 -1.14 -49.22
N PRO B 791 35.67 -1.52 -48.00
CA PRO B 791 34.27 -1.78 -47.68
C PRO B 791 33.24 -0.86 -48.35
N GLY B 792 32.99 0.31 -47.77
CA GLY B 792 31.87 1.14 -48.18
C GLY B 792 32.15 2.24 -49.19
N VAL B 793 32.75 1.89 -50.32
CA VAL B 793 32.93 2.87 -51.40
C VAL B 793 31.79 2.75 -52.44
N ASP B 794 30.79 3.62 -52.28
CA ASP B 794 29.53 3.55 -53.02
C ASP B 794 29.51 4.39 -54.29
N TYR B 795 30.41 5.38 -54.38
CA TYR B 795 30.50 6.30 -55.55
C TYR B 795 31.89 6.90 -55.84
N VAL B 796 32.12 7.19 -57.12
CA VAL B 796 33.38 7.80 -57.56
C VAL B 796 33.10 8.81 -58.68
N TYR B 797 33.18 10.10 -58.34
CA TYR B 797 32.88 11.14 -59.31
C TYR B 797 34.06 12.07 -59.65
N LYS B 798 34.11 12.46 -60.92
CA LYS B 798 34.82 13.65 -61.38
C LYS B 798 33.84 14.83 -61.39
N THR B 799 34.12 15.86 -60.60
CA THR B 799 33.17 16.94 -60.40
C THR B 799 33.66 18.30 -60.89
N ARG B 800 32.75 19.16 -61.32
CA ARG B 800 33.06 20.58 -61.47
C ARG B 800 32.28 21.33 -60.41
N LEU B 801 32.96 22.18 -59.66
CA LEU B 801 32.31 22.94 -58.59
C LEU B 801 31.56 24.14 -59.16
N VAL B 802 30.24 24.13 -58.99
CA VAL B 802 29.38 25.05 -59.72
C VAL B 802 28.85 26.19 -58.87
N LYS B 803 29.07 26.12 -57.57
CA LYS B 803 28.69 27.19 -56.65
C LYS B 803 28.98 26.76 -55.21
N VAL B 804 29.33 27.74 -54.39
CA VAL B 804 29.97 27.52 -53.11
C VAL B 804 29.27 28.34 -52.06
N GLN B 805 28.13 27.84 -51.60
CA GLN B 805 27.32 28.57 -50.61
C GLN B 805 27.82 28.45 -49.17
N LEU B 806 28.84 29.24 -48.86
CA LEU B 806 29.32 29.37 -47.50
C LEU B 806 28.19 29.84 -46.59
N SER B 807 28.32 29.53 -45.30
CA SER B 807 27.46 30.06 -44.26
C SER B 807 28.23 29.93 -42.97
N ASN B 808 27.60 30.27 -41.84
CA ASN B 808 28.21 30.10 -40.53
C ASN B 808 28.22 28.63 -40.07
N ASP B 809 27.04 28.09 -39.77
CA ASP B 809 26.88 26.72 -39.27
C ASP B 809 27.43 25.58 -40.19
N PHE B 810 26.88 25.46 -41.42
CA PHE B 810 27.36 24.46 -42.38
C PHE B 810 27.63 24.98 -43.83
N ASP B 811 28.66 24.42 -44.47
CA ASP B 811 29.02 24.77 -45.85
C ASP B 811 28.30 23.94 -46.92
N GLU B 812 28.37 24.42 -48.15
CA GLU B 812 27.61 23.83 -49.23
C GLU B 812 28.48 23.91 -50.45
N TYR B 813 28.54 22.81 -51.21
CA TYR B 813 29.36 22.81 -52.39
C TYR B 813 28.60 22.13 -53.48
N ILE B 814 27.94 22.91 -54.33
CA ILE B 814 27.19 22.30 -55.41
C ILE B 814 28.19 21.82 -56.42
N MET B 815 28.36 20.51 -56.48
CA MET B 815 29.25 19.87 -57.44
C MET B 815 28.41 19.25 -58.56
N ALA B 816 28.78 19.51 -59.81
CA ALA B 816 28.15 18.87 -60.96
C ALA B 816 28.97 17.66 -61.36
N ILE B 817 28.33 16.51 -61.31
CA ILE B 817 28.95 15.25 -61.70
C ILE B 817 29.30 15.21 -63.19
N GLU B 818 30.60 15.30 -63.48
CA GLU B 818 31.10 15.36 -64.84
C GLU B 818 31.10 14.00 -65.51
N GLN B 819 31.29 12.96 -64.71
CA GLN B 819 31.04 11.57 -65.10
C GLN B 819 30.97 10.69 -63.87
N THR B 820 30.17 9.63 -63.95
CA THR B 820 30.14 8.57 -62.95
C THR B 820 31.20 7.55 -63.32
N ILE B 821 32.23 7.45 -62.48
CA ILE B 821 33.29 6.46 -62.65
C ILE B 821 32.85 5.16 -61.99
N LYS B 822 32.29 5.28 -60.78
CA LYS B 822 31.58 4.18 -60.16
C LYS B 822 30.28 4.71 -59.58
N SER B 823 29.14 4.22 -60.11
CA SER B 823 27.83 4.63 -59.62
C SER B 823 27.52 3.81 -58.36
N GLY B 824 26.24 3.64 -58.04
CA GLY B 824 25.86 2.91 -56.84
C GLY B 824 24.51 3.29 -56.29
N SER B 825 24.42 3.40 -54.97
CA SER B 825 23.15 3.58 -54.27
C SER B 825 22.37 4.84 -54.65
N ASP B 826 22.85 5.55 -55.67
CA ASP B 826 22.26 6.82 -56.07
C ASP B 826 22.36 7.02 -57.57
N GLU B 827 21.27 6.74 -58.29
CA GLU B 827 21.23 6.80 -59.76
C GLU B 827 21.39 8.21 -60.34
N VAL B 828 22.57 8.79 -60.18
CA VAL B 828 22.81 10.16 -60.63
C VAL B 828 23.24 10.19 -62.10
N GLN B 829 22.63 11.08 -62.86
CA GLN B 829 22.88 11.19 -64.30
C GLN B 829 23.97 12.24 -64.53
N VAL B 830 24.81 12.01 -65.55
CA VAL B 830 25.88 12.95 -65.92
C VAL B 830 25.27 14.28 -66.36
N GLY B 831 25.87 15.38 -65.92
CA GLY B 831 25.31 16.71 -66.13
C GLY B 831 24.55 17.18 -64.91
N GLN B 832 24.03 16.23 -64.14
CA GLN B 832 23.26 16.52 -62.93
C GLN B 832 24.13 17.06 -61.78
N GLN B 833 23.50 17.82 -60.89
CA GLN B 833 24.20 18.48 -59.80
C GLN B 833 23.87 17.81 -58.47
N ARG B 834 24.88 17.65 -57.62
CA ARG B 834 24.67 17.17 -56.25
C ARG B 834 25.34 18.08 -55.23
N THR B 835 24.62 18.39 -54.15
CA THR B 835 25.13 19.26 -53.10
C THR B 835 26.01 18.51 -52.08
N PHE B 836 27.22 18.98 -51.80
CA PHE B 836 28.03 18.38 -50.74
C PHE B 836 28.22 19.29 -49.52
N ILE B 837 27.79 18.82 -48.35
CA ILE B 837 28.00 19.53 -47.07
C ILE B 837 29.32 19.18 -46.39
N SER B 838 29.86 20.14 -45.66
CA SER B 838 31.11 19.97 -44.94
C SER B 838 31.12 20.99 -43.82
N PRO B 839 31.69 20.64 -42.65
CA PRO B 839 31.67 21.57 -41.52
C PRO B 839 32.48 22.82 -41.82
N ILE B 840 32.20 23.90 -41.08
CA ILE B 840 32.85 25.19 -41.31
C ILE B 840 34.35 25.13 -40.99
N LYS B 841 34.71 24.33 -39.99
CA LYS B 841 36.09 24.20 -39.52
C LYS B 841 36.97 23.40 -40.47
N CYS B 842 36.41 23.00 -41.61
CA CYS B 842 37.15 22.31 -42.67
C CYS B 842 37.41 23.22 -43.88
N ARG B 843 36.73 24.36 -43.93
CA ARG B 843 36.73 25.28 -45.08
C ARG B 843 38.12 25.52 -45.67
N GLU B 844 39.03 25.95 -44.81
CA GLU B 844 40.38 26.35 -45.20
C GLU B 844 41.23 25.15 -45.60
N ALA B 845 40.95 24.00 -44.98
CA ALA B 845 41.69 22.76 -45.23
C ALA B 845 41.30 22.11 -46.56
N LEU B 846 40.01 22.10 -46.90
CA LEU B 846 39.53 21.69 -48.23
C LEU B 846 39.95 22.69 -49.31
N LYS B 847 39.73 23.97 -49.02
CA LYS B 847 39.98 25.09 -49.93
C LYS B 847 39.68 24.77 -51.38
N LEU B 848 38.41 24.92 -51.73
CA LEU B 848 37.94 24.64 -53.09
C LEU B 848 37.69 25.95 -53.85
N GLU B 849 37.44 25.87 -55.16
CA GLU B 849 36.98 27.03 -55.92
C GLU B 849 36.20 26.59 -57.16
N GLU B 850 35.17 27.35 -57.46
CA GLU B 850 34.28 27.16 -58.61
C GLU B 850 35.04 26.94 -59.91
N LYS B 851 34.33 26.47 -60.94
CA LYS B 851 34.92 26.20 -62.26
C LYS B 851 35.96 25.05 -62.22
N LYS B 852 36.25 24.55 -61.01
CA LYS B 852 37.33 23.55 -60.84
C LYS B 852 36.88 22.09 -60.69
N HIS B 853 37.73 21.17 -61.16
CA HIS B 853 37.36 19.75 -61.16
C HIS B 853 38.03 18.97 -60.06
N TYR B 854 37.27 18.02 -59.54
CA TYR B 854 37.66 17.21 -58.39
C TYR B 854 37.46 15.70 -58.59
N LEU B 855 38.07 14.95 -57.67
CA LEU B 855 37.89 13.51 -57.59
C LEU B 855 37.26 13.24 -56.26
N MET B 856 36.22 12.40 -56.23
CA MET B 856 35.47 12.16 -54.99
C MET B 856 35.06 10.70 -54.73
N TRP B 857 35.53 10.18 -53.59
CA TRP B 857 35.17 8.85 -53.07
C TRP B 857 33.81 8.92 -52.34
N GLY B 858 33.82 8.58 -51.05
CA GLY B 858 32.61 8.58 -50.21
C GLY B 858 31.89 7.26 -50.03
N LEU B 859 31.17 7.14 -48.91
CA LEU B 859 30.37 5.94 -48.53
C LEU B 859 28.87 6.12 -48.79
N SER B 860 28.10 5.08 -48.48
CA SER B 860 26.63 5.14 -48.51
C SER B 860 26.07 5.78 -47.26
N SER B 861 26.78 5.62 -46.14
CA SER B 861 26.36 6.16 -44.83
C SER B 861 26.50 7.67 -44.76
N ASP B 862 26.78 8.28 -45.91
CA ASP B 862 27.14 9.70 -45.99
C ASP B 862 26.09 10.59 -46.63
N PHE B 863 25.02 9.98 -47.13
CA PHE B 863 23.91 10.71 -47.70
C PHE B 863 23.13 11.48 -46.66
N TRP B 864 22.17 12.29 -47.11
CA TRP B 864 21.49 13.26 -46.25
C TRP B 864 20.12 13.63 -46.83
N GLY B 865 19.05 13.06 -46.28
CA GLY B 865 17.67 13.25 -46.80
C GLY B 865 17.30 12.16 -47.80
N GLU B 866 16.00 11.99 -48.03
CA GLU B 866 15.49 10.90 -48.91
C GLU B 866 15.63 11.25 -50.38
N LYS B 867 15.68 10.23 -51.22
CA LYS B 867 15.52 10.39 -52.68
C LYS B 867 14.27 11.24 -53.01
N PRO B 868 14.26 11.91 -54.18
CA PRO B 868 15.32 12.08 -55.20
C PRO B 868 16.30 13.21 -54.82
N ASN B 869 16.17 13.69 -53.58
CA ASN B 869 16.89 14.85 -53.10
C ASN B 869 17.96 14.48 -52.08
N LEU B 870 18.91 13.63 -52.52
CA LEU B 870 19.95 13.11 -51.63
C LEU B 870 21.23 13.96 -51.54
N SER B 871 21.36 14.75 -50.47
CA SER B 871 22.59 15.50 -50.20
C SER B 871 23.73 14.59 -49.74
N TYR B 872 24.95 14.88 -50.16
CA TYR B 872 26.14 14.13 -49.70
C TYR B 872 26.83 14.84 -48.54
N ILE B 873 27.57 14.08 -47.73
CA ILE B 873 28.34 14.67 -46.63
C ILE B 873 29.82 14.34 -46.79
N ILE B 874 30.66 15.35 -46.58
CA ILE B 874 32.09 15.13 -46.53
C ILE B 874 32.51 14.93 -45.08
N GLY B 875 33.06 13.76 -44.79
CA GLY B 875 33.70 13.52 -43.51
C GLY B 875 34.96 12.70 -43.67
N LYS B 876 35.60 12.41 -42.54
CA LYS B 876 36.73 11.48 -42.41
C LYS B 876 36.95 10.44 -43.52
N ASP B 877 35.86 9.95 -44.12
CA ASP B 877 35.96 8.82 -45.04
C ASP B 877 35.86 9.14 -46.53
N THR B 878 35.76 10.43 -46.88
CA THR B 878 35.71 10.86 -48.30
C THR B 878 37.08 11.25 -48.83
N TRP B 879 37.35 10.98 -50.10
CA TRP B 879 38.55 11.51 -50.72
C TRP B 879 38.13 12.64 -51.64
N VAL B 880 38.69 13.82 -51.38
CA VAL B 880 38.53 14.99 -52.24
C VAL B 880 39.90 15.41 -52.82
N GLU B 881 40.00 15.51 -54.14
CA GLU B 881 41.29 15.82 -54.73
C GLU B 881 41.25 16.85 -55.86
N HIS B 882 42.11 17.85 -55.75
CA HIS B 882 42.33 18.81 -56.82
C HIS B 882 42.55 18.07 -58.15
N TRP B 883 41.73 18.36 -59.16
CA TRP B 883 41.98 17.87 -60.52
C TRP B 883 42.34 19.01 -61.52
N PRO B 884 43.63 19.09 -61.93
CA PRO B 884 44.10 20.06 -62.96
C PRO B 884 43.28 20.05 -64.26
N GLU B 885 43.08 21.24 -64.84
CA GLU B 885 42.20 21.36 -65.99
C GLU B 885 42.89 20.76 -67.19
N GLU B 886 42.19 20.69 -68.32
CA GLU B 886 42.76 20.05 -69.52
C GLU B 886 44.13 20.58 -69.92
N ASP B 887 44.18 21.86 -70.29
CA ASP B 887 45.40 22.53 -70.76
C ASP B 887 46.53 22.53 -69.73
N GLU B 888 46.17 22.64 -68.45
CA GLU B 888 47.14 22.75 -67.36
C GLU B 888 47.85 21.42 -67.07
N CYS B 889 47.38 20.32 -67.66
CA CYS B 889 48.07 19.03 -67.52
C CYS B 889 49.49 19.10 -68.03
N GLN B 890 49.69 19.62 -69.24
CA GLN B 890 51.02 19.81 -69.80
C GLN B 890 51.78 20.85 -68.99
N ASP B 891 52.37 20.42 -67.88
CA ASP B 891 53.14 21.29 -67.02
C ASP B 891 54.08 20.48 -66.15
N GLU B 892 55.35 20.86 -66.16
CA GLU B 892 56.37 20.17 -65.38
C GLU B 892 56.24 20.53 -63.90
N GLU B 893 55.07 20.22 -63.34
CA GLU B 893 54.67 20.56 -61.97
C GLU B 893 53.36 19.87 -61.63
N ASN B 894 52.62 19.50 -62.68
CA ASN B 894 51.34 18.82 -62.58
C ASN B 894 51.32 17.60 -63.50
N GLN B 895 52.52 17.22 -63.95
CA GLN B 895 52.73 16.15 -64.92
C GLN B 895 52.23 14.78 -64.45
N LYS B 896 52.71 14.38 -63.27
CA LYS B 896 52.56 13.02 -62.76
C LYS B 896 51.14 12.73 -62.35
N GLN B 897 50.60 13.62 -61.50
CA GLN B 897 49.23 13.55 -60.98
C GLN B 897 48.17 13.46 -62.09
N CYS B 898 48.34 14.28 -63.13
CA CYS B 898 47.44 14.31 -64.29
C CYS B 898 47.38 12.98 -65.05
N GLN B 899 48.53 12.32 -65.17
CA GLN B 899 48.65 11.06 -65.88
C GLN B 899 47.99 9.96 -65.05
N ASP B 900 48.29 9.95 -63.75
CA ASP B 900 47.77 8.97 -62.81
C ASP B 900 46.24 9.06 -62.63
N LEU B 901 45.73 10.29 -62.53
CA LEU B 901 44.29 10.52 -62.37
C LEU B 901 43.49 10.04 -63.58
N GLY B 902 44.09 10.16 -64.76
CA GLY B 902 43.51 9.69 -66.00
C GLY B 902 44.10 8.35 -66.40
N ALA B 903 44.60 7.63 -65.40
CA ALA B 903 44.95 6.22 -65.54
C ALA B 903 44.00 5.50 -64.63
N PHE B 904 43.78 6.11 -63.47
CA PHE B 904 42.82 5.67 -62.46
C PHE B 904 41.45 5.37 -63.05
N THR B 905 41.01 6.22 -63.97
CA THR B 905 39.67 6.09 -64.55
C THR B 905 39.56 4.89 -65.49
N GLU B 906 40.55 4.72 -66.38
CA GLU B 906 40.53 3.65 -67.37
C GLU B 906 40.43 2.26 -66.71
N SER B 907 41.14 2.10 -65.60
CA SER B 907 41.08 0.87 -64.82
C SER B 907 39.65 0.58 -64.37
N MET B 908 39.00 1.59 -63.78
CA MET B 908 37.65 1.45 -63.25
C MET B 908 36.60 1.27 -64.34
N VAL B 909 36.82 1.91 -65.48
CA VAL B 909 35.87 1.85 -66.59
C VAL B 909 35.82 0.46 -67.24
N VAL B 910 36.91 0.08 -67.91
CA VAL B 910 37.00 -1.19 -68.63
C VAL B 910 36.91 -2.41 -67.70
N PHE B 911 37.56 -2.33 -66.54
CA PHE B 911 37.60 -3.47 -65.62
C PHE B 911 36.51 -3.42 -64.55
N GLY B 912 36.55 -2.39 -63.71
CA GLY B 912 35.76 -2.36 -62.48
C GLY B 912 36.53 -3.18 -61.46
N CYS B 913 36.55 -2.71 -60.21
CA CYS B 913 37.30 -3.35 -59.13
C CYS B 913 37.21 -4.87 -59.24
N PRO B 914 38.33 -5.53 -59.63
CA PRO B 914 38.35 -6.96 -59.97
C PRO B 914 38.10 -7.94 -58.81
N ASN B 915 37.45 -7.46 -57.74
CA ASN B 915 37.04 -8.28 -56.58
C ASN B 915 36.20 -9.51 -56.99
N GLY C 1 18.84 -23.66 39.73
CA GLY C 1 17.56 -23.44 38.99
C GLY C 1 17.76 -23.27 37.50
N ARG C 2 17.62 -22.03 37.01
CA ARG C 2 17.80 -21.69 35.58
C ARG C 2 18.84 -20.58 35.39
N PRO C 3 19.25 -20.30 34.13
CA PRO C 3 20.27 -19.28 33.88
C PRO C 3 19.70 -17.86 33.71
N ILE C 4 20.52 -16.87 34.05
CA ILE C 4 20.20 -15.46 33.82
C ILE C 4 21.46 -14.72 33.38
N LEU C 5 21.28 -13.73 32.50
CA LEU C 5 22.38 -13.05 31.81
C LEU C 5 22.85 -11.85 32.59
N GLU C 6 24.15 -11.79 32.89
CA GLU C 6 24.72 -10.63 33.55
C GLU C 6 25.14 -9.62 32.50
N VAL C 7 24.16 -8.90 31.96
CA VAL C 7 24.41 -7.85 30.95
C VAL C 7 24.09 -6.48 31.55
N PRO C 8 25.07 -5.56 31.51
CA PRO C 8 24.86 -4.21 32.06
C PRO C 8 24.02 -3.35 31.14
N GLU C 9 23.36 -2.35 31.75
CA GLU C 9 22.36 -1.51 31.11
C GLU C 9 23.02 -0.58 30.07
N SER C 10 23.93 0.26 30.53
CA SER C 10 24.56 1.29 29.70
C SER C 10 26.06 1.05 29.67
N VAL C 11 26.62 0.92 28.47
CA VAL C 11 28.07 0.79 28.32
C VAL C 11 28.57 1.89 27.39
N THR C 12 29.55 2.65 27.85
CA THR C 12 30.15 3.72 27.07
C THR C 12 31.52 3.27 26.57
N GLY C 13 31.86 3.70 25.35
CA GLY C 13 33.16 3.40 24.72
C GLY C 13 33.55 4.46 23.71
N PRO C 14 34.86 4.73 23.54
CA PRO C 14 35.28 5.91 22.78
C PRO C 14 35.12 5.79 21.26
N TRP C 15 35.32 6.91 20.56
CA TRP C 15 35.11 7.00 19.11
C TRP C 15 36.28 6.42 18.30
N LYS C 16 35.96 5.52 17.38
CA LYS C 16 36.95 4.78 16.57
C LYS C 16 37.94 3.92 17.40
N GLY C 17 37.44 3.39 18.51
CA GLY C 17 38.18 2.45 19.38
C GLY C 17 37.34 1.21 19.68
N ASP C 18 37.84 0.34 20.56
CA ASP C 18 37.20 -0.95 20.79
C ASP C 18 36.30 -0.92 22.03
N VAL C 19 35.52 -1.97 22.26
CA VAL C 19 34.76 -2.12 23.53
C VAL C 19 34.17 -3.53 23.72
N ASN C 20 33.91 -3.91 24.97
CA ASN C 20 33.34 -5.23 25.31
C ASN C 20 31.92 -5.13 25.88
N LEU C 21 30.89 -5.24 25.02
CA LEU C 21 29.49 -5.27 25.47
C LEU C 21 29.19 -6.57 26.19
N PRO C 22 29.28 -6.59 27.53
CA PRO C 22 29.35 -7.87 28.18
C PRO C 22 28.03 -8.58 28.12
N CYS C 23 28.11 -9.89 28.11
CA CYS C 23 26.95 -10.74 28.19
C CYS C 23 27.49 -12.09 28.58
N THR C 24 27.00 -12.57 29.71
CA THR C 24 27.59 -13.71 30.38
C THR C 24 26.48 -14.53 31.01
N TYR C 25 26.86 -15.68 31.55
CA TYR C 25 25.99 -16.42 32.44
C TYR C 25 26.81 -17.29 33.42
N ASP C 26 26.20 -18.36 33.94
CA ASP C 26 26.92 -19.37 34.66
C ASP C 26 26.35 -20.76 34.32
N PRO C 27 27.05 -21.50 33.44
CA PRO C 27 26.65 -22.83 32.95
C PRO C 27 26.09 -23.79 34.01
N LEU C 28 25.03 -24.52 33.63
CA LEU C 28 24.36 -25.50 34.51
C LEU C 28 24.53 -26.91 33.96
N GLN C 29 24.17 -27.93 34.74
CA GLN C 29 24.56 -29.32 34.43
C GLN C 29 23.66 -30.05 33.44
N GLY C 30 23.91 -29.81 32.15
CA GLY C 30 23.12 -30.36 31.06
C GLY C 30 22.65 -29.30 30.06
N TYR C 31 22.55 -28.06 30.52
CA TYR C 31 22.13 -26.91 29.70
C TYR C 31 23.13 -26.59 28.60
N THR C 32 22.94 -27.24 27.44
CA THR C 32 23.86 -27.13 26.31
C THR C 32 23.41 -26.00 25.36
N GLN C 33 24.29 -25.02 25.19
CA GLN C 33 24.02 -23.81 24.41
C GLN C 33 23.96 -24.13 22.94
N VAL C 34 22.95 -23.59 22.24
CA VAL C 34 22.81 -23.83 20.78
C VAL C 34 22.56 -22.58 19.89
N LEU C 35 22.29 -21.42 20.49
CA LEU C 35 22.18 -20.18 19.71
C LEU C 35 22.42 -18.88 20.51
N VAL C 36 23.45 -18.14 20.08
CA VAL C 36 23.77 -16.80 20.60
C VAL C 36 23.51 -15.72 19.53
N LYS C 37 22.40 -14.99 19.65
CA LYS C 37 22.10 -13.86 18.75
C LYS C 37 22.52 -12.56 19.39
N TRP C 38 23.10 -11.67 18.61
CA TRP C 38 23.17 -10.26 18.96
C TRP C 38 22.23 -9.53 18.00
N LEU C 39 21.24 -8.83 18.57
CA LEU C 39 20.23 -8.14 17.80
C LEU C 39 20.35 -6.64 18.06
N VAL C 40 20.84 -5.90 17.07
CA VAL C 40 20.86 -4.45 17.18
C VAL C 40 19.45 -3.92 16.94
N GLN C 41 19.07 -2.88 17.66
CA GLN C 41 17.73 -2.33 17.56
C GLN C 41 17.80 -0.87 17.12
N ARG C 42 17.85 -0.67 15.79
CA ARG C 42 17.91 0.67 15.17
C ARG C 42 16.54 1.40 15.21
N GLY C 43 15.53 0.80 14.57
CA GLY C 43 14.18 1.37 14.50
C GLY C 43 13.29 1.06 15.71
N SER C 44 12.01 0.80 15.44
CA SER C 44 11.07 0.31 16.48
C SER C 44 10.97 -1.22 16.46
N ASP C 45 11.64 -1.86 15.48
CA ASP C 45 11.76 -3.31 15.40
C ASP C 45 13.24 -3.75 15.48
N PRO C 46 13.50 -4.94 16.04
CA PRO C 46 14.85 -5.46 16.20
C PRO C 46 15.33 -6.28 15.01
N VAL C 47 16.64 -6.34 14.81
CA VAL C 47 17.23 -7.19 13.76
C VAL C 47 18.49 -7.93 14.20
N THR C 48 18.65 -9.14 13.65
CA THR C 48 19.79 -10.00 13.87
C THR C 48 21.06 -9.41 13.27
N ILE C 49 22.14 -9.30 14.06
CA ILE C 49 23.46 -8.91 13.53
C ILE C 49 24.58 -9.92 13.80
N PHE C 50 24.44 -10.75 14.82
CA PHE C 50 25.37 -11.88 14.99
C PHE C 50 24.53 -13.15 15.13
N LEU C 51 25.17 -14.30 14.99
CA LEU C 51 24.49 -15.57 15.10
C LEU C 51 25.53 -16.66 15.31
N ARG C 52 25.26 -17.61 16.19
CA ARG C 52 26.19 -18.70 16.40
C ARG C 52 25.43 -20.01 16.52
N ASP C 53 25.80 -21.00 15.69
CA ASP C 53 25.11 -22.31 15.66
C ASP C 53 26.13 -23.47 15.57
N SER C 54 25.73 -24.60 14.98
CA SER C 54 26.63 -25.74 14.79
C SER C 54 27.86 -25.43 13.91
N SER C 55 27.80 -24.36 13.12
CA SER C 55 28.88 -23.96 12.22
C SER C 55 29.39 -22.52 12.42
N GLY C 56 29.78 -22.19 13.66
CA GLY C 56 30.53 -20.97 13.95
C GLY C 56 29.77 -19.67 13.84
N ASP C 57 30.52 -18.56 13.72
CA ASP C 57 29.96 -17.19 13.67
C ASP C 57 29.31 -16.90 12.32
N HIS C 58 28.40 -15.93 12.28
CA HIS C 58 27.72 -15.56 11.03
C HIS C 58 27.13 -14.14 11.08
N ILE C 59 27.88 -13.17 10.59
CA ILE C 59 27.44 -11.78 10.62
C ILE C 59 26.47 -11.51 9.45
N GLN C 60 25.44 -10.74 9.75
CA GLN C 60 24.28 -10.63 8.87
C GLN C 60 24.00 -9.19 8.40
N GLN C 61 24.81 -8.23 8.81
CA GLN C 61 24.76 -6.90 8.21
C GLN C 61 26.18 -6.47 7.89
N ALA C 62 26.39 -6.00 6.67
CA ALA C 62 27.73 -5.68 6.18
C ALA C 62 28.38 -4.57 6.98
N LYS C 63 27.58 -3.60 7.43
CA LYS C 63 28.11 -2.48 8.18
C LYS C 63 28.80 -2.92 9.47
N TYR C 64 28.82 -4.23 9.74
CA TYR C 64 29.63 -4.80 10.82
C TYR C 64 30.79 -5.66 10.29
N GLN C 65 30.51 -6.55 9.34
CA GLN C 65 31.52 -7.48 8.78
C GLN C 65 32.97 -7.06 9.12
N GLY C 66 33.65 -7.85 9.95
CA GLY C 66 35.07 -7.59 10.28
C GLY C 66 35.35 -6.62 11.43
N ARG C 67 34.30 -6.07 12.03
CA ARG C 67 34.41 -5.24 13.25
C ARG C 67 34.01 -6.02 14.53
N LEU C 68 33.29 -7.12 14.36
CA LEU C 68 32.55 -7.79 15.44
C LEU C 68 33.00 -9.25 15.69
N HIS C 69 33.97 -9.41 16.59
CA HIS C 69 34.47 -10.73 17.00
C HIS C 69 33.90 -11.06 18.41
N VAL C 70 32.81 -11.83 18.49
CA VAL C 70 32.24 -12.21 19.81
C VAL C 70 33.18 -13.16 20.56
N SER C 71 33.21 -13.09 21.89
CA SER C 71 34.24 -13.79 22.71
C SER C 71 33.94 -15.26 23.02
N HIS C 72 34.82 -16.15 22.55
CA HIS C 72 34.46 -17.58 22.34
C HIS C 72 35.14 -18.63 23.24
N LYS C 73 36.39 -18.40 23.64
CA LYS C 73 37.18 -19.39 24.41
C LYS C 73 36.61 -19.72 25.81
N VAL C 74 35.90 -18.78 26.41
CA VAL C 74 35.36 -18.92 27.77
C VAL C 74 33.90 -19.44 27.79
N PRO C 75 33.64 -20.55 28.51
CA PRO C 75 32.27 -20.91 28.87
C PRO C 75 31.53 -19.86 29.71
N GLY C 76 30.29 -19.57 29.33
CA GLY C 76 29.46 -18.63 30.04
C GLY C 76 29.76 -17.19 29.69
N ASP C 77 30.34 -16.98 28.51
CA ASP C 77 30.71 -15.65 28.03
C ASP C 77 30.24 -15.51 26.60
N VAL C 78 29.58 -14.41 26.28
CA VAL C 78 29.20 -14.09 24.91
C VAL C 78 29.39 -12.58 24.66
N SER C 79 30.48 -12.04 25.18
CA SER C 79 30.74 -10.60 25.07
C SER C 79 31.06 -10.17 23.63
N LEU C 80 30.45 -9.05 23.22
CA LEU C 80 30.58 -8.51 21.87
C LEU C 80 31.77 -7.56 21.73
N GLN C 81 32.97 -8.11 21.54
CA GLN C 81 34.12 -7.28 21.14
C GLN C 81 33.69 -6.51 19.88
N LEU C 82 34.26 -5.32 19.65
CA LEU C 82 33.79 -4.46 18.56
C LEU C 82 34.76 -3.29 18.29
N SER C 83 35.46 -3.36 17.16
CA SER C 83 36.56 -2.44 16.81
C SER C 83 36.19 -1.38 15.75
N THR C 84 37.06 -0.38 15.59
CA THR C 84 36.86 0.76 14.67
C THR C 84 35.43 1.31 14.76
N LEU C 85 35.03 1.73 15.97
CA LEU C 85 33.65 2.14 16.26
C LEU C 85 33.22 3.39 15.52
N GLU C 86 31.95 3.41 15.11
CA GLU C 86 31.41 4.49 14.32
C GLU C 86 30.33 5.16 15.16
N MET C 87 29.85 6.29 14.66
CA MET C 87 28.80 7.02 15.33
C MET C 87 27.46 6.33 15.16
N ASP C 88 27.23 5.80 13.96
CA ASP C 88 25.99 5.09 13.68
C ASP C 88 25.92 3.72 14.34
N ASP C 89 26.79 3.47 15.31
CA ASP C 89 26.71 2.27 16.13
C ASP C 89 25.97 2.53 17.43
N ARG C 90 25.61 3.80 17.67
CA ARG C 90 24.81 4.15 18.84
C ARG C 90 23.44 3.47 18.70
N SER C 91 23.08 2.64 19.68
CA SER C 91 21.82 1.90 19.64
C SER C 91 21.64 1.04 20.88
N HIS C 92 20.51 0.36 20.98
CA HIS C 92 20.28 -0.63 22.02
C HIS C 92 20.57 -1.99 21.40
N TYR C 93 21.58 -2.70 21.92
CA TYR C 93 21.90 -4.06 21.47
C TYR C 93 21.34 -5.10 22.43
N THR C 94 20.91 -6.23 21.88
CA THR C 94 20.39 -7.31 22.67
C THR C 94 21.44 -8.39 22.72
N CYS C 95 21.42 -9.15 23.79
CA CYS C 95 22.15 -10.39 23.81
C CYS C 95 21.08 -11.45 24.05
N GLU C 96 21.00 -12.47 23.19
CA GLU C 96 19.97 -13.54 23.28
C GLU C 96 20.64 -14.91 23.20
N VAL C 97 20.54 -15.69 24.25
CA VAL C 97 21.19 -16.99 24.30
C VAL C 97 20.15 -18.09 24.45
N THR C 98 20.25 -19.12 23.61
CA THR C 98 19.35 -20.28 23.64
C THR C 98 20.05 -21.53 24.17
N TRP C 99 19.41 -22.22 25.10
CA TRP C 99 19.93 -23.46 25.64
C TRP C 99 18.98 -24.62 25.32
N GLN C 100 19.54 -25.82 25.15
CA GLN C 100 18.77 -27.06 25.19
C GLN C 100 19.04 -27.71 26.54
N THR C 101 17.99 -28.19 27.21
CA THR C 101 18.12 -28.99 28.43
C THR C 101 18.29 -30.47 28.01
N PRO C 102 18.46 -31.39 28.98
CA PRO C 102 18.47 -32.79 28.55
C PRO C 102 17.15 -33.24 27.88
N ASP C 103 16.03 -32.87 28.51
CA ASP C 103 14.69 -33.39 28.16
C ASP C 103 14.21 -32.94 26.78
N GLY C 104 15.04 -33.13 25.76
CA GLY C 104 14.74 -32.77 24.38
C GLY C 104 13.87 -31.55 24.10
N ASN C 105 13.88 -30.56 24.99
CA ASN C 105 13.13 -29.30 24.79
C ASN C 105 14.07 -28.10 24.97
N GLN C 106 13.54 -26.88 25.06
CA GLN C 106 14.40 -25.68 24.99
C GLN C 106 13.95 -24.46 25.83
N VAL C 107 14.90 -23.58 26.18
CA VAL C 107 14.64 -22.30 26.86
C VAL C 107 15.62 -21.20 26.43
N VAL C 108 15.15 -19.94 26.49
CA VAL C 108 15.88 -18.77 25.94
C VAL C 108 15.89 -17.55 26.86
N ARG C 109 17.07 -17.05 27.22
CA ARG C 109 17.18 -15.79 27.97
C ARG C 109 17.78 -14.74 27.07
N ASP C 110 17.19 -13.55 27.12
CA ASP C 110 17.75 -12.39 26.44
C ASP C 110 17.79 -11.18 27.37
N LYS C 111 18.86 -10.38 27.25
CA LYS C 111 18.91 -9.08 27.91
C LYS C 111 19.39 -8.03 26.94
N ILE C 112 19.14 -6.78 27.32
CA ILE C 112 19.32 -5.62 26.46
C ILE C 112 20.36 -4.68 27.07
N THR C 113 21.08 -3.96 26.21
CA THR C 113 22.21 -3.11 26.62
C THR C 113 22.36 -1.90 25.67
N GLU C 114 22.38 -0.68 26.19
CA GLU C 114 22.62 0.49 25.33
C GLU C 114 24.11 0.73 25.12
N LEU C 115 24.49 0.92 23.87
CA LEU C 115 25.83 1.33 23.52
C LEU C 115 25.77 2.82 23.26
N ARG C 116 26.51 3.58 24.04
CA ARG C 116 26.67 5.04 23.85
C ARG C 116 28.12 5.33 23.42
N VAL C 117 28.31 6.31 22.54
CA VAL C 117 29.64 6.63 22.05
C VAL C 117 30.07 8.05 22.47
N GLN C 118 31.17 8.13 23.21
CA GLN C 118 31.69 9.40 23.77
C GLN C 118 32.74 9.97 22.81
N LYS C 119 33.23 11.18 23.09
CA LYS C 119 34.29 11.83 22.30
C LYS C 119 35.47 12.28 23.16
#